data_2V1R
# 
_entry.id   2V1R 
# 
_audit_conform.dict_name       mmcif_pdbx.dic 
_audit_conform.dict_version    5.399 
_audit_conform.dict_location   http://mmcif.pdb.org/dictionaries/ascii/mmcif_pdbx.dic 
# 
loop_
_database_2.database_id 
_database_2.database_code 
_database_2.pdbx_database_accession 
_database_2.pdbx_DOI 
PDB   2V1R         pdb_00002v1r 10.2210/pdb2v1r/pdb 
PDBE  EBI-32713    ?            ?                   
WWPDB D_1290032713 ?            ?                   
# 
loop_
_pdbx_audit_revision_history.ordinal 
_pdbx_audit_revision_history.data_content_type 
_pdbx_audit_revision_history.major_revision 
_pdbx_audit_revision_history.minor_revision 
_pdbx_audit_revision_history.revision_date 
1 'Structure model' 1 0 2008-06-03 
2 'Structure model' 1 1 2013-08-07 
3 'Structure model' 1 2 2019-07-24 
4 'Structure model' 1 3 2023-12-13 
5 'Structure model' 1 4 2024-11-20 
# 
_pdbx_audit_revision_details.ordinal             1 
_pdbx_audit_revision_details.revision_ordinal    1 
_pdbx_audit_revision_details.data_content_type   'Structure model' 
_pdbx_audit_revision_details.provider            repository 
_pdbx_audit_revision_details.type                'Initial release' 
_pdbx_audit_revision_details.description         ? 
_pdbx_audit_revision_details.details             ? 
# 
loop_
_pdbx_audit_revision_group.ordinal 
_pdbx_audit_revision_group.revision_ordinal 
_pdbx_audit_revision_group.data_content_type 
_pdbx_audit_revision_group.group 
1  2 'Structure model' 'Derived calculations'      
2  2 'Structure model' Other                       
3  2 'Structure model' 'Version format compliance' 
4  3 'Structure model' 'Data collection'           
5  3 'Structure model' 'Derived calculations'      
6  4 'Structure model' 'Data collection'           
7  4 'Structure model' 'Database references'       
8  4 'Structure model' Other                       
9  4 'Structure model' 'Refinement description'    
10 5 'Structure model' 'Structure summary'         
# 
loop_
_pdbx_audit_revision_category.ordinal 
_pdbx_audit_revision_category.revision_ordinal 
_pdbx_audit_revision_category.data_content_type 
_pdbx_audit_revision_category.category 
1 3 'Structure model' diffrn_source                 
2 3 'Structure model' struct_conn                   
3 4 'Structure model' chem_comp_atom                
4 4 'Structure model' chem_comp_bond                
5 4 'Structure model' database_2                    
6 4 'Structure model' pdbx_database_status          
7 4 'Structure model' pdbx_initial_refinement_model 
8 5 'Structure model' pdbx_entry_details            
9 5 'Structure model' pdbx_modification_feature     
# 
loop_
_pdbx_audit_revision_item.ordinal 
_pdbx_audit_revision_item.revision_ordinal 
_pdbx_audit_revision_item.data_content_type 
_pdbx_audit_revision_item.item 
1 3 'Structure model' '_diffrn_source.pdbx_synchrotron_site' 
2 3 'Structure model' '_struct_conn.pdbx_leaving_atom_flag'  
3 4 'Structure model' '_database_2.pdbx_DOI'                 
4 4 'Structure model' '_database_2.pdbx_database_accession'  
5 4 'Structure model' '_pdbx_database_status.status_code_sf' 
# 
_pdbx_database_status.status_code                     REL 
_pdbx_database_status.entry_id                        2V1R 
_pdbx_database_status.deposit_site                    PDBE 
_pdbx_database_status.process_site                    PDBE 
_pdbx_database_status.SG_entry                        . 
_pdbx_database_status.recvd_initial_deposition_date   2007-05-29 
_pdbx_database_status.pdb_format_compatible           Y 
_pdbx_database_status.status_code_sf                  REL 
_pdbx_database_status.status_code_mr                  ? 
_pdbx_database_status.status_code_cs                  ? 
_pdbx_database_status.methods_development_category    ? 
_pdbx_database_status.status_code_nmr_data            ? 
# 
loop_
_pdbx_database_related.db_name 
_pdbx_database_related.db_id 
_pdbx_database_related.content_type 
_pdbx_database_related.details 
PDB 1JQQ unspecified 'CRYSTAL STRUCTURE OF PEX13P(301-386) SH3 DOMAIN'                
PDB 1NM7 unspecified 'SOLUTION STRUCTURE OF THE SCPEX13P SH3 DOMAIN'                  
PDB 1N5Z unspecified 'COMPLEX STRUCTURE OF PEX13P SH3 DOMAIN WITH A PEPTIDE OFPEX14P' 
# 
loop_
_audit_author.name 
_audit_author.pdbx_ordinal 
'Kursula, I.'  1 
'Kursula, P.'  2 
'Lehmann, F.'  3 
'Zou, P.'      4 
'Song, Y.H.'   5 
'Wilmanns, M.' 6 
# 
_citation.id                        primary 
_citation.title                     'Structural Genomics of Yeast SH3 Domains' 
_citation.journal_abbrev            'To be Published' 
_citation.journal_volume            ? 
_citation.page_first                ? 
_citation.page_last                 ? 
_citation.year                      ? 
_citation.journal_id_ASTM           ? 
_citation.country                   ? 
_citation.journal_id_ISSN           ? 
_citation.journal_id_CSD            0353 
_citation.book_publisher            ? 
_citation.pdbx_database_id_PubMed   ? 
_citation.pdbx_database_id_DOI      ? 
# 
loop_
_citation_author.citation_id 
_citation_author.name 
_citation_author.ordinal 
_citation_author.identifier_ORCID 
primary 'Kursula, P.'  1 ? 
primary 'Kursula, I.'  2 ? 
primary 'Pinotsis, N.' 3 ? 
primary 'Lehmann, F.'  4 ? 
primary 'Zou, P.'      5 ? 
primary 'Song, Y.H.'   6 ? 
primary 'Wilmanns, M.' 7 ? 
# 
loop_
_entity.id 
_entity.type 
_entity.src_method 
_entity.pdbx_description 
_entity.formula_weight 
_entity.pdbx_number_of_molecules 
_entity.pdbx_ec 
_entity.pdbx_mutation 
_entity.pdbx_fragment 
_entity.details 
1 polymer man 'PEROXISOMAL MEMBRANE PROTEIN PAS20' 9316.717 2   ? ? 'SH3 DOMAIN, RESIDUES 299-374'               ? 
2 polymer syn PEX14                                1721.952 3   ? ? 'SH3 DOMAIN BINDING SEGMENT, RESIDUES 83-96' ? 
3 water   nat water                                18.015   105 ? ? ?                                            ? 
# 
_entity_name_com.entity_id   1 
_entity_name_com.name        'PEROXIN-13, PEX13' 
# 
loop_
_entity_poly.entity_id 
_entity_poly.type 
_entity_poly.nstd_linkage 
_entity_poly.nstd_monomer 
_entity_poly.pdbx_seq_one_letter_code 
_entity_poly.pdbx_seq_one_letter_code_can 
_entity_poly.pdbx_strand_id 
_entity_poly.pdbx_target_identifier 
1 'polypeptide(L)' no no  ISEFGSEPIDPSKLEFARALYDFVPENPEMEVALKKGDLMAILSKKDPLGRDSDWWKVRTKNGNIGYIPYNYIEIIKRRK 
ISEFGSEPIDPSKLEFARALYDFVPENPEMEVALKKGDLMAILSKKDPLGRDSDWWKVRTKNGNIGYIPYNYIEIIKRRK A,B   ? 
2 'polypeptide(L)' no yes '(ACE)EAMPPTLPHRDWKD'                                                            XEAMPPTLPHRDWKD P,Q,R ? 
# 
_pdbx_entity_nonpoly.entity_id   3 
_pdbx_entity_nonpoly.name        water 
_pdbx_entity_nonpoly.comp_id     HOH 
# 
loop_
_entity_poly_seq.entity_id 
_entity_poly_seq.num 
_entity_poly_seq.mon_id 
_entity_poly_seq.hetero 
1 1  ILE n 
1 2  SER n 
1 3  GLU n 
1 4  PHE n 
1 5  GLY n 
1 6  SER n 
1 7  GLU n 
1 8  PRO n 
1 9  ILE n 
1 10 ASP n 
1 11 PRO n 
1 12 SER n 
1 13 LYS n 
1 14 LEU n 
1 15 GLU n 
1 16 PHE n 
1 17 ALA n 
1 18 ARG n 
1 19 ALA n 
1 20 LEU n 
1 21 TYR n 
1 22 ASP n 
1 23 PHE n 
1 24 VAL n 
1 25 PRO n 
1 26 GLU n 
1 27 ASN n 
1 28 PRO n 
1 29 GLU n 
1 30 MET n 
1 31 GLU n 
1 32 VAL n 
1 33 ALA n 
1 34 LEU n 
1 35 LYS n 
1 36 LYS n 
1 37 GLY n 
1 38 ASP n 
1 39 LEU n 
1 40 MET n 
1 41 ALA n 
1 42 ILE n 
1 43 LEU n 
1 44 SER n 
1 45 LYS n 
1 46 LYS n 
1 47 ASP n 
1 48 PRO n 
1 49 LEU n 
1 50 GLY n 
1 51 ARG n 
1 52 ASP n 
1 53 SER n 
1 54 ASP n 
1 55 TRP n 
1 56 TRP n 
1 57 LYS n 
1 58 VAL n 
1 59 ARG n 
1 60 THR n 
1 61 LYS n 
1 62 ASN n 
1 63 GLY n 
1 64 ASN n 
1 65 ILE n 
1 66 GLY n 
1 67 TYR n 
1 68 ILE n 
1 69 PRO n 
1 70 TYR n 
1 71 ASN n 
1 72 TYR n 
1 73 ILE n 
1 74 GLU n 
1 75 ILE n 
1 76 ILE n 
1 77 LYS n 
1 78 ARG n 
1 79 ARG n 
1 80 LYS n 
2 1  ACE n 
2 2  GLU n 
2 3  ALA n 
2 4  MET n 
2 5  PRO n 
2 6  PRO n 
2 7  THR n 
2 8  LEU n 
2 9  PRO n 
2 10 HIS n 
2 11 ARG n 
2 12 ASP n 
2 13 TRP n 
2 14 LYS n 
2 15 ASP n 
# 
_entity_src_gen.entity_id                          1 
_entity_src_gen.pdbx_src_id                        1 
_entity_src_gen.pdbx_alt_source_flag               sample 
_entity_src_gen.pdbx_seq_type                      ? 
_entity_src_gen.pdbx_beg_seq_num                   ? 
_entity_src_gen.pdbx_end_seq_num                   ? 
_entity_src_gen.gene_src_common_name               
;BAKER'S YEAST
;
_entity_src_gen.gene_src_genus                     ? 
_entity_src_gen.pdbx_gene_src_gene                 ? 
_entity_src_gen.gene_src_species                   ? 
_entity_src_gen.gene_src_strain                    ? 
_entity_src_gen.gene_src_tissue                    ? 
_entity_src_gen.gene_src_tissue_fraction           ? 
_entity_src_gen.gene_src_details                   ? 
_entity_src_gen.pdbx_gene_src_fragment             ? 
_entity_src_gen.pdbx_gene_src_scientific_name      'SACCHAROMYCES CEREVISIAE' 
_entity_src_gen.pdbx_gene_src_ncbi_taxonomy_id     4932 
_entity_src_gen.pdbx_gene_src_variant              ? 
_entity_src_gen.pdbx_gene_src_cell_line            ? 
_entity_src_gen.pdbx_gene_src_atcc                 ? 
_entity_src_gen.pdbx_gene_src_organ                ? 
_entity_src_gen.pdbx_gene_src_organelle            ? 
_entity_src_gen.pdbx_gene_src_cell                 ? 
_entity_src_gen.pdbx_gene_src_cellular_location    ? 
_entity_src_gen.host_org_common_name               ? 
_entity_src_gen.pdbx_host_org_scientific_name      'ESCHERICHIA COLI' 
_entity_src_gen.pdbx_host_org_ncbi_taxonomy_id     469008 
_entity_src_gen.host_org_genus                     ? 
_entity_src_gen.pdbx_host_org_gene                 ? 
_entity_src_gen.pdbx_host_org_organ                ? 
_entity_src_gen.host_org_species                   ? 
_entity_src_gen.pdbx_host_org_tissue               ? 
_entity_src_gen.pdbx_host_org_tissue_fraction      ? 
_entity_src_gen.pdbx_host_org_strain               'BL21(DE3)' 
_entity_src_gen.pdbx_host_org_variant              ? 
_entity_src_gen.pdbx_host_org_cell_line            ? 
_entity_src_gen.pdbx_host_org_atcc                 ? 
_entity_src_gen.pdbx_host_org_culture_collection   ? 
_entity_src_gen.pdbx_host_org_cell                 ? 
_entity_src_gen.pdbx_host_org_organelle            ? 
_entity_src_gen.pdbx_host_org_cellular_location    ? 
_entity_src_gen.pdbx_host_org_vector_type          PLASMID 
_entity_src_gen.pdbx_host_org_vector               PMALC2 
_entity_src_gen.host_org_details                   ? 
_entity_src_gen.expression_system_id               ? 
_entity_src_gen.plasmid_name                       ? 
_entity_src_gen.plasmid_details                    ? 
_entity_src_gen.pdbx_description                   ? 
# 
_pdbx_entity_src_syn.entity_id              2 
_pdbx_entity_src_syn.pdbx_src_id            1 
_pdbx_entity_src_syn.pdbx_alt_source_flag   sample 
_pdbx_entity_src_syn.pdbx_beg_seq_num       ? 
_pdbx_entity_src_syn.pdbx_end_seq_num       ? 
_pdbx_entity_src_syn.organism_scientific    'SACCHAROMYCES CEREVISIAE' 
_pdbx_entity_src_syn.organism_common_name   
;BAKER'S YEAST
;
_pdbx_entity_src_syn.ncbi_taxonomy_id       4932 
_pdbx_entity_src_syn.details                ? 
# 
loop_
_chem_comp.id 
_chem_comp.type 
_chem_comp.mon_nstd_flag 
_chem_comp.name 
_chem_comp.pdbx_synonyms 
_chem_comp.formula 
_chem_comp.formula_weight 
ACE non-polymer         . 'ACETYL GROUP'  ? 'C2 H4 O'        44.053  
ALA 'L-peptide linking' y ALANINE         ? 'C3 H7 N O2'     89.093  
ARG 'L-peptide linking' y ARGININE        ? 'C6 H15 N4 O2 1' 175.209 
ASN 'L-peptide linking' y ASPARAGINE      ? 'C4 H8 N2 O3'    132.118 
ASP 'L-peptide linking' y 'ASPARTIC ACID' ? 'C4 H7 N O4'     133.103 
GLU 'L-peptide linking' y 'GLUTAMIC ACID' ? 'C5 H9 N O4'     147.129 
GLY 'peptide linking'   y GLYCINE         ? 'C2 H5 N O2'     75.067  
HIS 'L-peptide linking' y HISTIDINE       ? 'C6 H10 N3 O2 1' 156.162 
HOH non-polymer         . WATER           ? 'H2 O'           18.015  
ILE 'L-peptide linking' y ISOLEUCINE      ? 'C6 H13 N O2'    131.173 
LEU 'L-peptide linking' y LEUCINE         ? 'C6 H13 N O2'    131.173 
LYS 'L-peptide linking' y LYSINE          ? 'C6 H15 N2 O2 1' 147.195 
MET 'L-peptide linking' y METHIONINE      ? 'C5 H11 N O2 S'  149.211 
PHE 'L-peptide linking' y PHENYLALANINE   ? 'C9 H11 N O2'    165.189 
PRO 'L-peptide linking' y PROLINE         ? 'C5 H9 N O2'     115.130 
SER 'L-peptide linking' y SERINE          ? 'C3 H7 N O3'     105.093 
THR 'L-peptide linking' y THREONINE       ? 'C4 H9 N O3'     119.119 
TRP 'L-peptide linking' y TRYPTOPHAN      ? 'C11 H12 N2 O2'  204.225 
TYR 'L-peptide linking' y TYROSINE        ? 'C9 H11 N O3'    181.189 
VAL 'L-peptide linking' y VALINE          ? 'C5 H11 N O2'    117.146 
# 
loop_
_pdbx_poly_seq_scheme.asym_id 
_pdbx_poly_seq_scheme.entity_id 
_pdbx_poly_seq_scheme.seq_id 
_pdbx_poly_seq_scheme.mon_id 
_pdbx_poly_seq_scheme.ndb_seq_num 
_pdbx_poly_seq_scheme.pdb_seq_num 
_pdbx_poly_seq_scheme.auth_seq_num 
_pdbx_poly_seq_scheme.pdb_mon_id 
_pdbx_poly_seq_scheme.auth_mon_id 
_pdbx_poly_seq_scheme.pdb_strand_id 
_pdbx_poly_seq_scheme.pdb_ins_code 
_pdbx_poly_seq_scheme.hetero 
A 1 1  ILE 1  1  ?  ?   ?   A . n 
A 1 2  SER 2  2  ?  ?   ?   A . n 
A 1 3  GLU 3  3  ?  ?   ?   A . n 
A 1 4  PHE 4  4  ?  ?   ?   A . n 
A 1 5  GLY 5  5  ?  ?   ?   A . n 
A 1 6  SER 6  6  ?  ?   ?   A . n 
A 1 7  GLU 7  7  ?  ?   ?   A . n 
A 1 8  PRO 8  8  ?  ?   ?   A . n 
A 1 9  ILE 9  9  ?  ?   ?   A . n 
A 1 10 ASP 10 10 10 ASP ASP A . n 
A 1 11 PRO 11 11 11 PRO PRO A . n 
A 1 12 SER 12 12 12 SER SER A . n 
A 1 13 LYS 13 13 13 LYS LYS A . n 
A 1 14 LEU 14 14 14 LEU LEU A . n 
A 1 15 GLU 15 15 15 GLU GLU A . n 
A 1 16 PHE 16 16 16 PHE PHE A . n 
A 1 17 ALA 17 17 17 ALA ALA A . n 
A 1 18 ARG 18 18 18 ARG ARG A . n 
A 1 19 ALA 19 19 19 ALA ALA A . n 
A 1 20 LEU 20 20 20 LEU LEU A . n 
A 1 21 TYR 21 21 21 TYR TYR A . n 
A 1 22 ASP 22 22 22 ASP ASP A . n 
A 1 23 PHE 23 23 23 PHE PHE A . n 
A 1 24 VAL 24 24 24 VAL VAL A . n 
A 1 25 PRO 25 25 25 PRO PRO A . n 
A 1 26 GLU 26 26 26 GLU GLU A . n 
A 1 27 ASN 27 27 27 ASN ASN A . n 
A 1 28 PRO 28 28 28 PRO PRO A . n 
A 1 29 GLU 29 29 29 GLU GLU A . n 
A 1 30 MET 30 30 30 MET MET A . n 
A 1 31 GLU 31 31 31 GLU GLU A . n 
A 1 32 VAL 32 32 32 VAL VAL A . n 
A 1 33 ALA 33 33 33 ALA ALA A . n 
A 1 34 LEU 34 34 34 LEU LEU A . n 
A 1 35 LYS 35 35 35 LYS LYS A . n 
A 1 36 LYS 36 36 36 LYS LYS A . n 
A 1 37 GLY 37 37 37 GLY GLY A . n 
A 1 38 ASP 38 38 38 ASP ASP A . n 
A 1 39 LEU 39 39 39 LEU LEU A . n 
A 1 40 MET 40 40 40 MET MET A . n 
A 1 41 ALA 41 41 41 ALA ALA A . n 
A 1 42 ILE 42 42 42 ILE ILE A . n 
A 1 43 LEU 43 43 43 LEU LEU A . n 
A 1 44 SER 44 44 44 SER SER A . n 
A 1 45 LYS 45 45 45 LYS LYS A . n 
A 1 46 LYS 46 46 46 LYS LYS A . n 
A 1 47 ASP 47 47 47 ASP ASP A . n 
A 1 48 PRO 48 48 48 PRO PRO A . n 
A 1 49 LEU 49 49 49 LEU LEU A . n 
A 1 50 GLY 50 50 50 GLY GLY A . n 
A 1 51 ARG 51 51 51 ARG ARG A . n 
A 1 52 ASP 52 52 52 ASP ASP A . n 
A 1 53 SER 53 53 53 SER SER A . n 
A 1 54 ASP 54 54 54 ASP ASP A . n 
A 1 55 TRP 55 55 55 TRP TRP A . n 
A 1 56 TRP 56 56 56 TRP TRP A . n 
A 1 57 LYS 57 57 57 LYS LYS A . n 
A 1 58 VAL 58 58 58 VAL VAL A . n 
A 1 59 ARG 59 59 59 ARG ARG A . n 
A 1 60 THR 60 60 60 THR THR A . n 
A 1 61 LYS 61 61 61 LYS LYS A . n 
A 1 62 ASN 62 62 62 ASN ASN A . n 
A 1 63 GLY 63 63 63 GLY GLY A . n 
A 1 64 ASN 64 64 64 ASN ASN A . n 
A 1 65 ILE 65 65 65 ILE ILE A . n 
A 1 66 GLY 66 66 66 GLY GLY A . n 
A 1 67 TYR 67 67 67 TYR TYR A . n 
A 1 68 ILE 68 68 68 ILE ILE A . n 
A 1 69 PRO 69 69 69 PRO PRO A . n 
A 1 70 TYR 70 70 70 TYR TYR A . n 
A 1 71 ASN 71 71 71 ASN ASN A . n 
A 1 72 TYR 72 72 72 TYR TYR A . n 
A 1 73 ILE 73 73 73 ILE ILE A . n 
A 1 74 GLU 74 74 74 GLU GLU A . n 
A 1 75 ILE 75 75 75 ILE ILE A . n 
A 1 76 ILE 76 76 76 ILE ILE A . n 
A 1 77 LYS 77 77 ?  ?   ?   A . n 
A 1 78 ARG 78 78 ?  ?   ?   A . n 
A 1 79 ARG 79 79 ?  ?   ?   A . n 
A 1 80 LYS 80 80 ?  ?   ?   A . n 
B 1 1  ILE 1  1  ?  ?   ?   B . n 
B 1 2  SER 2  2  ?  ?   ?   B . n 
B 1 3  GLU 3  3  ?  ?   ?   B . n 
B 1 4  PHE 4  4  ?  ?   ?   B . n 
B 1 5  GLY 5  5  ?  ?   ?   B . n 
B 1 6  SER 6  6  ?  ?   ?   B . n 
B 1 7  GLU 7  7  ?  ?   ?   B . n 
B 1 8  PRO 8  8  ?  ?   ?   B . n 
B 1 9  ILE 9  9  ?  ?   ?   B . n 
B 1 10 ASP 10 10 10 ASP ASP B . n 
B 1 11 PRO 11 11 11 PRO PRO B . n 
B 1 12 SER 12 12 12 SER SER B . n 
B 1 13 LYS 13 13 13 LYS LYS B . n 
B 1 14 LEU 14 14 14 LEU LEU B . n 
B 1 15 GLU 15 15 15 GLU GLU B . n 
B 1 16 PHE 16 16 16 PHE PHE B . n 
B 1 17 ALA 17 17 17 ALA ALA B . n 
B 1 18 ARG 18 18 18 ARG ARG B . n 
B 1 19 ALA 19 19 19 ALA ALA B . n 
B 1 20 LEU 20 20 20 LEU LEU B . n 
B 1 21 TYR 21 21 21 TYR TYR B . n 
B 1 22 ASP 22 22 22 ASP ASP B . n 
B 1 23 PHE 23 23 23 PHE PHE B . n 
B 1 24 VAL 24 24 24 VAL VAL B . n 
B 1 25 PRO 25 25 25 PRO PRO B . n 
B 1 26 GLU 26 26 26 GLU GLU B . n 
B 1 27 ASN 27 27 27 ASN ASN B . n 
B 1 28 PRO 28 28 28 PRO PRO B . n 
B 1 29 GLU 29 29 29 GLU GLU B . n 
B 1 30 MET 30 30 30 MET MET B . n 
B 1 31 GLU 31 31 31 GLU GLU B . n 
B 1 32 VAL 32 32 32 VAL VAL B . n 
B 1 33 ALA 33 33 33 ALA ALA B . n 
B 1 34 LEU 34 34 34 LEU LEU B . n 
B 1 35 LYS 35 35 35 LYS LYS B . n 
B 1 36 LYS 36 36 36 LYS LYS B . n 
B 1 37 GLY 37 37 37 GLY GLY B . n 
B 1 38 ASP 38 38 38 ASP ASP B . n 
B 1 39 LEU 39 39 39 LEU LEU B . n 
B 1 40 MET 40 40 40 MET MET B . n 
B 1 41 ALA 41 41 41 ALA ALA B . n 
B 1 42 ILE 42 42 42 ILE ILE B . n 
B 1 43 LEU 43 43 43 LEU LEU B . n 
B 1 44 SER 44 44 44 SER SER B . n 
B 1 45 LYS 45 45 45 LYS LYS B . n 
B 1 46 LYS 46 46 46 LYS LYS B . n 
B 1 47 ASP 47 47 47 ASP ASP B . n 
B 1 48 PRO 48 48 48 PRO PRO B . n 
B 1 49 LEU 49 49 49 LEU LEU B . n 
B 1 50 GLY 50 50 50 GLY GLY B . n 
B 1 51 ARG 51 51 51 ARG ARG B . n 
B 1 52 ASP 52 52 52 ASP ASP B . n 
B 1 53 SER 53 53 53 SER SER B . n 
B 1 54 ASP 54 54 54 ASP ASP B . n 
B 1 55 TRP 55 55 55 TRP TRP B . n 
B 1 56 TRP 56 56 56 TRP TRP B . n 
B 1 57 LYS 57 57 57 LYS LYS B . n 
B 1 58 VAL 58 58 58 VAL VAL B . n 
B 1 59 ARG 59 59 59 ARG ARG B . n 
B 1 60 THR 60 60 60 THR THR B . n 
B 1 61 LYS 61 61 61 LYS LYS B . n 
B 1 62 ASN 62 62 62 ASN ASN B . n 
B 1 63 GLY 63 63 63 GLY GLY B . n 
B 1 64 ASN 64 64 64 ASN ASN B . n 
B 1 65 ILE 65 65 65 ILE ILE B . n 
B 1 66 GLY 66 66 66 GLY GLY B . n 
B 1 67 TYR 67 67 67 TYR TYR B . n 
B 1 68 ILE 68 68 68 ILE ILE B . n 
B 1 69 PRO 69 69 69 PRO PRO B . n 
B 1 70 TYR 70 70 70 TYR TYR B . n 
B 1 71 ASN 71 71 71 ASN ASN B . n 
B 1 72 TYR 72 72 72 TYR TYR B . n 
B 1 73 ILE 73 73 73 ILE ILE B . n 
B 1 74 GLU 74 74 74 GLU GLU B . n 
B 1 75 ILE 75 75 75 ILE ILE B . n 
B 1 76 ILE 76 76 76 ILE ILE B . n 
B 1 77 LYS 77 77 77 LYS LYS B . n 
B 1 78 ARG 78 78 ?  ?   ?   B . n 
B 1 79 ARG 79 79 ?  ?   ?   B . n 
B 1 80 LYS 80 80 ?  ?   ?   B . n 
C 2 1  ACE 1  2  2  ACE ACE P . n 
C 2 2  GLU 2  3  3  GLU GLU P . n 
C 2 3  ALA 3  4  4  ALA ALA P . n 
C 2 4  MET 4  5  5  MET MET P . n 
C 2 5  PRO 5  6  6  PRO PRO P . n 
C 2 6  PRO 6  7  7  PRO PRO P . n 
C 2 7  THR 7  8  8  THR THR P . n 
C 2 8  LEU 8  9  9  LEU LEU P . n 
C 2 9  PRO 9  10 10 PRO PRO P . n 
C 2 10 HIS 10 11 ?  ?   ?   P . n 
C 2 11 ARG 11 12 ?  ?   ?   P . n 
C 2 12 ASP 12 13 ?  ?   ?   P . n 
C 2 13 TRP 13 14 ?  ?   ?   P . n 
C 2 14 LYS 14 15 ?  ?   ?   P . n 
C 2 15 ASP 15 16 ?  ?   ?   P . n 
D 2 1  ACE 1  2  2  ACE ACE Q . n 
D 2 2  GLU 2  3  3  GLU GLU Q . n 
D 2 3  ALA 3  4  4  ALA ALA Q . n 
D 2 4  MET 4  5  5  MET MET Q . n 
D 2 5  PRO 5  6  6  PRO PRO Q . n 
D 2 6  PRO 6  7  7  PRO PRO Q . n 
D 2 7  THR 7  8  8  THR THR Q . n 
D 2 8  LEU 8  9  9  LEU LEU Q . n 
D 2 9  PRO 9  10 10 PRO PRO Q . n 
D 2 10 HIS 10 11 ?  ?   ?   Q . n 
D 2 11 ARG 11 12 ?  ?   ?   Q . n 
D 2 12 ASP 12 13 ?  ?   ?   Q . n 
D 2 13 TRP 13 14 ?  ?   ?   Q . n 
D 2 14 LYS 14 15 ?  ?   ?   Q . n 
D 2 15 ASP 15 16 ?  ?   ?   Q . n 
E 2 1  ACE 1  0  ?  ?   ?   R . n 
E 2 2  GLU 2  1  ?  ?   ?   R . n 
E 2 3  ALA 3  2  ?  ?   ?   R . n 
E 2 4  MET 4  3  3  MET MET R . n 
E 2 5  PRO 5  4  4  PRO PRO R . n 
E 2 6  PRO 6  5  5  PRO PRO R . n 
E 2 7  THR 7  6  6  THR THR R . n 
E 2 8  LEU 8  7  7  LEU LEU R . n 
E 2 9  PRO 9  8  ?  ?   ?   R . n 
E 2 10 HIS 10 9  ?  ?   ?   R . n 
E 2 11 ARG 11 10 ?  ?   ?   R . n 
E 2 12 ASP 12 11 ?  ?   ?   R . n 
E 2 13 TRP 13 12 ?  ?   ?   R . n 
E 2 14 LYS 14 13 ?  ?   ?   R . n 
E 2 15 ASP 15 14 ?  ?   ?   R . n 
# 
loop_
_pdbx_nonpoly_scheme.asym_id 
_pdbx_nonpoly_scheme.entity_id 
_pdbx_nonpoly_scheme.mon_id 
_pdbx_nonpoly_scheme.ndb_seq_num 
_pdbx_nonpoly_scheme.pdb_seq_num 
_pdbx_nonpoly_scheme.auth_seq_num 
_pdbx_nonpoly_scheme.pdb_mon_id 
_pdbx_nonpoly_scheme.auth_mon_id 
_pdbx_nonpoly_scheme.pdb_strand_id 
_pdbx_nonpoly_scheme.pdb_ins_code 
F 3 HOH 1  2001 2001 HOH HOH A . 
F 3 HOH 2  2002 2002 HOH HOH A . 
F 3 HOH 3  2003 2003 HOH HOH A . 
F 3 HOH 4  2004 2004 HOH HOH A . 
F 3 HOH 5  2005 2005 HOH HOH A . 
F 3 HOH 6  2006 2006 HOH HOH A . 
F 3 HOH 7  2007 2007 HOH HOH A . 
F 3 HOH 8  2008 2008 HOH HOH A . 
F 3 HOH 9  2009 2009 HOH HOH A . 
F 3 HOH 10 2010 2010 HOH HOH A . 
F 3 HOH 11 2011 2011 HOH HOH A . 
F 3 HOH 12 2012 2012 HOH HOH A . 
F 3 HOH 13 2013 2013 HOH HOH A . 
F 3 HOH 14 2014 2014 HOH HOH A . 
F 3 HOH 15 2015 2015 HOH HOH A . 
F 3 HOH 16 2016 2016 HOH HOH A . 
F 3 HOH 17 2017 2017 HOH HOH A . 
F 3 HOH 18 2018 2018 HOH HOH A . 
F 3 HOH 19 2019 2019 HOH HOH A . 
F 3 HOH 20 2020 2020 HOH HOH A . 
F 3 HOH 21 2021 2021 HOH HOH A . 
F 3 HOH 22 2022 2022 HOH HOH A . 
F 3 HOH 23 2023 2023 HOH HOH A . 
F 3 HOH 24 2024 2024 HOH HOH A . 
F 3 HOH 25 2025 2025 HOH HOH A . 
F 3 HOH 26 2026 2026 HOH HOH A . 
F 3 HOH 27 2027 2027 HOH HOH A . 
F 3 HOH 28 2028 2028 HOH HOH A . 
F 3 HOH 29 2029 2029 HOH HOH A . 
F 3 HOH 30 2030 2030 HOH HOH A . 
F 3 HOH 31 2031 2031 HOH HOH A . 
F 3 HOH 32 2032 2032 HOH HOH A . 
F 3 HOH 33 2033 2033 HOH HOH A . 
F 3 HOH 34 2034 2034 HOH HOH A . 
F 3 HOH 35 2035 2035 HOH HOH A . 
F 3 HOH 36 2036 2036 HOH HOH A . 
F 3 HOH 37 2037 2037 HOH HOH A . 
F 3 HOH 38 2038 2038 HOH HOH A . 
F 3 HOH 39 2039 2039 HOH HOH A . 
F 3 HOH 40 2040 2040 HOH HOH A . 
F 3 HOH 41 2041 2041 HOH HOH A . 
F 3 HOH 42 2042 2042 HOH HOH A . 
F 3 HOH 43 2043 2043 HOH HOH A . 
F 3 HOH 44 2044 2044 HOH HOH A . 
F 3 HOH 45 2045 2045 HOH HOH A . 
F 3 HOH 46 2046 2046 HOH HOH A . 
F 3 HOH 47 2047 2047 HOH HOH A . 
F 3 HOH 48 2048 2048 HOH HOH A . 
F 3 HOH 49 2049 2049 HOH HOH A . 
F 3 HOH 50 2050 2050 HOH HOH A . 
F 3 HOH 51 2051 2051 HOH HOH A . 
F 3 HOH 52 2052 2052 HOH HOH A . 
F 3 HOH 53 2053 2053 HOH HOH A . 
F 3 HOH 54 2054 2054 HOH HOH A . 
F 3 HOH 55 2055 2055 HOH HOH A . 
G 3 HOH 1  2001 2001 HOH HOH B . 
G 3 HOH 2  2002 2002 HOH HOH B . 
G 3 HOH 3  2003 2003 HOH HOH B . 
G 3 HOH 4  2004 2004 HOH HOH B . 
G 3 HOH 5  2005 2005 HOH HOH B . 
G 3 HOH 6  2006 2006 HOH HOH B . 
G 3 HOH 7  2007 2007 HOH HOH B . 
G 3 HOH 8  2008 2008 HOH HOH B . 
G 3 HOH 9  2009 2009 HOH HOH B . 
G 3 HOH 10 2010 2010 HOH HOH B . 
G 3 HOH 11 2011 2011 HOH HOH B . 
G 3 HOH 12 2012 2012 HOH HOH B . 
G 3 HOH 13 2013 2013 HOH HOH B . 
G 3 HOH 14 2014 2014 HOH HOH B . 
G 3 HOH 15 2015 2015 HOH HOH B . 
G 3 HOH 16 2016 2016 HOH HOH B . 
G 3 HOH 17 2017 2017 HOH HOH B . 
G 3 HOH 18 2018 2018 HOH HOH B . 
G 3 HOH 19 2019 2019 HOH HOH B . 
G 3 HOH 20 2020 2020 HOH HOH B . 
G 3 HOH 21 2021 2021 HOH HOH B . 
G 3 HOH 22 2022 2022 HOH HOH B . 
G 3 HOH 23 2023 2023 HOH HOH B . 
G 3 HOH 24 2024 2024 HOH HOH B . 
G 3 HOH 25 2025 2025 HOH HOH B . 
G 3 HOH 26 2026 2026 HOH HOH B . 
G 3 HOH 27 2027 2027 HOH HOH B . 
G 3 HOH 28 2028 2028 HOH HOH B . 
G 3 HOH 29 2029 2029 HOH HOH B . 
G 3 HOH 30 2030 2030 HOH HOH B . 
G 3 HOH 31 2031 2031 HOH HOH B . 
G 3 HOH 32 2032 2032 HOH HOH B . 
G 3 HOH 33 2033 2033 HOH HOH B . 
G 3 HOH 34 2034 2034 HOH HOH B . 
G 3 HOH 35 2035 2035 HOH HOH B . 
G 3 HOH 36 2036 2036 HOH HOH B . 
G 3 HOH 37 2037 2037 HOH HOH B . 
G 3 HOH 38 2038 2038 HOH HOH B . 
G 3 HOH 39 2039 2039 HOH HOH B . 
G 3 HOH 40 2040 2040 HOH HOH B . 
G 3 HOH 41 2041 2041 HOH HOH B . 
G 3 HOH 42 2042 2042 HOH HOH B . 
G 3 HOH 43 2043 2043 HOH HOH B . 
G 3 HOH 44 2044 2044 HOH HOH B . 
G 3 HOH 45 2045 2045 HOH HOH B . 
H 3 HOH 1  2001 2001 HOH HOH P . 
H 3 HOH 2  2002 2002 HOH HOH P . 
I 3 HOH 1  2001 2001 HOH HOH Q . 
I 3 HOH 2  2002 2002 HOH HOH Q . 
I 3 HOH 3  2003 2003 HOH HOH Q . 
# 
loop_
_software.name 
_software.classification 
_software.version 
_software.citation_id 
_software.pdbx_ordinal 
PHENIX refinement       . ? 1 
XDS    'data reduction' . ? 2 
XSCALE 'data scaling'   . ? 3 
MOLREP phasing          . ? 4 
PHENIX refinement       . ? 5 
# 
_cell.entry_id           2V1R 
_cell.length_a           36.440 
_cell.length_b           39.090 
_cell.length_c           39.140 
_cell.angle_alpha        86.85 
_cell.angle_beta         65.46 
_cell.angle_gamma        62.04 
_cell.Z_PDB              3 
_cell.pdbx_unique_axis   ? 
# 
_symmetry.entry_id                         2V1R 
_symmetry.space_group_name_H-M             'P 1' 
_symmetry.pdbx_full_space_group_name_H-M   ? 
_symmetry.cell_setting                     ? 
_symmetry.Int_Tables_number                1 
# 
_exptl.entry_id          2V1R 
_exptl.method            'X-RAY DIFFRACTION' 
_exptl.crystals_number   1 
# 
_exptl_crystal.id                    1 
_exptl_crystal.density_meas          ? 
_exptl_crystal.density_Matthews      2.30 
_exptl_crystal.density_percent_sol   46.14 
_exptl_crystal.description           NONE 
# 
_diffrn.id                     1 
_diffrn.ambient_temp           100 
_diffrn.ambient_temp_details   ? 
_diffrn.crystal_id             1 
# 
_diffrn_detector.diffrn_id              1 
_diffrn_detector.detector               CCD 
_diffrn_detector.type                   MARRESEARCH 
_diffrn_detector.pdbx_collection_date   ? 
_diffrn_detector.details                ? 
# 
_diffrn_radiation.diffrn_id                        1 
_diffrn_radiation.wavelength_id                    1 
_diffrn_radiation.pdbx_monochromatic_or_laue_m_l   M 
_diffrn_radiation.monochromator                    ? 
_diffrn_radiation.pdbx_diffrn_protocol             'SINGLE WAVELENGTH' 
_diffrn_radiation.pdbx_scattering_type             x-ray 
# 
_diffrn_radiation_wavelength.id           1 
_diffrn_radiation_wavelength.wavelength   0.81 
_diffrn_radiation_wavelength.wt           1.0 
# 
_diffrn_source.diffrn_id                   1 
_diffrn_source.source                      SYNCHROTRON 
_diffrn_source.type                        'EMBL/DESY, HAMBURG BEAMLINE X11' 
_diffrn_source.pdbx_synchrotron_site       'EMBL/DESY, HAMBURG' 
_diffrn_source.pdbx_synchrotron_beamline   X11 
_diffrn_source.pdbx_wavelength             0.81 
_diffrn_source.pdbx_wavelength_list        ? 
# 
_reflns.pdbx_diffrn_id               1 
_reflns.pdbx_ordinal                 1 
_reflns.entry_id                     2V1R 
_reflns.observed_criterion_sigma_I   -3.0 
_reflns.observed_criterion_sigma_F   ? 
_reflns.d_resolution_low             20.00 
_reflns.d_resolution_high            2.11 
_reflns.number_obs                   9925 
_reflns.number_all                   ? 
_reflns.percent_possible_obs         93.7 
_reflns.pdbx_Rmerge_I_obs            0.06 
_reflns.pdbx_Rsym_value              ? 
_reflns.pdbx_netI_over_sigmaI        9.50 
_reflns.B_iso_Wilson_estimate        ? 
_reflns.pdbx_redundancy              2.0 
# 
_reflns_shell.pdbx_diffrn_id         1 
_reflns_shell.pdbx_ordinal           1 
_reflns_shell.d_res_high             2.11 
_reflns_shell.d_res_low              2.25 
_reflns_shell.percent_possible_all   87.0 
_reflns_shell.Rmerge_I_obs           0.39 
_reflns_shell.pdbx_Rsym_value        ? 
_reflns_shell.meanI_over_sigI_obs    2.60 
_reflns_shell.pdbx_redundancy        1.7 
# 
_refine.pdbx_refine_id                           'X-RAY DIFFRACTION' 
_refine.entry_id                                 2V1R 
_refine.pdbx_diffrn_id                           1 
_refine.pdbx_TLS_residual_ADP_flag               ? 
_refine.ls_number_reflns_obs                     9268 
_refine.ls_number_reflns_all                     ? 
_refine.pdbx_ls_sigma_I                          ? 
_refine.pdbx_ls_sigma_F                          ? 
_refine.pdbx_data_cutoff_high_absF               ? 
_refine.pdbx_data_cutoff_low_absF                ? 
_refine.pdbx_data_cutoff_high_rms_absF           ? 
_refine.ls_d_res_low                             20 
_refine.ls_d_res_high                            2.1 
_refine.ls_percent_reflns_obs                    93.6 
_refine.ls_R_factor_obs                          ? 
_refine.ls_R_factor_all                          ? 
_refine.ls_R_factor_R_work                       0.1912 
_refine.ls_R_factor_R_free                       0.2286 
_refine.ls_R_factor_R_free_error                 ? 
_refine.ls_R_factor_R_free_error_details         ? 
_refine.ls_percent_reflns_R_free                 5.0 
_refine.ls_number_reflns_R_free                  463 
_refine.ls_number_parameters                     ? 
_refine.ls_number_restraints                     ? 
_refine.occupancy_min                            ? 
_refine.occupancy_max                            ? 
_refine.correlation_coeff_Fo_to_Fc               ? 
_refine.correlation_coeff_Fo_to_Fc_free          ? 
_refine.B_iso_mean                               ? 
_refine.aniso_B[1][1]                            ? 
_refine.aniso_B[2][2]                            ? 
_refine.aniso_B[3][3]                            ? 
_refine.aniso_B[1][2]                            ? 
_refine.aniso_B[1][3]                            ? 
_refine.aniso_B[2][3]                            ? 
_refine.solvent_model_details                    ? 
_refine.solvent_model_param_ksol                 ? 
_refine.solvent_model_param_bsol                 ? 
_refine.pdbx_solvent_vdw_probe_radii             ? 
_refine.pdbx_solvent_ion_probe_radii             ? 
_refine.pdbx_solvent_shrinkage_radii             ? 
_refine.pdbx_ls_cross_valid_method               ? 
_refine.details                                  ? 
_refine.pdbx_starting_model                      'PDB ENTRY 1N5Z' 
_refine.pdbx_method_to_determine_struct          'MOLECULAR REPLACEMENT' 
_refine.pdbx_isotropic_thermal_model             ? 
_refine.pdbx_stereochemistry_target_values       ? 
_refine.pdbx_stereochem_target_val_spec_case     ? 
_refine.pdbx_R_Free_selection_details            ? 
_refine.pdbx_overall_ESU_R                       ? 
_refine.pdbx_overall_ESU_R_Free                  ? 
_refine.overall_SU_ML                            ? 
_refine.pdbx_overall_phase_error                 ? 
_refine.overall_SU_B                             ? 
_refine.overall_SU_R_Cruickshank_DPI             ? 
_refine.pdbx_overall_SU_R_free_Cruickshank_DPI   ? 
_refine.pdbx_overall_SU_R_Blow_DPI               ? 
_refine.pdbx_overall_SU_R_free_Blow_DPI          ? 
# 
_refine_hist.pdbx_refine_id                   'X-RAY DIFFRACTION' 
_refine_hist.cycle_id                         LAST 
_refine_hist.pdbx_number_atoms_protein        1264 
_refine_hist.pdbx_number_atoms_nucleic_acid   0 
_refine_hist.pdbx_number_atoms_ligand         0 
_refine_hist.number_atoms_solvent             105 
_refine_hist.number_atoms_total               1369 
_refine_hist.d_res_high                       2.1 
_refine_hist.d_res_low                        20 
# 
_struct.entry_id                  2V1R 
_struct.title                     'Yeast Pex13 SH3 domain complexed with a peptide from Pex14 at 2.1 A resolution' 
_struct.pdbx_model_details        ? 
_struct.pdbx_CASP_flag            ? 
_struct.pdbx_model_type_details   ? 
# 
_struct_keywords.entry_id        2V1R 
_struct_keywords.pdbx_keywords   'PROTEIN TRANSPORT' 
_struct_keywords.text            
'PROTEIN TRANSPORT, TRANSLOCATION, TRANSMEMBRANE, PEPTIDE COMPLEX, STRUCTURAL GENOMICS, PEROXISOME' 
# 
loop_
_struct_asym.id 
_struct_asym.pdbx_blank_PDB_chainid_flag 
_struct_asym.pdbx_modified 
_struct_asym.entity_id 
_struct_asym.details 
A N N 1 ? 
B N N 1 ? 
C N N 2 ? 
D N N 2 ? 
E N N 2 ? 
F N N 3 ? 
G N N 3 ? 
H N N 3 ? 
I N N 3 ? 
# 
loop_
_struct_ref.id 
_struct_ref.db_name 
_struct_ref.db_code 
_struct_ref.entity_id 
_struct_ref.pdbx_seq_one_letter_code 
_struct_ref.pdbx_align_begin 
_struct_ref.pdbx_db_accession 
_struct_ref.pdbx_db_isoform 
1 UNP PEX13_YEAST 1 ? ? P80667 ? 
2 PDB 2V1R        2 ? ? 2V1R   ? 
3 UNP PEX14_YEAST 2 ? ? P53112 ? 
# 
loop_
_struct_ref_seq.align_id 
_struct_ref_seq.ref_id 
_struct_ref_seq.pdbx_PDB_id_code 
_struct_ref_seq.pdbx_strand_id 
_struct_ref_seq.seq_align_beg 
_struct_ref_seq.pdbx_seq_align_beg_ins_code 
_struct_ref_seq.seq_align_end 
_struct_ref_seq.pdbx_seq_align_end_ins_code 
_struct_ref_seq.pdbx_db_accession 
_struct_ref_seq.db_align_beg 
_struct_ref_seq.pdbx_db_align_beg_ins_code 
_struct_ref_seq.db_align_end 
_struct_ref_seq.pdbx_db_align_end_ins_code 
_struct_ref_seq.pdbx_auth_seq_align_beg 
_struct_ref_seq.pdbx_auth_seq_align_end 
1 1 2V1R A 5 ? 80 ? P80667 299 ? 374 ? 5 80 
2 1 2V1R B 5 ? 80 ? P80667 299 ? 374 ? 5 80 
3 2 2V1R P 1 ? 1  ? 2V1R   2   ? 2   ? 2 2  
4 3 2V1R P 2 ? 15 ? P53112 83  ? 96  ? 3 16 
5 2 2V1R Q 1 ? 1  ? 2V1R   2   ? 2   ? 2 2  
6 3 2V1R Q 2 ? 15 ? P53112 83  ? 96  ? 3 16 
7 2 2V1R R 1 ? 1  ? 2V1R   0   ? 0   ? 0 0  
8 3 2V1R R 2 ? 15 ? P53112 83  ? 96  ? 1 14 
# 
loop_
_struct_ref_seq_dif.align_id 
_struct_ref_seq_dif.pdbx_pdb_id_code 
_struct_ref_seq_dif.mon_id 
_struct_ref_seq_dif.pdbx_pdb_strand_id 
_struct_ref_seq_dif.seq_num 
_struct_ref_seq_dif.pdbx_pdb_ins_code 
_struct_ref_seq_dif.pdbx_seq_db_name 
_struct_ref_seq_dif.pdbx_seq_db_accession_code 
_struct_ref_seq_dif.db_mon_id 
_struct_ref_seq_dif.pdbx_seq_db_seq_num 
_struct_ref_seq_dif.details 
_struct_ref_seq_dif.pdbx_auth_seq_num 
_struct_ref_seq_dif.pdbx_ordinal 
1 2V1R ILE A 1 ? UNP P80667 ? ? 'expression tag' 1 1 
1 2V1R SER A 2 ? UNP P80667 ? ? 'expression tag' 2 2 
1 2V1R GLU A 3 ? UNP P80667 ? ? 'expression tag' 3 3 
1 2V1R PHE A 4 ? UNP P80667 ? ? 'expression tag' 4 4 
2 2V1R ILE B 1 ? UNP P80667 ? ? 'expression tag' 1 5 
2 2V1R SER B 2 ? UNP P80667 ? ? 'expression tag' 2 6 
2 2V1R GLU B 3 ? UNP P80667 ? ? 'expression tag' 3 7 
2 2V1R PHE B 4 ? UNP P80667 ? ? 'expression tag' 4 8 
# 
loop_
_pdbx_struct_assembly.id 
_pdbx_struct_assembly.details 
_pdbx_struct_assembly.method_details 
_pdbx_struct_assembly.oligomeric_details 
_pdbx_struct_assembly.oligomeric_count 
1 author_and_software_defined_assembly PISA trimeric 3 
2 author_and_software_defined_assembly PISA dimeric  2 
# 
loop_
_pdbx_struct_assembly_prop.biol_id 
_pdbx_struct_assembly_prop.type 
_pdbx_struct_assembly_prop.value 
_pdbx_struct_assembly_prop.details 
1 'ABSA (A^2)' 2110 ? 
1 MORE         -7.6 ? 
1 'SSA (A^2)'  7070 ? 
2 'ABSA (A^2)' 680  ? 
2 MORE         -3.6 ? 
2 'SSA (A^2)'  6530 ? 
# 
loop_
_pdbx_struct_assembly_gen.assembly_id 
_pdbx_struct_assembly_gen.oper_expression 
_pdbx_struct_assembly_gen.asym_id_list 
1 1 A,D,E,F,I 
2 1 B,C,G,H   
# 
_pdbx_struct_oper_list.id                   1 
_pdbx_struct_oper_list.type                 'identity operation' 
_pdbx_struct_oper_list.name                 1_555 
_pdbx_struct_oper_list.symmetry_operation   x,y,z 
_pdbx_struct_oper_list.matrix[1][1]         1.0000000000 
_pdbx_struct_oper_list.matrix[1][2]         0.0000000000 
_pdbx_struct_oper_list.matrix[1][3]         0.0000000000 
_pdbx_struct_oper_list.vector[1]            0.0000000000 
_pdbx_struct_oper_list.matrix[2][1]         0.0000000000 
_pdbx_struct_oper_list.matrix[2][2]         1.0000000000 
_pdbx_struct_oper_list.matrix[2][3]         0.0000000000 
_pdbx_struct_oper_list.vector[2]            0.0000000000 
_pdbx_struct_oper_list.matrix[3][1]         0.0000000000 
_pdbx_struct_oper_list.matrix[3][2]         0.0000000000 
_pdbx_struct_oper_list.matrix[3][3]         1.0000000000 
_pdbx_struct_oper_list.vector[3]            0.0000000000 
# 
_struct_biol.id   1 
# 
loop_
_struct_conf.conf_type_id 
_struct_conf.id 
_struct_conf.pdbx_PDB_helix_id 
_struct_conf.beg_label_comp_id 
_struct_conf.beg_label_asym_id 
_struct_conf.beg_label_seq_id 
_struct_conf.pdbx_beg_PDB_ins_code 
_struct_conf.end_label_comp_id 
_struct_conf.end_label_asym_id 
_struct_conf.end_label_seq_id 
_struct_conf.pdbx_end_PDB_ins_code 
_struct_conf.beg_auth_comp_id 
_struct_conf.beg_auth_asym_id 
_struct_conf.beg_auth_seq_id 
_struct_conf.end_auth_comp_id 
_struct_conf.end_auth_asym_id 
_struct_conf.end_auth_seq_id 
_struct_conf.pdbx_PDB_helix_class 
_struct_conf.details 
_struct_conf.pdbx_PDB_helix_length 
HELX_P HELX_P1 1 ASP A 10 ? LEU A 14 ? ASP A 10 LEU A 14 5 ? 5 
HELX_P HELX_P2 2 ASP B 10 ? LEU B 14 ? ASP B 10 LEU B 14 5 ? 5 
# 
_struct_conf_type.id          HELX_P 
_struct_conf_type.criteria    ? 
_struct_conf_type.reference   ? 
# 
loop_
_struct_conn.id 
_struct_conn.conn_type_id 
_struct_conn.pdbx_leaving_atom_flag 
_struct_conn.pdbx_PDB_id 
_struct_conn.ptnr1_label_asym_id 
_struct_conn.ptnr1_label_comp_id 
_struct_conn.ptnr1_label_seq_id 
_struct_conn.ptnr1_label_atom_id 
_struct_conn.pdbx_ptnr1_label_alt_id 
_struct_conn.pdbx_ptnr1_PDB_ins_code 
_struct_conn.pdbx_ptnr1_standard_comp_id 
_struct_conn.ptnr1_symmetry 
_struct_conn.ptnr2_label_asym_id 
_struct_conn.ptnr2_label_comp_id 
_struct_conn.ptnr2_label_seq_id 
_struct_conn.ptnr2_label_atom_id 
_struct_conn.pdbx_ptnr2_label_alt_id 
_struct_conn.pdbx_ptnr2_PDB_ins_code 
_struct_conn.ptnr1_auth_asym_id 
_struct_conn.ptnr1_auth_comp_id 
_struct_conn.ptnr1_auth_seq_id 
_struct_conn.ptnr2_auth_asym_id 
_struct_conn.ptnr2_auth_comp_id 
_struct_conn.ptnr2_auth_seq_id 
_struct_conn.ptnr2_symmetry 
_struct_conn.pdbx_ptnr3_label_atom_id 
_struct_conn.pdbx_ptnr3_label_seq_id 
_struct_conn.pdbx_ptnr3_label_comp_id 
_struct_conn.pdbx_ptnr3_label_asym_id 
_struct_conn.pdbx_ptnr3_label_alt_id 
_struct_conn.pdbx_ptnr3_PDB_ins_code 
_struct_conn.details 
_struct_conn.pdbx_dist_value 
_struct_conn.pdbx_value_order 
_struct_conn.pdbx_role 
covale1 covale both ? C ACE 1 C ? ? ? 1_555 C GLU 2 N ? ? P ACE 2 P GLU 3 1_555 ? ? ? ? ? ? ? 1.335 ? ? 
covale2 covale both ? D ACE 1 C ? ? ? 1_555 D GLU 2 N ? ? Q ACE 2 Q GLU 3 1_555 ? ? ? ? ? ? ? 1.232 ? ? 
# 
_struct_conn_type.id          covale 
_struct_conn_type.criteria    ? 
_struct_conn_type.reference   ? 
# 
loop_
_pdbx_modification_feature.ordinal 
_pdbx_modification_feature.label_comp_id 
_pdbx_modification_feature.label_asym_id 
_pdbx_modification_feature.label_seq_id 
_pdbx_modification_feature.label_alt_id 
_pdbx_modification_feature.modified_residue_label_comp_id 
_pdbx_modification_feature.modified_residue_label_asym_id 
_pdbx_modification_feature.modified_residue_label_seq_id 
_pdbx_modification_feature.modified_residue_label_alt_id 
_pdbx_modification_feature.auth_comp_id 
_pdbx_modification_feature.auth_asym_id 
_pdbx_modification_feature.auth_seq_id 
_pdbx_modification_feature.PDB_ins_code 
_pdbx_modification_feature.symmetry 
_pdbx_modification_feature.modified_residue_auth_comp_id 
_pdbx_modification_feature.modified_residue_auth_asym_id 
_pdbx_modification_feature.modified_residue_auth_seq_id 
_pdbx_modification_feature.modified_residue_PDB_ins_code 
_pdbx_modification_feature.modified_residue_symmetry 
_pdbx_modification_feature.comp_id_linking_atom 
_pdbx_modification_feature.modified_residue_id_linking_atom 
_pdbx_modification_feature.modified_residue_id 
_pdbx_modification_feature.ref_pcm_id 
_pdbx_modification_feature.ref_comp_id 
_pdbx_modification_feature.type 
_pdbx_modification_feature.category 
1 ACE C 1 ? GLU C 2 ? ACE P 2 ? 1_555 GLU P 3 ? 1_555 . . GLU 10 ACE None 'Terminal acetylation' 
2 ACE D 1 ? GLU D 2 ? ACE Q 2 ? 1_555 GLU Q 3 ? 1_555 . . GLU 10 ACE None 'Terminal acetylation' 
# 
_struct_mon_prot_cis.pdbx_id                1 
_struct_mon_prot_cis.label_comp_id          MET 
_struct_mon_prot_cis.label_seq_id           4 
_struct_mon_prot_cis.label_asym_id          E 
_struct_mon_prot_cis.label_alt_id           . 
_struct_mon_prot_cis.pdbx_PDB_ins_code      ? 
_struct_mon_prot_cis.auth_comp_id           MET 
_struct_mon_prot_cis.auth_seq_id            3 
_struct_mon_prot_cis.auth_asym_id           R 
_struct_mon_prot_cis.pdbx_label_comp_id_2   PRO 
_struct_mon_prot_cis.pdbx_label_seq_id_2    5 
_struct_mon_prot_cis.pdbx_label_asym_id_2   E 
_struct_mon_prot_cis.pdbx_PDB_ins_code_2    ? 
_struct_mon_prot_cis.pdbx_auth_comp_id_2    PRO 
_struct_mon_prot_cis.pdbx_auth_seq_id_2     4 
_struct_mon_prot_cis.pdbx_auth_asym_id_2    R 
_struct_mon_prot_cis.pdbx_PDB_model_num     1 
_struct_mon_prot_cis.pdbx_omega_angle       -3.98 
# 
loop_
_struct_sheet.id 
_struct_sheet.type 
_struct_sheet.number_strands 
_struct_sheet.details 
AA ? 5 ? 
BA ? 5 ? 
# 
loop_
_struct_sheet_order.sheet_id 
_struct_sheet_order.range_id_1 
_struct_sheet_order.range_id_2 
_struct_sheet_order.offset 
_struct_sheet_order.sense 
AA 1 2 ? anti-parallel 
AA 2 3 ? anti-parallel 
AA 3 4 ? anti-parallel 
AA 4 5 ? anti-parallel 
BA 1 2 ? anti-parallel 
BA 2 3 ? anti-parallel 
BA 3 4 ? anti-parallel 
BA 4 5 ? anti-parallel 
# 
loop_
_struct_sheet_range.sheet_id 
_struct_sheet_range.id 
_struct_sheet_range.beg_label_comp_id 
_struct_sheet_range.beg_label_asym_id 
_struct_sheet_range.beg_label_seq_id 
_struct_sheet_range.pdbx_beg_PDB_ins_code 
_struct_sheet_range.end_label_comp_id 
_struct_sheet_range.end_label_asym_id 
_struct_sheet_range.end_label_seq_id 
_struct_sheet_range.pdbx_end_PDB_ins_code 
_struct_sheet_range.beg_auth_comp_id 
_struct_sheet_range.beg_auth_asym_id 
_struct_sheet_range.beg_auth_seq_id 
_struct_sheet_range.end_auth_comp_id 
_struct_sheet_range.end_auth_asym_id 
_struct_sheet_range.end_auth_seq_id 
AA 1 ILE A 65 ? PRO A 69 ? ILE A 65 PRO A 69 
AA 2 ASP A 52 ? ARG A 59 ? ASP A 52 ARG A 59 
AA 3 LEU A 39 ? LYS A 46 ? LEU A 39 LYS A 46 
AA 4 GLU A 15 ? ALA A 19 ? GLU A 15 ALA A 19 
AA 5 ILE A 73 ? ILE A 75 ? ILE A 73 ILE A 75 
BA 1 ILE B 65 ? PRO B 69 ? ILE B 65 PRO B 69 
BA 2 ASP B 52 ? ARG B 59 ? ASP B 52 ARG B 59 
BA 3 LEU B 39 ? LYS B 46 ? LEU B 39 LYS B 46 
BA 4 GLU B 15 ? ALA B 19 ? GLU B 15 ALA B 19 
BA 5 ILE B 73 ? ILE B 75 ? ILE B 73 ILE B 75 
# 
loop_
_pdbx_struct_sheet_hbond.sheet_id 
_pdbx_struct_sheet_hbond.range_id_1 
_pdbx_struct_sheet_hbond.range_id_2 
_pdbx_struct_sheet_hbond.range_1_label_atom_id 
_pdbx_struct_sheet_hbond.range_1_label_comp_id 
_pdbx_struct_sheet_hbond.range_1_label_asym_id 
_pdbx_struct_sheet_hbond.range_1_label_seq_id 
_pdbx_struct_sheet_hbond.range_1_PDB_ins_code 
_pdbx_struct_sheet_hbond.range_1_auth_atom_id 
_pdbx_struct_sheet_hbond.range_1_auth_comp_id 
_pdbx_struct_sheet_hbond.range_1_auth_asym_id 
_pdbx_struct_sheet_hbond.range_1_auth_seq_id 
_pdbx_struct_sheet_hbond.range_2_label_atom_id 
_pdbx_struct_sheet_hbond.range_2_label_comp_id 
_pdbx_struct_sheet_hbond.range_2_label_asym_id 
_pdbx_struct_sheet_hbond.range_2_label_seq_id 
_pdbx_struct_sheet_hbond.range_2_PDB_ins_code 
_pdbx_struct_sheet_hbond.range_2_auth_atom_id 
_pdbx_struct_sheet_hbond.range_2_auth_comp_id 
_pdbx_struct_sheet_hbond.range_2_auth_asym_id 
_pdbx_struct_sheet_hbond.range_2_auth_seq_id 
AA 1 2 N ILE A 68 ? N ILE A 68 O TRP A 56 ? O TRP A 56 
AA 2 3 N ARG A 59 ? N ARG A 59 O ALA A 41 ? O ALA A 41 
AA 3 4 N ILE A 42 ? N ILE A 42 O GLU A 15 ? O GLU A 15 
AA 4 5 N ARG A 18 ? N ARG A 18 O GLU A 74 ? O GLU A 74 
BA 1 2 N ILE B 68 ? N ILE B 68 O TRP B 56 ? O TRP B 56 
BA 2 3 N ARG B 59 ? N ARG B 59 O ALA B 41 ? O ALA B 41 
BA 3 4 N ILE B 42 ? N ILE B 42 O GLU B 15 ? O GLU B 15 
BA 4 5 N ARG B 18 ? N ARG B 18 O GLU B 74 ? O GLU B 74 
# 
_pdbx_entry_details.entry_id                   2V1R 
_pdbx_entry_details.compound_details           ? 
_pdbx_entry_details.source_details             ? 
_pdbx_entry_details.nonpolymer_details         ? 
_pdbx_entry_details.sequence_details           ? 
_pdbx_entry_details.has_ligand_of_interest     ? 
_pdbx_entry_details.has_protein_modification   Y 
# 
loop_
_pdbx_validate_rmsd_angle.id 
_pdbx_validate_rmsd_angle.PDB_model_num 
_pdbx_validate_rmsd_angle.auth_atom_id_1 
_pdbx_validate_rmsd_angle.auth_asym_id_1 
_pdbx_validate_rmsd_angle.auth_comp_id_1 
_pdbx_validate_rmsd_angle.auth_seq_id_1 
_pdbx_validate_rmsd_angle.PDB_ins_code_1 
_pdbx_validate_rmsd_angle.label_alt_id_1 
_pdbx_validate_rmsd_angle.auth_atom_id_2 
_pdbx_validate_rmsd_angle.auth_asym_id_2 
_pdbx_validate_rmsd_angle.auth_comp_id_2 
_pdbx_validate_rmsd_angle.auth_seq_id_2 
_pdbx_validate_rmsd_angle.PDB_ins_code_2 
_pdbx_validate_rmsd_angle.label_alt_id_2 
_pdbx_validate_rmsd_angle.auth_atom_id_3 
_pdbx_validate_rmsd_angle.auth_asym_id_3 
_pdbx_validate_rmsd_angle.auth_comp_id_3 
_pdbx_validate_rmsd_angle.auth_seq_id_3 
_pdbx_validate_rmsd_angle.PDB_ins_code_3 
_pdbx_validate_rmsd_angle.label_alt_id_3 
_pdbx_validate_rmsd_angle.angle_value 
_pdbx_validate_rmsd_angle.angle_target_value 
_pdbx_validate_rmsd_angle.angle_deviation 
_pdbx_validate_rmsd_angle.angle_standard_deviation 
_pdbx_validate_rmsd_angle.linker_flag 
1 1 O Q ACE 2 ? ? C  Q ACE 2 ? ? N  Q GLU 3 ? ? 138.06 122.70 15.36  1.60 Y 
2 1 C Q ACE 2 ? ? N  Q GLU 3 ? ? CA Q GLU 3 ? ? 144.15 121.70 22.45  2.50 Y 
3 1 C Q MET 5 ? ? N  Q PRO 6 ? ? CD Q PRO 6 ? ? 107.49 128.40 -20.91 2.10 Y 
4 1 N Q THR 8 ? ? CA Q THR 8 ? ? C  Q THR 8 ? ? 91.46  111.00 -19.54 2.70 N 
# 
loop_
_pdbx_validate_torsion.id 
_pdbx_validate_torsion.PDB_model_num 
_pdbx_validate_torsion.auth_comp_id 
_pdbx_validate_torsion.auth_asym_id 
_pdbx_validate_torsion.auth_seq_id 
_pdbx_validate_torsion.PDB_ins_code 
_pdbx_validate_torsion.label_alt_id 
_pdbx_validate_torsion.phi 
_pdbx_validate_torsion.psi 
1 1 MET Q 5 ? ? -167.45 97.72   
2 1 PRO Q 7 ? ? -122.69 -116.07 
# 
loop_
_pdbx_validate_peptide_omega.id 
_pdbx_validate_peptide_omega.PDB_model_num 
_pdbx_validate_peptide_omega.auth_comp_id_1 
_pdbx_validate_peptide_omega.auth_asym_id_1 
_pdbx_validate_peptide_omega.auth_seq_id_1 
_pdbx_validate_peptide_omega.PDB_ins_code_1 
_pdbx_validate_peptide_omega.label_alt_id_1 
_pdbx_validate_peptide_omega.auth_comp_id_2 
_pdbx_validate_peptide_omega.auth_asym_id_2 
_pdbx_validate_peptide_omega.auth_seq_id_2 
_pdbx_validate_peptide_omega.PDB_ins_code_2 
_pdbx_validate_peptide_omega.label_alt_id_2 
_pdbx_validate_peptide_omega.omega 
1 1 PRO Q 6 ? ? PRO Q 7 ? ? 148.35 
2 1 PRO Q 7 ? ? THR Q 8 ? ? -75.69 
# 
_pdbx_distant_solvent_atoms.id                                1 
_pdbx_distant_solvent_atoms.PDB_model_num                     1 
_pdbx_distant_solvent_atoms.auth_atom_id                      O 
_pdbx_distant_solvent_atoms.label_alt_id                      ? 
_pdbx_distant_solvent_atoms.auth_asym_id                      A 
_pdbx_distant_solvent_atoms.auth_comp_id                      HOH 
_pdbx_distant_solvent_atoms.auth_seq_id                       2022 
_pdbx_distant_solvent_atoms.PDB_ins_code                      ? 
_pdbx_distant_solvent_atoms.neighbor_macromolecule_distance   6.26 
_pdbx_distant_solvent_atoms.neighbor_ligand_distance          . 
# 
loop_
_pdbx_unobs_or_zero_occ_residues.id 
_pdbx_unobs_or_zero_occ_residues.PDB_model_num 
_pdbx_unobs_or_zero_occ_residues.polymer_flag 
_pdbx_unobs_or_zero_occ_residues.occupancy_flag 
_pdbx_unobs_or_zero_occ_residues.auth_asym_id 
_pdbx_unobs_or_zero_occ_residues.auth_comp_id 
_pdbx_unobs_or_zero_occ_residues.auth_seq_id 
_pdbx_unobs_or_zero_occ_residues.PDB_ins_code 
_pdbx_unobs_or_zero_occ_residues.label_asym_id 
_pdbx_unobs_or_zero_occ_residues.label_comp_id 
_pdbx_unobs_or_zero_occ_residues.label_seq_id 
1  1 Y 1 A ILE 1  ? A ILE 1  
2  1 Y 1 A SER 2  ? A SER 2  
3  1 Y 1 A GLU 3  ? A GLU 3  
4  1 Y 1 A PHE 4  ? A PHE 4  
5  1 Y 1 A GLY 5  ? A GLY 5  
6  1 Y 1 A SER 6  ? A SER 6  
7  1 Y 1 A GLU 7  ? A GLU 7  
8  1 Y 1 A PRO 8  ? A PRO 8  
9  1 Y 1 A ILE 9  ? A ILE 9  
10 1 Y 1 A LYS 77 ? A LYS 77 
11 1 Y 1 A ARG 78 ? A ARG 78 
12 1 Y 1 A ARG 79 ? A ARG 79 
13 1 Y 1 A LYS 80 ? A LYS 80 
14 1 Y 1 B ILE 1  ? B ILE 1  
15 1 Y 1 B SER 2  ? B SER 2  
16 1 Y 1 B GLU 3  ? B GLU 3  
17 1 Y 1 B PHE 4  ? B PHE 4  
18 1 Y 1 B GLY 5  ? B GLY 5  
19 1 Y 1 B SER 6  ? B SER 6  
20 1 Y 1 B GLU 7  ? B GLU 7  
21 1 Y 1 B PRO 8  ? B PRO 8  
22 1 Y 1 B ILE 9  ? B ILE 9  
23 1 Y 1 B ARG 78 ? B ARG 78 
24 1 Y 1 B ARG 79 ? B ARG 79 
25 1 Y 1 B LYS 80 ? B LYS 80 
26 1 Y 1 P HIS 11 ? C HIS 10 
27 1 Y 1 P ARG 12 ? C ARG 11 
28 1 Y 1 P ASP 13 ? C ASP 12 
29 1 Y 1 P TRP 14 ? C TRP 13 
30 1 Y 1 P LYS 15 ? C LYS 14 
31 1 Y 1 P ASP 16 ? C ASP 15 
32 1 Y 1 Q HIS 11 ? D HIS 10 
33 1 Y 1 Q ARG 12 ? D ARG 11 
34 1 Y 1 Q ASP 13 ? D ASP 12 
35 1 Y 1 Q TRP 14 ? D TRP 13 
36 1 Y 1 Q LYS 15 ? D LYS 14 
37 1 Y 1 Q ASP 16 ? D ASP 15 
38 1 Y 1 R ACE 0  ? E ACE 1  
39 1 Y 1 R GLU 1  ? E GLU 2  
40 1 Y 1 R ALA 2  ? E ALA 3  
41 1 Y 1 R PRO 8  ? E PRO 9  
42 1 Y 1 R HIS 9  ? E HIS 10 
43 1 Y 1 R ARG 10 ? E ARG 11 
44 1 Y 1 R ASP 11 ? E ASP 12 
45 1 Y 1 R TRP 12 ? E TRP 13 
46 1 Y 1 R LYS 13 ? E LYS 14 
47 1 Y 1 R ASP 14 ? E ASP 15 
# 
loop_
_chem_comp_atom.comp_id 
_chem_comp_atom.atom_id 
_chem_comp_atom.type_symbol 
_chem_comp_atom.pdbx_aromatic_flag 
_chem_comp_atom.pdbx_stereo_config 
_chem_comp_atom.pdbx_ordinal 
ACE C    C N N 1   
ACE O    O N N 2   
ACE CH3  C N N 3   
ACE H    H N N 4   
ACE H1   H N N 5   
ACE H2   H N N 6   
ACE H3   H N N 7   
ALA N    N N N 8   
ALA CA   C N S 9   
ALA C    C N N 10  
ALA O    O N N 11  
ALA CB   C N N 12  
ALA OXT  O N N 13  
ALA H    H N N 14  
ALA H2   H N N 15  
ALA HA   H N N 16  
ALA HB1  H N N 17  
ALA HB2  H N N 18  
ALA HB3  H N N 19  
ALA HXT  H N N 20  
ARG N    N N N 21  
ARG CA   C N S 22  
ARG C    C N N 23  
ARG O    O N N 24  
ARG CB   C N N 25  
ARG CG   C N N 26  
ARG CD   C N N 27  
ARG NE   N N N 28  
ARG CZ   C N N 29  
ARG NH1  N N N 30  
ARG NH2  N N N 31  
ARG OXT  O N N 32  
ARG H    H N N 33  
ARG H2   H N N 34  
ARG HA   H N N 35  
ARG HB2  H N N 36  
ARG HB3  H N N 37  
ARG HG2  H N N 38  
ARG HG3  H N N 39  
ARG HD2  H N N 40  
ARG HD3  H N N 41  
ARG HE   H N N 42  
ARG HH11 H N N 43  
ARG HH12 H N N 44  
ARG HH21 H N N 45  
ARG HH22 H N N 46  
ARG HXT  H N N 47  
ASN N    N N N 48  
ASN CA   C N S 49  
ASN C    C N N 50  
ASN O    O N N 51  
ASN CB   C N N 52  
ASN CG   C N N 53  
ASN OD1  O N N 54  
ASN ND2  N N N 55  
ASN OXT  O N N 56  
ASN H    H N N 57  
ASN H2   H N N 58  
ASN HA   H N N 59  
ASN HB2  H N N 60  
ASN HB3  H N N 61  
ASN HD21 H N N 62  
ASN HD22 H N N 63  
ASN HXT  H N N 64  
ASP N    N N N 65  
ASP CA   C N S 66  
ASP C    C N N 67  
ASP O    O N N 68  
ASP CB   C N N 69  
ASP CG   C N N 70  
ASP OD1  O N N 71  
ASP OD2  O N N 72  
ASP OXT  O N N 73  
ASP H    H N N 74  
ASP H2   H N N 75  
ASP HA   H N N 76  
ASP HB2  H N N 77  
ASP HB3  H N N 78  
ASP HD2  H N N 79  
ASP HXT  H N N 80  
GLU N    N N N 81  
GLU CA   C N S 82  
GLU C    C N N 83  
GLU O    O N N 84  
GLU CB   C N N 85  
GLU CG   C N N 86  
GLU CD   C N N 87  
GLU OE1  O N N 88  
GLU OE2  O N N 89  
GLU OXT  O N N 90  
GLU H    H N N 91  
GLU H2   H N N 92  
GLU HA   H N N 93  
GLU HB2  H N N 94  
GLU HB3  H N N 95  
GLU HG2  H N N 96  
GLU HG3  H N N 97  
GLU HE2  H N N 98  
GLU HXT  H N N 99  
GLY N    N N N 100 
GLY CA   C N N 101 
GLY C    C N N 102 
GLY O    O N N 103 
GLY OXT  O N N 104 
GLY H    H N N 105 
GLY H2   H N N 106 
GLY HA2  H N N 107 
GLY HA3  H N N 108 
GLY HXT  H N N 109 
HIS N    N N N 110 
HIS CA   C N S 111 
HIS C    C N N 112 
HIS O    O N N 113 
HIS CB   C N N 114 
HIS CG   C Y N 115 
HIS ND1  N Y N 116 
HIS CD2  C Y N 117 
HIS CE1  C Y N 118 
HIS NE2  N Y N 119 
HIS OXT  O N N 120 
HIS H    H N N 121 
HIS H2   H N N 122 
HIS HA   H N N 123 
HIS HB2  H N N 124 
HIS HB3  H N N 125 
HIS HD1  H N N 126 
HIS HD2  H N N 127 
HIS HE1  H N N 128 
HIS HE2  H N N 129 
HIS HXT  H N N 130 
HOH O    O N N 131 
HOH H1   H N N 132 
HOH H2   H N N 133 
ILE N    N N N 134 
ILE CA   C N S 135 
ILE C    C N N 136 
ILE O    O N N 137 
ILE CB   C N S 138 
ILE CG1  C N N 139 
ILE CG2  C N N 140 
ILE CD1  C N N 141 
ILE OXT  O N N 142 
ILE H    H N N 143 
ILE H2   H N N 144 
ILE HA   H N N 145 
ILE HB   H N N 146 
ILE HG12 H N N 147 
ILE HG13 H N N 148 
ILE HG21 H N N 149 
ILE HG22 H N N 150 
ILE HG23 H N N 151 
ILE HD11 H N N 152 
ILE HD12 H N N 153 
ILE HD13 H N N 154 
ILE HXT  H N N 155 
LEU N    N N N 156 
LEU CA   C N S 157 
LEU C    C N N 158 
LEU O    O N N 159 
LEU CB   C N N 160 
LEU CG   C N N 161 
LEU CD1  C N N 162 
LEU CD2  C N N 163 
LEU OXT  O N N 164 
LEU H    H N N 165 
LEU H2   H N N 166 
LEU HA   H N N 167 
LEU HB2  H N N 168 
LEU HB3  H N N 169 
LEU HG   H N N 170 
LEU HD11 H N N 171 
LEU HD12 H N N 172 
LEU HD13 H N N 173 
LEU HD21 H N N 174 
LEU HD22 H N N 175 
LEU HD23 H N N 176 
LEU HXT  H N N 177 
LYS N    N N N 178 
LYS CA   C N S 179 
LYS C    C N N 180 
LYS O    O N N 181 
LYS CB   C N N 182 
LYS CG   C N N 183 
LYS CD   C N N 184 
LYS CE   C N N 185 
LYS NZ   N N N 186 
LYS OXT  O N N 187 
LYS H    H N N 188 
LYS H2   H N N 189 
LYS HA   H N N 190 
LYS HB2  H N N 191 
LYS HB3  H N N 192 
LYS HG2  H N N 193 
LYS HG3  H N N 194 
LYS HD2  H N N 195 
LYS HD3  H N N 196 
LYS HE2  H N N 197 
LYS HE3  H N N 198 
LYS HZ1  H N N 199 
LYS HZ2  H N N 200 
LYS HZ3  H N N 201 
LYS HXT  H N N 202 
MET N    N N N 203 
MET CA   C N S 204 
MET C    C N N 205 
MET O    O N N 206 
MET CB   C N N 207 
MET CG   C N N 208 
MET SD   S N N 209 
MET CE   C N N 210 
MET OXT  O N N 211 
MET H    H N N 212 
MET H2   H N N 213 
MET HA   H N N 214 
MET HB2  H N N 215 
MET HB3  H N N 216 
MET HG2  H N N 217 
MET HG3  H N N 218 
MET HE1  H N N 219 
MET HE2  H N N 220 
MET HE3  H N N 221 
MET HXT  H N N 222 
PHE N    N N N 223 
PHE CA   C N S 224 
PHE C    C N N 225 
PHE O    O N N 226 
PHE CB   C N N 227 
PHE CG   C Y N 228 
PHE CD1  C Y N 229 
PHE CD2  C Y N 230 
PHE CE1  C Y N 231 
PHE CE2  C Y N 232 
PHE CZ   C Y N 233 
PHE OXT  O N N 234 
PHE H    H N N 235 
PHE H2   H N N 236 
PHE HA   H N N 237 
PHE HB2  H N N 238 
PHE HB3  H N N 239 
PHE HD1  H N N 240 
PHE HD2  H N N 241 
PHE HE1  H N N 242 
PHE HE2  H N N 243 
PHE HZ   H N N 244 
PHE HXT  H N N 245 
PRO N    N N N 246 
PRO CA   C N S 247 
PRO C    C N N 248 
PRO O    O N N 249 
PRO CB   C N N 250 
PRO CG   C N N 251 
PRO CD   C N N 252 
PRO OXT  O N N 253 
PRO H    H N N 254 
PRO HA   H N N 255 
PRO HB2  H N N 256 
PRO HB3  H N N 257 
PRO HG2  H N N 258 
PRO HG3  H N N 259 
PRO HD2  H N N 260 
PRO HD3  H N N 261 
PRO HXT  H N N 262 
SER N    N N N 263 
SER CA   C N S 264 
SER C    C N N 265 
SER O    O N N 266 
SER CB   C N N 267 
SER OG   O N N 268 
SER OXT  O N N 269 
SER H    H N N 270 
SER H2   H N N 271 
SER HA   H N N 272 
SER HB2  H N N 273 
SER HB3  H N N 274 
SER HG   H N N 275 
SER HXT  H N N 276 
THR N    N N N 277 
THR CA   C N S 278 
THR C    C N N 279 
THR O    O N N 280 
THR CB   C N R 281 
THR OG1  O N N 282 
THR CG2  C N N 283 
THR OXT  O N N 284 
THR H    H N N 285 
THR H2   H N N 286 
THR HA   H N N 287 
THR HB   H N N 288 
THR HG1  H N N 289 
THR HG21 H N N 290 
THR HG22 H N N 291 
THR HG23 H N N 292 
THR HXT  H N N 293 
TRP N    N N N 294 
TRP CA   C N S 295 
TRP C    C N N 296 
TRP O    O N N 297 
TRP CB   C N N 298 
TRP CG   C Y N 299 
TRP CD1  C Y N 300 
TRP CD2  C Y N 301 
TRP NE1  N Y N 302 
TRP CE2  C Y N 303 
TRP CE3  C Y N 304 
TRP CZ2  C Y N 305 
TRP CZ3  C Y N 306 
TRP CH2  C Y N 307 
TRP OXT  O N N 308 
TRP H    H N N 309 
TRP H2   H N N 310 
TRP HA   H N N 311 
TRP HB2  H N N 312 
TRP HB3  H N N 313 
TRP HD1  H N N 314 
TRP HE1  H N N 315 
TRP HE3  H N N 316 
TRP HZ2  H N N 317 
TRP HZ3  H N N 318 
TRP HH2  H N N 319 
TRP HXT  H N N 320 
TYR N    N N N 321 
TYR CA   C N S 322 
TYR C    C N N 323 
TYR O    O N N 324 
TYR CB   C N N 325 
TYR CG   C Y N 326 
TYR CD1  C Y N 327 
TYR CD2  C Y N 328 
TYR CE1  C Y N 329 
TYR CE2  C Y N 330 
TYR CZ   C Y N 331 
TYR OH   O N N 332 
TYR OXT  O N N 333 
TYR H    H N N 334 
TYR H2   H N N 335 
TYR HA   H N N 336 
TYR HB2  H N N 337 
TYR HB3  H N N 338 
TYR HD1  H N N 339 
TYR HD2  H N N 340 
TYR HE1  H N N 341 
TYR HE2  H N N 342 
TYR HH   H N N 343 
TYR HXT  H N N 344 
VAL N    N N N 345 
VAL CA   C N S 346 
VAL C    C N N 347 
VAL O    O N N 348 
VAL CB   C N N 349 
VAL CG1  C N N 350 
VAL CG2  C N N 351 
VAL OXT  O N N 352 
VAL H    H N N 353 
VAL H2   H N N 354 
VAL HA   H N N 355 
VAL HB   H N N 356 
VAL HG11 H N N 357 
VAL HG12 H N N 358 
VAL HG13 H N N 359 
VAL HG21 H N N 360 
VAL HG22 H N N 361 
VAL HG23 H N N 362 
VAL HXT  H N N 363 
# 
loop_
_chem_comp_bond.comp_id 
_chem_comp_bond.atom_id_1 
_chem_comp_bond.atom_id_2 
_chem_comp_bond.value_order 
_chem_comp_bond.pdbx_aromatic_flag 
_chem_comp_bond.pdbx_stereo_config 
_chem_comp_bond.pdbx_ordinal 
ACE C   O    doub N N 1   
ACE C   CH3  sing N N 2   
ACE C   H    sing N N 3   
ACE CH3 H1   sing N N 4   
ACE CH3 H2   sing N N 5   
ACE CH3 H3   sing N N 6   
ALA N   CA   sing N N 7   
ALA N   H    sing N N 8   
ALA N   H2   sing N N 9   
ALA CA  C    sing N N 10  
ALA CA  CB   sing N N 11  
ALA CA  HA   sing N N 12  
ALA C   O    doub N N 13  
ALA C   OXT  sing N N 14  
ALA CB  HB1  sing N N 15  
ALA CB  HB2  sing N N 16  
ALA CB  HB3  sing N N 17  
ALA OXT HXT  sing N N 18  
ARG N   CA   sing N N 19  
ARG N   H    sing N N 20  
ARG N   H2   sing N N 21  
ARG CA  C    sing N N 22  
ARG CA  CB   sing N N 23  
ARG CA  HA   sing N N 24  
ARG C   O    doub N N 25  
ARG C   OXT  sing N N 26  
ARG CB  CG   sing N N 27  
ARG CB  HB2  sing N N 28  
ARG CB  HB3  sing N N 29  
ARG CG  CD   sing N N 30  
ARG CG  HG2  sing N N 31  
ARG CG  HG3  sing N N 32  
ARG CD  NE   sing N N 33  
ARG CD  HD2  sing N N 34  
ARG CD  HD3  sing N N 35  
ARG NE  CZ   sing N N 36  
ARG NE  HE   sing N N 37  
ARG CZ  NH1  sing N N 38  
ARG CZ  NH2  doub N N 39  
ARG NH1 HH11 sing N N 40  
ARG NH1 HH12 sing N N 41  
ARG NH2 HH21 sing N N 42  
ARG NH2 HH22 sing N N 43  
ARG OXT HXT  sing N N 44  
ASN N   CA   sing N N 45  
ASN N   H    sing N N 46  
ASN N   H2   sing N N 47  
ASN CA  C    sing N N 48  
ASN CA  CB   sing N N 49  
ASN CA  HA   sing N N 50  
ASN C   O    doub N N 51  
ASN C   OXT  sing N N 52  
ASN CB  CG   sing N N 53  
ASN CB  HB2  sing N N 54  
ASN CB  HB3  sing N N 55  
ASN CG  OD1  doub N N 56  
ASN CG  ND2  sing N N 57  
ASN ND2 HD21 sing N N 58  
ASN ND2 HD22 sing N N 59  
ASN OXT HXT  sing N N 60  
ASP N   CA   sing N N 61  
ASP N   H    sing N N 62  
ASP N   H2   sing N N 63  
ASP CA  C    sing N N 64  
ASP CA  CB   sing N N 65  
ASP CA  HA   sing N N 66  
ASP C   O    doub N N 67  
ASP C   OXT  sing N N 68  
ASP CB  CG   sing N N 69  
ASP CB  HB2  sing N N 70  
ASP CB  HB3  sing N N 71  
ASP CG  OD1  doub N N 72  
ASP CG  OD2  sing N N 73  
ASP OD2 HD2  sing N N 74  
ASP OXT HXT  sing N N 75  
GLU N   CA   sing N N 76  
GLU N   H    sing N N 77  
GLU N   H2   sing N N 78  
GLU CA  C    sing N N 79  
GLU CA  CB   sing N N 80  
GLU CA  HA   sing N N 81  
GLU C   O    doub N N 82  
GLU C   OXT  sing N N 83  
GLU CB  CG   sing N N 84  
GLU CB  HB2  sing N N 85  
GLU CB  HB3  sing N N 86  
GLU CG  CD   sing N N 87  
GLU CG  HG2  sing N N 88  
GLU CG  HG3  sing N N 89  
GLU CD  OE1  doub N N 90  
GLU CD  OE2  sing N N 91  
GLU OE2 HE2  sing N N 92  
GLU OXT HXT  sing N N 93  
GLY N   CA   sing N N 94  
GLY N   H    sing N N 95  
GLY N   H2   sing N N 96  
GLY CA  C    sing N N 97  
GLY CA  HA2  sing N N 98  
GLY CA  HA3  sing N N 99  
GLY C   O    doub N N 100 
GLY C   OXT  sing N N 101 
GLY OXT HXT  sing N N 102 
HIS N   CA   sing N N 103 
HIS N   H    sing N N 104 
HIS N   H2   sing N N 105 
HIS CA  C    sing N N 106 
HIS CA  CB   sing N N 107 
HIS CA  HA   sing N N 108 
HIS C   O    doub N N 109 
HIS C   OXT  sing N N 110 
HIS CB  CG   sing N N 111 
HIS CB  HB2  sing N N 112 
HIS CB  HB3  sing N N 113 
HIS CG  ND1  sing Y N 114 
HIS CG  CD2  doub Y N 115 
HIS ND1 CE1  doub Y N 116 
HIS ND1 HD1  sing N N 117 
HIS CD2 NE2  sing Y N 118 
HIS CD2 HD2  sing N N 119 
HIS CE1 NE2  sing Y N 120 
HIS CE1 HE1  sing N N 121 
HIS NE2 HE2  sing N N 122 
HIS OXT HXT  sing N N 123 
HOH O   H1   sing N N 124 
HOH O   H2   sing N N 125 
ILE N   CA   sing N N 126 
ILE N   H    sing N N 127 
ILE N   H2   sing N N 128 
ILE CA  C    sing N N 129 
ILE CA  CB   sing N N 130 
ILE CA  HA   sing N N 131 
ILE C   O    doub N N 132 
ILE C   OXT  sing N N 133 
ILE CB  CG1  sing N N 134 
ILE CB  CG2  sing N N 135 
ILE CB  HB   sing N N 136 
ILE CG1 CD1  sing N N 137 
ILE CG1 HG12 sing N N 138 
ILE CG1 HG13 sing N N 139 
ILE CG2 HG21 sing N N 140 
ILE CG2 HG22 sing N N 141 
ILE CG2 HG23 sing N N 142 
ILE CD1 HD11 sing N N 143 
ILE CD1 HD12 sing N N 144 
ILE CD1 HD13 sing N N 145 
ILE OXT HXT  sing N N 146 
LEU N   CA   sing N N 147 
LEU N   H    sing N N 148 
LEU N   H2   sing N N 149 
LEU CA  C    sing N N 150 
LEU CA  CB   sing N N 151 
LEU CA  HA   sing N N 152 
LEU C   O    doub N N 153 
LEU C   OXT  sing N N 154 
LEU CB  CG   sing N N 155 
LEU CB  HB2  sing N N 156 
LEU CB  HB3  sing N N 157 
LEU CG  CD1  sing N N 158 
LEU CG  CD2  sing N N 159 
LEU CG  HG   sing N N 160 
LEU CD1 HD11 sing N N 161 
LEU CD1 HD12 sing N N 162 
LEU CD1 HD13 sing N N 163 
LEU CD2 HD21 sing N N 164 
LEU CD2 HD22 sing N N 165 
LEU CD2 HD23 sing N N 166 
LEU OXT HXT  sing N N 167 
LYS N   CA   sing N N 168 
LYS N   H    sing N N 169 
LYS N   H2   sing N N 170 
LYS CA  C    sing N N 171 
LYS CA  CB   sing N N 172 
LYS CA  HA   sing N N 173 
LYS C   O    doub N N 174 
LYS C   OXT  sing N N 175 
LYS CB  CG   sing N N 176 
LYS CB  HB2  sing N N 177 
LYS CB  HB3  sing N N 178 
LYS CG  CD   sing N N 179 
LYS CG  HG2  sing N N 180 
LYS CG  HG3  sing N N 181 
LYS CD  CE   sing N N 182 
LYS CD  HD2  sing N N 183 
LYS CD  HD3  sing N N 184 
LYS CE  NZ   sing N N 185 
LYS CE  HE2  sing N N 186 
LYS CE  HE3  sing N N 187 
LYS NZ  HZ1  sing N N 188 
LYS NZ  HZ2  sing N N 189 
LYS NZ  HZ3  sing N N 190 
LYS OXT HXT  sing N N 191 
MET N   CA   sing N N 192 
MET N   H    sing N N 193 
MET N   H2   sing N N 194 
MET CA  C    sing N N 195 
MET CA  CB   sing N N 196 
MET CA  HA   sing N N 197 
MET C   O    doub N N 198 
MET C   OXT  sing N N 199 
MET CB  CG   sing N N 200 
MET CB  HB2  sing N N 201 
MET CB  HB3  sing N N 202 
MET CG  SD   sing N N 203 
MET CG  HG2  sing N N 204 
MET CG  HG3  sing N N 205 
MET SD  CE   sing N N 206 
MET CE  HE1  sing N N 207 
MET CE  HE2  sing N N 208 
MET CE  HE3  sing N N 209 
MET OXT HXT  sing N N 210 
PHE N   CA   sing N N 211 
PHE N   H    sing N N 212 
PHE N   H2   sing N N 213 
PHE CA  C    sing N N 214 
PHE CA  CB   sing N N 215 
PHE CA  HA   sing N N 216 
PHE C   O    doub N N 217 
PHE C   OXT  sing N N 218 
PHE CB  CG   sing N N 219 
PHE CB  HB2  sing N N 220 
PHE CB  HB3  sing N N 221 
PHE CG  CD1  doub Y N 222 
PHE CG  CD2  sing Y N 223 
PHE CD1 CE1  sing Y N 224 
PHE CD1 HD1  sing N N 225 
PHE CD2 CE2  doub Y N 226 
PHE CD2 HD2  sing N N 227 
PHE CE1 CZ   doub Y N 228 
PHE CE1 HE1  sing N N 229 
PHE CE2 CZ   sing Y N 230 
PHE CE2 HE2  sing N N 231 
PHE CZ  HZ   sing N N 232 
PHE OXT HXT  sing N N 233 
PRO N   CA   sing N N 234 
PRO N   CD   sing N N 235 
PRO N   H    sing N N 236 
PRO CA  C    sing N N 237 
PRO CA  CB   sing N N 238 
PRO CA  HA   sing N N 239 
PRO C   O    doub N N 240 
PRO C   OXT  sing N N 241 
PRO CB  CG   sing N N 242 
PRO CB  HB2  sing N N 243 
PRO CB  HB3  sing N N 244 
PRO CG  CD   sing N N 245 
PRO CG  HG2  sing N N 246 
PRO CG  HG3  sing N N 247 
PRO CD  HD2  sing N N 248 
PRO CD  HD3  sing N N 249 
PRO OXT HXT  sing N N 250 
SER N   CA   sing N N 251 
SER N   H    sing N N 252 
SER N   H2   sing N N 253 
SER CA  C    sing N N 254 
SER CA  CB   sing N N 255 
SER CA  HA   sing N N 256 
SER C   O    doub N N 257 
SER C   OXT  sing N N 258 
SER CB  OG   sing N N 259 
SER CB  HB2  sing N N 260 
SER CB  HB3  sing N N 261 
SER OG  HG   sing N N 262 
SER OXT HXT  sing N N 263 
THR N   CA   sing N N 264 
THR N   H    sing N N 265 
THR N   H2   sing N N 266 
THR CA  C    sing N N 267 
THR CA  CB   sing N N 268 
THR CA  HA   sing N N 269 
THR C   O    doub N N 270 
THR C   OXT  sing N N 271 
THR CB  OG1  sing N N 272 
THR CB  CG2  sing N N 273 
THR CB  HB   sing N N 274 
THR OG1 HG1  sing N N 275 
THR CG2 HG21 sing N N 276 
THR CG2 HG22 sing N N 277 
THR CG2 HG23 sing N N 278 
THR OXT HXT  sing N N 279 
TRP N   CA   sing N N 280 
TRP N   H    sing N N 281 
TRP N   H2   sing N N 282 
TRP CA  C    sing N N 283 
TRP CA  CB   sing N N 284 
TRP CA  HA   sing N N 285 
TRP C   O    doub N N 286 
TRP C   OXT  sing N N 287 
TRP CB  CG   sing N N 288 
TRP CB  HB2  sing N N 289 
TRP CB  HB3  sing N N 290 
TRP CG  CD1  doub Y N 291 
TRP CG  CD2  sing Y N 292 
TRP CD1 NE1  sing Y N 293 
TRP CD1 HD1  sing N N 294 
TRP CD2 CE2  doub Y N 295 
TRP CD2 CE3  sing Y N 296 
TRP NE1 CE2  sing Y N 297 
TRP NE1 HE1  sing N N 298 
TRP CE2 CZ2  sing Y N 299 
TRP CE3 CZ3  doub Y N 300 
TRP CE3 HE3  sing N N 301 
TRP CZ2 CH2  doub Y N 302 
TRP CZ2 HZ2  sing N N 303 
TRP CZ3 CH2  sing Y N 304 
TRP CZ3 HZ3  sing N N 305 
TRP CH2 HH2  sing N N 306 
TRP OXT HXT  sing N N 307 
TYR N   CA   sing N N 308 
TYR N   H    sing N N 309 
TYR N   H2   sing N N 310 
TYR CA  C    sing N N 311 
TYR CA  CB   sing N N 312 
TYR CA  HA   sing N N 313 
TYR C   O    doub N N 314 
TYR C   OXT  sing N N 315 
TYR CB  CG   sing N N 316 
TYR CB  HB2  sing N N 317 
TYR CB  HB3  sing N N 318 
TYR CG  CD1  doub Y N 319 
TYR CG  CD2  sing Y N 320 
TYR CD1 CE1  sing Y N 321 
TYR CD1 HD1  sing N N 322 
TYR CD2 CE2  doub Y N 323 
TYR CD2 HD2  sing N N 324 
TYR CE1 CZ   doub Y N 325 
TYR CE1 HE1  sing N N 326 
TYR CE2 CZ   sing Y N 327 
TYR CE2 HE2  sing N N 328 
TYR CZ  OH   sing N N 329 
TYR OH  HH   sing N N 330 
TYR OXT HXT  sing N N 331 
VAL N   CA   sing N N 332 
VAL N   H    sing N N 333 
VAL N   H2   sing N N 334 
VAL CA  C    sing N N 335 
VAL CA  CB   sing N N 336 
VAL CA  HA   sing N N 337 
VAL C   O    doub N N 338 
VAL C   OXT  sing N N 339 
VAL CB  CG1  sing N N 340 
VAL CB  CG2  sing N N 341 
VAL CB  HB   sing N N 342 
VAL CG1 HG11 sing N N 343 
VAL CG1 HG12 sing N N 344 
VAL CG1 HG13 sing N N 345 
VAL CG2 HG21 sing N N 346 
VAL CG2 HG22 sing N N 347 
VAL CG2 HG23 sing N N 348 
VAL OXT HXT  sing N N 349 
# 
_pdbx_initial_refinement_model.id               1 
_pdbx_initial_refinement_model.entity_id_list   ? 
_pdbx_initial_refinement_model.type             'experimental model' 
_pdbx_initial_refinement_model.source_name      PDB 
_pdbx_initial_refinement_model.accession_code   1N5Z 
_pdbx_initial_refinement_model.details          'PDB ENTRY 1N5Z' 
# 
_atom_sites.entry_id                    2V1R 
_atom_sites.fract_transf_matrix[1][1]   -0.00453772 
_atom_sites.fract_transf_matrix[1][2]   -0.01942695 
_atom_sites.fract_transf_matrix[1][3]   -0.02830656 
_atom_sites.fract_transf_matrix[2][1]   -0.01999424 
_atom_sites.fract_transf_matrix[2][2]   0.02045870 
_atom_sites.fract_transf_matrix[2][3]   0.00683381 
_atom_sites.fract_transf_matrix[3][1]   0.01570555 
_atom_sites.fract_transf_matrix[3][2]   0.02357916 
_atom_sites.fract_transf_matrix[3][3]   -0.00328733 
_atom_sites.fract_transf_vector[1]      0.051078 
_atom_sites.fract_transf_vector[2]      0.271454 
_atom_sites.fract_transf_vector[3]      0.256916 
# 
loop_
_atom_type.symbol 
C 
N 
O 
S 
# 
loop_
_atom_site.group_PDB 
_atom_site.id 
_atom_site.type_symbol 
_atom_site.label_atom_id 
_atom_site.label_alt_id 
_atom_site.label_comp_id 
_atom_site.label_asym_id 
_atom_site.label_entity_id 
_atom_site.label_seq_id 
_atom_site.pdbx_PDB_ins_code 
_atom_site.Cartn_x 
_atom_site.Cartn_y 
_atom_site.Cartn_z 
_atom_site.occupancy 
_atom_site.B_iso_or_equiv 
_atom_site.pdbx_formal_charge 
_atom_site.auth_seq_id 
_atom_site.auth_comp_id 
_atom_site.auth_asym_id 
_atom_site.auth_atom_id 
_atom_site.pdbx_PDB_model_num 
ATOM   1    N N   . ASP A 1 10 ? 12.972  2.565   9.575   1.00 40.46  ? 10   ASP A N   1 
ATOM   2    C CA  . ASP A 1 10 ? 12.178  3.631   10.183  1.00 34.34  ? 10   ASP A CA  1 
ATOM   3    C C   . ASP A 1 10 ? 10.866  3.103   10.747  1.00 26.12  ? 10   ASP A C   1 
ATOM   4    O O   . ASP A 1 10 ? 9.908   2.896   10.004  1.00 27.44  ? 10   ASP A O   1 
ATOM   5    C CB  . ASP A 1 10 ? 11.897  4.741   9.168   1.00 39.19  ? 10   ASP A CB  1 
ATOM   6    C CG  . ASP A 1 10 ? 11.077  5.884   9.758   1.00 37.01  ? 10   ASP A CG  1 
ATOM   7    O OD1 . ASP A 1 10 ? 10.809  5.887   10.979  1.00 29.94  ? 10   ASP A OD1 1 
ATOM   8    O OD2 . ASP A 1 10 ? 10.699  6.789   8.987   1.00 44.42  ? 10   ASP A OD2 1 
ATOM   9    N N   . PRO A 1 11 ? 10.823  2.894   12.073  1.00 25.08  ? 11   PRO A N   1 
ATOM   10   C CA  . PRO A 1 11 ? 9.639   2.432   12.809  1.00 31.90  ? 11   PRO A CA  1 
ATOM   11   C C   . PRO A 1 11 ? 8.342   3.216   12.539  1.00 25.38  ? 11   PRO A C   1 
ATOM   12   O O   . PRO A 1 11 ? 7.278   2.604   12.477  1.00 18.83  ? 11   PRO A O   1 
ATOM   13   C CB  . PRO A 1 11 ? 10.069  2.576   14.270  1.00 19.90  ? 11   PRO A CB  1 
ATOM   14   C CG  . PRO A 1 11 ? 11.532  2.354   14.234  1.00 28.92  ? 11   PRO A CG  1 
ATOM   15   C CD  . PRO A 1 11 ? 12.005  2.985   12.948  1.00 23.77  ? 11   PRO A CD  1 
ATOM   16   N N   . SER A 1 12 ? 8.420   4.533   12.374  1.00 25.22  ? 12   SER A N   1 
ATOM   17   C CA  . SER A 1 12 ? 7.208   5.333   12.198  1.00 23.35  ? 12   SER A CA  1 
ATOM   18   C C   . SER A 1 12 ? 6.509   5.100   10.851  1.00 28.23  ? 12   SER A C   1 
ATOM   19   O O   . SER A 1 12 ? 5.385   5.564   10.639  1.00 27.01  ? 12   SER A O   1 
ATOM   20   C CB  . SER A 1 12 ? 7.487   6.826   12.429  1.00 31.21  ? 12   SER A CB  1 
ATOM   21   O OG  . SER A 1 12 ? 8.549   7.286   11.613  1.00 44.25  ? 12   SER A OG  1 
ATOM   22   N N   . LYS A 1 13 ? 7.172   4.415   9.938   1.00 26.26  ? 13   LYS A N   1 
ATOM   23   C CA  . LYS A 1 13 ? 6.580   3.990   8.673   1.00 25.40  ? 13   LYS A CA  1 
ATOM   24   C C   . LYS A 1 13 ? 5.944   2.560   8.593   1.00 24.11  ? 13   LYS A C   1 
ATOM   25   O O   . LYS A 1 13 ? 5.341   2.235   7.607   1.00 33.75  ? 13   LYS A O   1 
ATOM   26   C CB  . LYS A 1 13 ? 7.603   4.173   7.560   1.00 25.29  ? 13   LYS A CB  1 
ATOM   27   C CG  . LYS A 1 13 ? 7.835   5.588   7.189   1.00 32.14  ? 13   LYS A CG  1 
ATOM   28   C CD  . LYS A 1 13 ? 8.749   5.753   6.064   1.00 31.49  ? 13   LYS A CD  1 
ATOM   29   C CE  . LYS A 1 13 ? 9.065   7.229   5.862   1.00 59.28  ? 13   LYS A CE  1 
ATOM   30   N NZ  . LYS A 1 13 ? 10.446  7.587   5.413   1.00 45.23  ? 13   LYS A NZ  1 
ATOM   31   N N   . LEU A 1 14 ? 6.108   1.734   9.609   1.00 20.97  ? 14   LEU A N   1 
ATOM   32   C CA  . LEU A 1 14 ? 5.679   0.339   9.594   1.00 28.22  ? 14   LEU A CA  1 
ATOM   33   C C   . LEU A 1 14 ? 4.205   0.151   9.426   1.00 25.33  ? 14   LEU A C   1 
ATOM   34   O O   . LEU A 1 14 ? 3.433   0.921   9.895   1.00 25.57  ? 14   LEU A O   1 
ATOM   35   C CB  . LEU A 1 14 ? 6.121   -0.390  10.869  1.00 26.98  ? 14   LEU A CB  1 
ATOM   36   C CG  . LEU A 1 14 ? 7.607   -0.483  11.173  1.00 17.18  ? 14   LEU A CG  1 
ATOM   37   C CD1 . LEU A 1 14 ? 7.913   -0.846  12.500  1.00 25.32  ? 14   LEU A CD1 1 
ATOM   38   C CD2 . LEU A 1 14 ? 8.363   -1.333  10.249  1.00 24.10  ? 14   LEU A CD2 1 
ATOM   39   N N   . GLU A 1 15 ? 3.832   -0.919  8.747   1.00 26.50  ? 15   GLU A N   1 
ATOM   40   C CA  . GLU A 1 15 ? 2.515   -1.481  8.852   1.00 23.78  ? 15   GLU A CA  1 
ATOM   41   C C   . GLU A 1 15 ? 2.484   -2.401  10.025  1.00 22.26  ? 15   GLU A C   1 
ATOM   42   O O   . GLU A 1 15 ? 3.485   -2.897  10.393  1.00 20.75  ? 15   GLU A O   1 
ATOM   43   C CB  . GLU A 1 15 ? 2.118   -2.220  7.588   1.00 24.74  ? 15   GLU A CB  1 
ATOM   44   C CG  . GLU A 1 15 ? 1.966   -1.347  6.413   1.00 25.78  ? 15   GLU A CG  1 
ATOM   45   C CD  . GLU A 1 15 ? 1.426   -2.049  5.181   1.00 43.93  ? 15   GLU A CD  1 
ATOM   46   O OE1 . GLU A 1 15 ? 0.848   -3.126  5.238   1.00 36.64  ? 15   GLU A OE1 1 
ATOM   47   O OE2 . GLU A 1 15 ? 1.558   -1.453  4.132   1.00 55.26  ? 15   GLU A OE2 1 
ATOM   48   N N   . PHE A 1 16 ? 1.321   -2.613  10.593  1.00 19.53  ? 16   PHE A N   1 
ATOM   49   C CA  . PHE A 1 16 ? 1.158   -3.621  11.578  1.00 25.31  ? 16   PHE A CA  1 
ATOM   50   C C   . PHE A 1 16 ? 0.031   -4.591  11.180  1.00 26.09  ? 16   PHE A C   1 
ATOM   51   O O   . PHE A 1 16 ? -0.804  -4.252  10.401  1.00 21.35  ? 16   PHE A O   1 
ATOM   52   C CB  . PHE A 1 16 ? 0.931   -3.025  12.970  1.00 19.00  ? 16   PHE A CB  1 
ATOM   53   C CG  . PHE A 1 16 ? 2.022   -2.111  13.446  1.00 20.99  ? 16   PHE A CG  1 
ATOM   54   C CD1 . PHE A 1 16 ? 2.041   -0.767  13.090  1.00 22.15  ? 16   PHE A CD1 1 
ATOM   55   C CD2 . PHE A 1 16 ? 3.017   -2.566  14.252  1.00 18.52  ? 16   PHE A CD2 1 
ATOM   56   C CE1 . PHE A 1 16 ? 3.012   0.055   13.530  1.00 17.05  ? 16   PHE A CE1 1 
ATOM   57   C CE2 . PHE A 1 16 ? 4.002   -1.715  14.660  1.00 20.91  ? 16   PHE A CE2 1 
ATOM   58   C CZ  . PHE A 1 16 ? 3.975   -0.413  14.307  1.00 21.37  ? 16   PHE A CZ  1 
ATOM   59   N N   . ALA A 1 17 ? 0.072   -5.801  11.684  1.00 21.09  ? 17   ALA A N   1 
ATOM   60   C CA  . ALA A 1 17 ? -0.896  -6.834  11.317  1.00 14.09  ? 17   ALA A CA  1 
ATOM   61   C C   . ALA A 1 17 ? -1.368  -7.631  12.533  1.00 18.28  ? 17   ALA A C   1 
ATOM   62   O O   . ALA A 1 17 ? -0.712  -7.623  13.575  1.00 18.85  ? 17   ALA A O   1 
ATOM   63   C CB  . ALA A 1 17 ? -0.300  -7.764  10.272  1.00 14.35  ? 17   ALA A CB  1 
ATOM   64   N N   . ARG A 1 18 ? -2.513  -8.297  12.431  1.00 15.15  ? 18   ARG A N   1 
ATOM   65   C CA  . ARG A 1 18 ? -2.996  -9.220  13.440  1.00 9.89   ? 18   ARG A CA  1 
ATOM   66   C C   . ARG A 1 18 ? -3.221  -10.642 12.884  1.00 11.87  ? 18   ARG A C   1 
ATOM   67   O O   . ARG A 1 18 ? -3.589  -10.800 11.773  1.00 14.04  ? 18   ARG A O   1 
ATOM   68   C CB  . ARG A 1 18 ? -4.250  -8.656  14.137  1.00 16.85  ? 18   ARG A CB  1 
ATOM   69   C CG  . ARG A 1 18 ? -5.022  -9.640  15.003  1.00 19.51  ? 18   ARG A CG  1 
ATOM   70   C CD  . ARG A 1 18 ? -6.128  -9.114  15.844  1.00 20.63  ? 18   ARG A CD  1 
ATOM   71   N NE  . ARG A 1 18 ? -7.295  -8.833  15.055  1.00 28.16  ? 18   ARG A NE  1 
ATOM   72   C CZ  . ARG A 1 18 ? -8.457  -8.422  15.528  1.00 33.10  ? 18   ARG A CZ  1 
ATOM   73   N NH1 . ARG A 1 18 ? -9.457  -8.182  14.709  1.00 24.41  ? 18   ARG A NH1 1 
ATOM   74   N NH2 . ARG A 1 18 ? -8.621  -8.257  16.809  1.00 27.99  ? 18   ARG A NH2 1 
ATOM   75   N N   . ALA A 1 19 ? -2.934  -11.642 13.679  1.00 11.28  ? 19   ALA A N   1 
ATOM   76   C CA  . ALA A 1 19 ? -3.087  -13.031 13.255  1.00 13.25  ? 19   ALA A CA  1 
ATOM   77   C C   . ALA A 1 19 ? -4.546  -13.444 13.325  1.00 20.79  ? 19   ALA A C   1 
ATOM   78   O O   . ALA A 1 19 ? -5.186  -13.281 14.356  1.00 14.11  ? 19   ALA A O   1 
ATOM   79   C CB  . ALA A 1 19 ? -2.247  -13.954 14.121  1.00 14.46  ? 19   ALA A CB  1 
ATOM   80   N N   . LEU A 1 20 ? -5.056  -13.984 12.225  1.00 16.66  ? 20   LEU A N   1 
ATOM   81   C CA  . LEU A 1 20 ? -6.417  -14.500 12.171  1.00 16.51  ? 20   LEU A CA  1 
ATOM   82   C C   . LEU A 1 20 ? -6.513  -15.991 12.539  1.00 26.05  ? 20   LEU A C   1 
ATOM   83   O O   . LEU A 1 20 ? -7.598  -16.479 12.852  1.00 18.96  ? 20   LEU A O   1 
ATOM   84   C CB  . LEU A 1 20 ? -7.051  -14.223 10.799  1.00 18.85  ? 20   LEU A CB  1 
ATOM   85   C CG  . LEU A 1 20 ? -7.329  -12.741 10.487  1.00 21.70  ? 20   LEU A CG  1 
ATOM   86   C CD1 . LEU A 1 20 ? -8.085  -12.569 9.177   1.00 19.93  ? 20   LEU A CD1 1 
ATOM   87   C CD2 . LEU A 1 20 ? -8.089  -12.074 11.625  1.00 17.75  ? 20   LEU A CD2 1 
ATOM   88   N N   . TYR A 1 21 ? -5.382  -16.701 12.522  1.00 17.99  ? 21   TYR A N   1 
ATOM   89   C CA  . TYR A 1 21 ? -5.350  -18.116 12.900  1.00 17.97  ? 21   TYR A CA  1 
ATOM   90   C C   . TYR A 1 21 ? -4.106  -18.420 13.710  1.00 18.88  ? 21   TYR A C   1 
ATOM   91   O O   . TYR A 1 21 ? -3.164  -17.636 13.712  1.00 16.40  ? 21   TYR A O   1 
ATOM   92   C CB  . TYR A 1 21 ? -5.361  -19.018 11.659  1.00 17.04  ? 21   TYR A CB  1 
ATOM   93   C CG  . TYR A 1 21 ? -6.275  -18.523 10.572  1.00 22.05  ? 21   TYR A CG  1 
ATOM   94   C CD1 . TYR A 1 21 ? -5.823  -17.614 9.630   1.00 21.52  ? 21   TYR A CD1 1 
ATOM   95   C CD2 . TYR A 1 21 ? -7.592  -18.948 10.495  1.00 26.95  ? 21   TYR A CD2 1 
ATOM   96   C CE1 . TYR A 1 21 ? -6.647  -17.141 8.639   1.00 22.40  ? 21   TYR A CE1 1 
ATOM   97   C CE2 . TYR A 1 21 ? -8.429  -18.479 9.499   1.00 28.46  ? 21   TYR A CE2 1 
ATOM   98   C CZ  . TYR A 1 21 ? -7.945  -17.573 8.577   1.00 27.08  ? 21   TYR A CZ  1 
ATOM   99   O OH  . TYR A 1 21 ? -8.754  -17.089 7.586   1.00 29.44  ? 21   TYR A OH  1 
ATOM   100  N N   . ASP A 1 22 ? -4.102  -19.559 14.399  1.00 16.74  ? 22   ASP A N   1 
ATOM   101  C CA  . ASP A 1 22 ? -2.876  -20.037 15.022  1.00 20.23  ? 22   ASP A CA  1 
ATOM   102  C C   . ASP A 1 22 ? -1.952  -20.498 13.908  1.00 23.42  ? 22   ASP A C   1 
ATOM   103  O O   . ASP A 1 22 ? -2.410  -21.045 12.896  1.00 23.03  ? 22   ASP A O   1 
ATOM   104  C CB  . ASP A 1 22 ? -3.134  -21.198 15.983  1.00 25.24  ? 22   ASP A CB  1 
ATOM   105  C CG  . ASP A 1 22 ? -3.875  -20.773 17.242  1.00 29.63  ? 22   ASP A CG  1 
ATOM   106  O OD1 . ASP A 1 22 ? -4.345  -21.660 17.979  1.00 31.34  ? 22   ASP A OD1 1 
ATOM   107  O OD2 . ASP A 1 22 ? -3.998  -19.562 17.503  1.00 22.68  ? 22   ASP A OD2 1 
ATOM   108  N N   . PHE A 1 23 ? -0.659  -20.247 14.080  1.00 18.10  ? 23   PHE A N   1 
ATOM   109  C CA  . PHE A 1 23 ? 0.353   -20.754 13.161  1.00 14.12  ? 23   PHE A CA  1 
ATOM   110  C C   . PHE A 1 23 ? 1.478   -21.355 13.986  1.00 20.06  ? 23   PHE A C   1 
ATOM   111  O O   . PHE A 1 23 ? 2.130   -20.657 14.767  1.00 9.83   ? 23   PHE A O   1 
ATOM   112  C CB  . PHE A 1 23 ? 0.891   -19.650 12.247  1.00 15.19  ? 23   PHE A CB  1 
ATOM   113  C CG  . PHE A 1 23 ? 2.037   -20.089 11.352  1.00 16.16  ? 23   PHE A CG  1 
ATOM   114  C CD1 . PHE A 1 23 ? 1.815   -20.948 10.291  1.00 16.87  ? 23   PHE A CD1 1 
ATOM   115  C CD2 . PHE A 1 23 ? 3.328   -19.634 11.575  1.00 16.16  ? 23   PHE A CD2 1 
ATOM   116  C CE1 . PHE A 1 23 ? 2.863   -21.349 9.467   1.00 20.94  ? 23   PHE A CE1 1 
ATOM   117  C CE2 . PHE A 1 23 ? 4.381   -20.021 10.751  1.00 20.48  ? 23   PHE A CE2 1 
ATOM   118  C CZ  . PHE A 1 23 ? 4.148   -20.885 9.696   1.00 14.39  ? 23   PHE A CZ  1 
ATOM   119  N N   . VAL A 1 24 ? 1.655   -22.667 13.843  1.00 13.50  ? 24   VAL A N   1 
ATOM   120  C CA  . VAL A 1 24 ? 2.803   -23.367 14.392  1.00 10.89  ? 24   VAL A CA  1 
ATOM   121  C C   . VAL A 1 24 ? 3.833   -23.506 13.268  1.00 14.78  ? 24   VAL A C   1 
ATOM   122  O O   . VAL A 1 24 ? 3.523   -24.078 12.230  1.00 16.75  ? 24   VAL A O   1 
ATOM   123  C CB  . VAL A 1 24 ? 2.397   -24.756 14.914  1.00 19.99  ? 24   VAL A CB  1 
ATOM   124  C CG1 . VAL A 1 24 ? 3.604   -25.475 15.524  1.00 26.00  ? 24   VAL A CG1 1 
ATOM   125  C CG2 . VAL A 1 24 ? 1.272   -24.625 15.924  1.00 17.00  ? 24   VAL A CG2 1 
ATOM   126  N N   . PRO A 1 25 ? 5.029   -22.971 13.478  1.00 15.83  ? 25   PRO A N   1 
ATOM   127  C CA  . PRO A 1 25 ? 6.065   -22.953 12.451  1.00 20.45  ? 25   PRO A CA  1 
ATOM   128  C C   . PRO A 1 25 ? 6.634   -24.354 12.164  1.00 17.55  ? 25   PRO A C   1 
ATOM   129  O O   . PRO A 1 25 ? 7.066   -25.035 13.030  1.00 18.74  ? 25   PRO A O   1 
ATOM   130  C CB  . PRO A 1 25 ? 7.119   -22.018 13.012  1.00 17.20  ? 25   PRO A CB  1 
ATOM   131  C CG  . PRO A 1 25 ? 6.567   -21.487 14.229  1.00 15.92  ? 25   PRO A CG  1 
ATOM   132  C CD  . PRO A 1 25 ? 5.513   -22.368 14.707  1.00 16.89  ? 25   PRO A CD  1 
ATOM   133  N N   . GLU A 1 26 ? 6.511   -24.770 10.932  1.00 14.70  ? 26   GLU A N   1 
ATOM   134  C CA  . GLU A 1 26 ? 7.174   -25.962 10.464  1.00 30.73  ? 26   GLU A CA  1 
ATOM   135  C C   . GLU A 1 26 ? 8.683   -25.915 10.305  1.00 22.95  ? 26   GLU A C   1 
ATOM   136  O O   . GLU A 1 26 ? 9.319   -26.917 10.472  1.00 24.79  ? 26   GLU A O   1 
ATOM   137  C CB  . GLU A 1 26 ? 6.452   -26.660 9.304   1.00 24.02  ? 26   GLU A CB  1 
ATOM   138  C CG  . GLU A 1 26 ? 5.159   -27.287 9.727   1.00 29.72  ? 26   GLU A CG  1 
ATOM   139  C CD  . GLU A 1 26 ? 4.262   -27.762 8.595   1.00 36.01  ? 26   GLU A CD  1 
ATOM   140  O OE1 . GLU A 1 26 ? 4.527   -27.474 7.449   1.00 26.87  ? 26   GLU A OE1 1 
ATOM   141  O OE2 . GLU A 1 26 ? 3.288   -28.415 8.889   1.00 27.11  ? 26   GLU A OE2 1 
ATOM   142  N N   . ASN A 1 27 ? 9.226   -24.741 10.041  1.00 22.16  ? 27   ASN A N   1 
ATOM   143  C CA  . ASN A 1 27 ? 10.639  -24.465 10.158  1.00 12.86  ? 27   ASN A CA  1 
ATOM   144  C C   . ASN A 1 27 ? 10.805  -23.285 11.106  1.00 21.89  ? 27   ASN A C   1 
ATOM   145  O O   . ASN A 1 27 ? 10.840  -22.147 10.677  1.00 19.53  ? 27   ASN A O   1 
ATOM   146  C CB  . ASN A 1 27 ? 11.237  -24.177 8.785   1.00 14.07  ? 27   ASN A CB  1 
ATOM   147  C CG  . ASN A 1 27 ? 12.707  -23.791 8.834   1.00 27.12  ? 27   ASN A CG  1 
ATOM   148  O OD1 . ASN A 1 27 ? 13.341  -23.844 9.848   1.00 22.62  ? 27   ASN A OD1 1 
ATOM   149  N ND2 . ASN A 1 27 ? 13.229  -23.419 7.722   1.00 21.32  ? 27   ASN A ND2 1 
ATOM   150  N N   . PRO A 1 28 ? 10.891  -23.591 12.395  1.00 18.09  ? 28   PRO A N   1 
ATOM   151  C CA  . PRO A 1 28 ? 11.038  -22.585 13.452  1.00 14.10  ? 28   PRO A CA  1 
ATOM   152  C C   . PRO A 1 28 ? 12.401  -21.876 13.456  1.00 28.22  ? 28   PRO A C   1 
ATOM   153  O O   . PRO A 1 28 ? 12.612  -21.003 14.292  1.00 22.65  ? 28   PRO A O   1 
ATOM   154  C CB  . PRO A 1 28 ? 10.893  -23.417 14.729  1.00 17.96  ? 28   PRO A CB  1 
ATOM   155  C CG  . PRO A 1 28 ? 11.347  -24.791 14.313  1.00 18.99  ? 28   PRO A CG  1 
ATOM   156  C CD  . PRO A 1 28 ? 10.730  -24.941 12.964  1.00 22.40  ? 28   PRO A CD  1 
ATOM   157  N N   . GLU A 1 29 ? 13.351  -22.322 12.629  1.00 27.63  ? 29   GLU A N   1 
ATOM   158  C CA  . GLU A 1 29 ? 14.617  -21.610 12.362  1.00 19.57  ? 29   GLU A CA  1 
ATOM   159  C C   . GLU A 1 29 ? 14.419  -20.311 11.552  1.00 27.70  ? 29   GLU A C   1 
ATOM   160  O O   . GLU A 1 29 ? 15.128  -19.358 11.728  1.00 18.00  ? 29   GLU A O   1 
ATOM   161  C CB  . GLU A 1 29 ? 15.643  -22.524 11.652  1.00 22.71  ? 29   GLU A CB  1 
ATOM   162  C CG  . GLU A 1 29 ? 16.084  -23.699 12.481  1.00 53.57  ? 29   GLU A CG  1 
ATOM   163  C CD  . GLU A 1 29 ? 17.420  -24.337 12.100  1.00 68.33  ? 29   GLU A CD  1 
ATOM   164  O OE1 . GLU A 1 29 ? 17.725  -25.365 12.708  1.00 56.38  ? 29   GLU A OE1 1 
ATOM   165  O OE2 . GLU A 1 29 ? 18.135  -23.815 11.219  1.00 57.56  ? 29   GLU A OE2 1 
ATOM   166  N N   . MET A 1 30 ? 13.441  -20.306 10.656  1.00 19.30  ? 30   MET A N   1 
ATOM   167  C CA  . MET A 1 30 ? 13.146  -19.188 9.793   1.00 19.80  ? 30   MET A CA  1 
ATOM   168  C C   . MET A 1 30 ? 11.821  -18.516 10.086  1.00 24.87  ? 30   MET A C   1 
ATOM   169  O O   . MET A 1 30 ? 11.631  -17.383 9.767   1.00 19.91  ? 30   MET A O   1 
ATOM   170  C CB  . MET A 1 30 ? 13.144  -19.622 8.342   1.00 20.35  ? 30   MET A CB  1 
ATOM   171  C CG  . MET A 1 30 ? 14.476  -20.007 7.819   1.00 32.52  ? 30   MET A CG  1 
ATOM   172  S SD  . MET A 1 30 ? 15.476  -18.685 7.186   1.00 54.61  ? 30   MET A SD  1 
ATOM   173  C CE  . MET A 1 30 ? 16.126  -17.982 8.597   1.00 39.00  ? 30   MET A CE  1 
ATOM   174  N N   . GLU A 1 31 ? 10.934  -19.250 10.700  1.00 13.95  ? 31   GLU A N   1 
ATOM   175  C CA  . GLU A 1 31 ? 9.555   -18.811 10.876  1.00 16.19  ? 31   GLU A CA  1 
ATOM   176  C C   . GLU A 1 31 ? 9.212   -18.540 12.331  1.00 16.15  ? 31   GLU A C   1 
ATOM   177  O O   . GLU A 1 31 ? 9.802   -19.126 13.234  1.00 18.69  ? 31   GLU A O   1 
ATOM   178  C CB  . GLU A 1 31 ? 8.594   -19.866 10.316  1.00 16.37  ? 31   GLU A CB  1 
ATOM   179  C CG  . GLU A 1 31 ? 8.873   -20.219 8.869   1.00 21.34  ? 31   GLU A CG  1 
ATOM   180  C CD  . GLU A 1 31 ? 8.253   -21.542 8.462   1.00 23.91  ? 31   GLU A CD  1 
ATOM   181  O OE1 . GLU A 1 31 ? 7.818   -22.306 9.354   1.00 18.10  ? 31   GLU A OE1 1 
ATOM   182  O OE2 . GLU A 1 31 ? 8.201   -21.814 7.244   1.00 23.68  ? 31   GLU A OE2 1 
ATOM   183  N N   . VAL A 1 32 ? 8.246   -17.650 12.552  1.00 16.72  ? 32   VAL A N   1 
ATOM   184  C CA  . VAL A 1 32 ? 7.806   -17.329 13.910  1.00 18.94  ? 32   VAL A CA  1 
ATOM   185  C C   . VAL A 1 32 ? 6.391   -17.832 14.141  1.00 14.85  ? 32   VAL A C   1 
ATOM   186  O O   . VAL A 1 32 ? 5.603   -17.924 13.207  1.00 18.50  ? 32   VAL A O   1 
ATOM   187  C CB  . VAL A 1 32 ? 7.928   -15.805 14.246  1.00 17.83  ? 32   VAL A CB  1 
ATOM   188  C CG1 . VAL A 1 32 ? 9.329   -15.476 14.736  1.00 15.54  ? 32   VAL A CG1 1 
ATOM   189  C CG2 . VAL A 1 32 ? 7.561   -14.937 13.048  1.00 13.25  ? 32   VAL A CG2 1 
ATOM   190  N N   . ALA A 1 33 ? 6.079   -18.177 15.385  1.00 12.57  ? 33   ALA A N   1 
ATOM   191  C CA  . ALA A 1 33 ? 4.753   -18.687 15.733  1.00 14.41  ? 33   ALA A CA  1 
ATOM   192  C C   . ALA A 1 33 ? 3.744   -17.577 16.026  1.00 23.68  ? 33   ALA A C   1 
ATOM   193  O O   . ALA A 1 33 ? 4.089   -16.529 16.587  1.00 18.08  ? 33   ALA A O   1 
ATOM   194  C CB  . ALA A 1 33 ? 4.851   -19.630 16.924  1.00 15.98  ? 33   ALA A CB  1 
ATOM   195  N N   . LEU A 1 34 ? 2.488   -17.824 15.663  1.00 15.11  ? 34   LEU A N   1 
ATOM   196  C CA  . LEU A 1 34 ? 1.420   -16.884 15.954  1.00 25.86  ? 34   LEU A CA  1 
ATOM   197  C C   . LEU A 1 34 ? 0.308   -17.570 16.735  1.00 24.50  ? 34   LEU A C   1 
ATOM   198  O O   . LEU A 1 34 ? -0.031  -18.733 16.466  1.00 19.99  ? 34   LEU A O   1 
ATOM   199  C CB  . LEU A 1 34 ? 0.845   -16.291 14.660  1.00 22.31  ? 34   LEU A CB  1 
ATOM   200  C CG  . LEU A 1 34 ? 1.737   -15.572 13.641  1.00 27.90  ? 34   LEU A CG  1 
ATOM   201  C CD1 . LEU A 1 34 ? 0.885   -15.136 12.459  1.00 16.55  ? 34   LEU A CD1 1 
ATOM   202  C CD2 . LEU A 1 34 ? 2.483   -14.365 14.241  1.00 14.89  ? 34   LEU A CD2 1 
ATOM   203  N N   . LYS A 1 35 ? -0.252  -16.855 17.708  1.00 13.78  ? 35   LYS A N   1 
ATOM   204  C CA  . LYS A 1 35 ? -1.519  -17.254 18.306  1.00 21.17  ? 35   LYS A CA  1 
ATOM   205  C C   . LYS A 1 35 ? -2.622  -16.327 17.773  1.00 22.32  ? 35   LYS A C   1 
ATOM   206  O O   . LYS A 1 35 ? -2.429  -15.115 17.699  1.00 15.77  ? 35   LYS A O   1 
ATOM   207  C CB  . LYS A 1 35 ? -1.453  -17.178 19.837  1.00 26.26  ? 35   LYS A CB  1 
ATOM   208  C CG  . LYS A 1 35 ? -2.795  -17.482 20.528  1.00 21.49  ? 35   LYS A CG  1 
ATOM   209  C CD  . LYS A 1 35 ? -2.682  -17.443 22.046  1.00 28.35  ? 35   LYS A CD  1 
ATOM   210  C CE  . LYS A 1 35 ? -4.039  -17.668 22.704  1.00 45.02  ? 35   LYS A CE  1 
ATOM   211  N NZ  . LYS A 1 35 ? -3.972  -17.645 24.198  1.00 57.52  ? 35   LYS A NZ  1 
ATOM   212  N N   . LYS A 1 36 ? -3.768  -16.889 17.401  1.00 21.90  ? 36   LYS A N   1 
ATOM   213  C CA  . LYS A 1 36 ? -4.893  -16.091 16.911  1.00 13.98  ? 36   LYS A CA  1 
ATOM   214  C C   . LYS A 1 36 ? -5.120  -14.844 17.766  1.00 17.69  ? 36   LYS A C   1 
ATOM   215  O O   . LYS A 1 36 ? -5.204  -14.937 18.987  1.00 16.29  ? 36   LYS A O   1 
ATOM   216  C CB  . LYS A 1 36 ? -6.150  -16.945 16.901  1.00 25.96  ? 36   LYS A CB  1 
ATOM   217  C CG  . LYS A 1 36 ? -7.396  -16.232 16.421  1.00 21.97  ? 36   LYS A CG  1 
ATOM   218  C CD  . LYS A 1 36 ? -8.460  -17.242 16.032  1.00 29.60  ? 36   LYS A CD  1 
ATOM   219  C CE  . LYS A 1 36 ? -9.796  -16.560 15.761  1.00 46.22  ? 36   LYS A CE  1 
ATOM   220  N NZ  . LYS A 1 36 ? -10.872 -17.558 15.481  1.00 49.86  ? 36   LYS A NZ  1 
ATOM   221  N N   . GLY A 1 37 ? -5.208  -13.677 17.129  1.00 12.99  ? 37   GLY A N   1 
ATOM   222  C CA  . GLY A 1 37 ? -5.349  -12.424 17.856  1.00 15.35  ? 37   GLY A CA  1 
ATOM   223  C C   . GLY A 1 37 ? -4.043  -11.675 18.063  1.00 21.15  ? 37   GLY A C   1 
ATOM   224  O O   . GLY A 1 37 ? -4.044  -10.474 18.333  1.00 21.06  ? 37   GLY A O   1 
ATOM   225  N N   . ASP A 1 38 ? -2.939  -12.396 18.010  1.00 16.03  ? 38   ASP A N   1 
ATOM   226  C CA  . ASP A 1 38 ? -1.599  -11.827 18.096  1.00 17.53  ? 38   ASP A CA  1 
ATOM   227  C C   . ASP A 1 38 ? -1.318  -10.666 17.165  1.00 21.72  ? 38   ASP A C   1 
ATOM   228  O O   . ASP A 1 38 ? -1.574  -10.729 15.996  1.00 19.25  ? 38   ASP A O   1 
ATOM   229  C CB  . ASP A 1 38 ? -0.510  -12.868 17.916  1.00 15.82  ? 38   ASP A CB  1 
ATOM   230  C CG  . ASP A 1 38 ? -0.238  -13.675 19.160  1.00 30.04  ? 38   ASP A CG  1 
ATOM   231  O OD1 . ASP A 1 38 ? -0.766  -13.389 20.215  1.00 18.83  ? 38   ASP A OD1 1 
ATOM   232  O OD2 . ASP A 1 38 ? 0.509   -14.607 19.046  1.00 25.10  ? 38   ASP A OD2 1 
ATOM   233  N N   . LEU A 1 39 ? -0.789  -9.599  17.723  1.00 17.98  ? 39   LEU A N   1 
ATOM   234  C CA  . LEU A 1 39 ? -0.242  -8.508  16.933  1.00 20.53  ? 39   LEU A CA  1 
ATOM   235  C C   . LEU A 1 39 ? 1.208   -8.629  16.473  1.00 15.10  ? 39   LEU A C   1 
ATOM   236  O O   . LEU A 1 39 ? 2.013   -9.210  17.109  1.00 13.88  ? 39   LEU A O   1 
ATOM   237  C CB  . LEU A 1 39 ? -0.489  -7.125  17.583  1.00 19.82  ? 39   LEU A CB  1 
ATOM   238  C CG  . LEU A 1 39 ? -1.817  -6.839  18.223  1.00 17.07  ? 39   LEU A CG  1 
ATOM   239  C CD1 . LEU A 1 39 ? -1.764  -5.621  19.019  1.00 24.81  ? 39   LEU A CD1 1 
ATOM   240  C CD2 . LEU A 1 39 ? -2.798  -6.681  17.185  1.00 25.56  ? 39   LEU A CD2 1 
ATOM   241  N N   . MET A 1 40 ? 1.493   -7.991  15.365  1.00 20.75  ? 40   MET A N   1 
ATOM   242  C CA  . MET A 1 40 ? 2.842   -7.946  14.819  1.00 15.15  ? 40   MET A CA  1 
ATOM   243  C C   . MET A 1 40 ? 3.158   -6.721  13.925  1.00 21.95  ? 40   MET A C   1 
ATOM   244  O O   . MET A 1 40 ? 2.278   -6.068  13.441  1.00 14.12  ? 40   MET A O   1 
ATOM   245  C CB  . MET A 1 40 ? 3.211   -9.266  14.094  1.00 15.62  ? 40   MET A CB  1 
ATOM   246  C CG  . MET A 1 40 ? 2.745   -9.300  12.653  1.00 10.95  ? 40   MET A CG  1 
ATOM   247  S SD  . MET A 1 40 ? 2.128   -10.863 12.062  1.00 12.40  ? 40   MET A SD  1 
ATOM   248  C CE  . MET A 1 40 ? 0.608   -11.004 12.957  1.00 10.66  ? 40   MET A CE  1 
ATOM   249  N N   . ALA A 1 41 ? 4.432   -6.492  13.685  1.00 12.64  ? 41   ALA A N   1 
ATOM   250  C CA  . ALA A 1 41 ? 4.815   -5.476  12.716  1.00 14.52  ? 41   ALA A CA  1 
ATOM   251  C C   . ALA A 1 41 ? 5.327   -6.156  11.458  1.00 19.51  ? 41   ALA A C   1 
ATOM   252  O O   . ALA A 1 41 ? 6.047   -7.151  11.536  1.00 14.76  ? 41   ALA A O   1 
ATOM   253  C CB  . ALA A 1 41 ? 5.870   -4.553  13.289  1.00 10.85  ? 41   ALA A CB  1 
ATOM   254  N N   . ILE A 1 42 ? 4.938   -5.624  10.305  1.00 16.53  ? 42   ILE A N   1 
ATOM   255  C CA  . ILE A 1 42 ? 5.426   -6.114  9.022   1.00 12.18  ? 42   ILE A CA  1 
ATOM   256  C C   . ILE A 1 42 ? 6.756   -5.441  8.671   1.00 20.82  ? 42   ILE A C   1 
ATOM   257  O O   . ILE A 1 42 ? 6.836   -4.211  8.529   1.00 22.26  ? 42   ILE A O   1 
ATOM   258  C CB  . ILE A 1 42 ? 4.403   -5.846  7.908   1.00 18.69  ? 42   ILE A CB  1 
ATOM   259  C CG1 . ILE A 1 42 ? 3.017   -6.330  8.337   1.00 23.82  ? 42   ILE A CG1 1 
ATOM   260  C CG2 . ILE A 1 42 ? 4.819   -6.514  6.618   1.00 17.99  ? 42   ILE A CG2 1 
ATOM   261  C CD1 . ILE A 1 42 ? 1.960   -6.154  7.270   1.00 27.23  ? 42   ILE A CD1 1 
ATOM   262  N N   . LEU A 1 43 ? 7.803   -6.248  8.540   1.00 11.94  ? 43   LEU A N   1 
ATOM   263  C CA  . LEU A 1 43 ? 9.118   -5.727  8.207   1.00 13.25  ? 43   LEU A CA  1 
ATOM   264  C C   . LEU A 1 43 ? 9.347   -5.744  6.700   1.00 20.46  ? 43   LEU A C   1 
ATOM   265  O O   . LEU A 1 43 ? 9.906   -4.798  6.134   1.00 19.34  ? 43   LEU A O   1 
ATOM   266  C CB  . LEU A 1 43 ? 10.204  -6.512  8.941   1.00 21.10  ? 43   LEU A CB  1 
ATOM   267  C CG  . LEU A 1 43 ? 10.600  -5.991  10.327  1.00 20.69  ? 43   LEU A CG  1 
ATOM   268  C CD1 . LEU A 1 43 ? 9.398   -5.547  11.127  1.00 21.38  ? 43   LEU A CD1 1 
ATOM   269  C CD2 . LEU A 1 43 ? 11.404  -7.038  11.090  1.00 18.73  ? 43   LEU A CD2 1 
ATOM   270  N N   . SER A 1 44 ? 8.907   -6.816  6.047   1.00 16.77  ? 44   SER A N   1 
ATOM   271  C CA  . SER A 1 44 ? 8.977   -6.884  4.594   1.00 19.35  ? 44   SER A CA  1 
ATOM   272  C C   . SER A 1 44 ? 7.892   -7.793  4.028   1.00 15.78  ? 44   SER A C   1 
ATOM   273  O O   . SER A 1 44 ? 7.421   -8.695  4.708   1.00 23.09  ? 44   SER A O   1 
ATOM   274  C CB  . SER A 1 44 ? 10.353  -7.371  4.129   1.00 17.28  ? 44   SER A CB  1 
ATOM   275  O OG  . SER A 1 44 ? 10.424  -7.374  2.710   1.00 18.81  ? 44   SER A OG  1 
ATOM   276  N N   . LYS A 1 45 ? 7.513   -7.540  2.779   1.00 18.31  ? 45   LYS A N   1 
ATOM   277  C CA  . LYS A 1 45 ? 6.556   -8.361  2.045   1.00 23.62  ? 45   LYS A CA  1 
ATOM   278  C C   . LYS A 1 45 ? 7.241   -9.182  0.950   1.00 22.09  ? 45   LYS A C   1 
ATOM   279  O O   . LYS A 1 45 ? 6.610   -10.024 0.312   1.00 24.97  ? 45   LYS A O   1 
ATOM   280  C CB  . LYS A 1 45 ? 5.460   -7.482  1.433   1.00 25.38  ? 45   LYS A CB  1 
ATOM   281  C CG  . LYS A 1 45 ? 4.438   -6.971  2.448   1.00 32.13  ? 45   LYS A CG  1 
ATOM   282  C CD  . LYS A 1 45 ? 3.543   -5.882  1.859   1.00 27.50  ? 45   LYS A CD  1 
ATOM   283  C CE  . LYS A 1 45 ? 2.586   -5.325  2.900   1.00 29.44  ? 45   LYS A CE  1 
ATOM   284  N NZ  . LYS A 1 45 ? 1.926   -4.061  2.430   1.00 31.60  ? 45   LYS A NZ  1 
ATOM   285  N N   . LYS A 1 46 ? 8.532   -8.934  0.750   1.00 26.15  ? 46   LYS A N   1 
ATOM   286  C CA  . LYS A 1 46 ? 9.322   -9.604  -0.285  1.00 27.55  ? 46   LYS A CA  1 
ATOM   287  C C   . LYS A 1 46 ? 10.287  -10.587 0.357   1.00 29.28  ? 46   LYS A C   1 
ATOM   288  O O   . LYS A 1 46 ? 10.510  -10.533 1.571   1.00 15.68  ? 46   LYS A O   1 
ATOM   289  C CB  . LYS A 1 46 ? 10.138  -8.577  -1.070  1.00 27.10  ? 46   LYS A CB  1 
ATOM   290  C CG  . LYS A 1 46 ? 9.341   -7.415  -1.632  1.00 21.40  ? 46   LYS A CG  1 
ATOM   291  C CD  . LYS A 1 46 ? 8.390   -7.880  -2.713  1.00 33.14  ? 46   LYS A CD  1 
ATOM   292  C CE  . LYS A 1 46 ? 7.976   -6.716  -3.595  1.00 40.10  ? 46   LYS A CE  1 
ATOM   293  N NZ  . LYS A 1 46 ? 7.033   -7.149  -4.665  1.00 43.59  ? 46   LYS A NZ  1 
ATOM   294  N N   . ASP A 1 47 ? 10.863  -11.479 -0.452  1.00 25.09  ? 47   ASP A N   1 
ATOM   295  C CA  . ASP A 1 47 ? 11.934  -12.351 0.032   1.00 31.52  ? 47   ASP A CA  1 
ATOM   296  C C   . ASP A 1 47 ? 13.219  -11.524 0.169   1.00 29.12  ? 47   ASP A C   1 
ATOM   297  O O   . ASP A 1 47 ? 13.218  -10.339 -0.176  1.00 20.38  ? 47   ASP A O   1 
ATOM   298  C CB  . ASP A 1 47 ? 12.095  -13.617 -0.845  1.00 31.05  ? 47   ASP A CB  1 
ATOM   299  C CG  . ASP A 1 47 ? 12.939  -13.396 -2.104  1.00 34.36  ? 47   ASP A CG  1 
ATOM   300  O OD1 . ASP A 1 47 ? 13.456  -12.288 -2.341  1.00 30.71  ? 47   ASP A OD1 1 
ATOM   301  O OD2 . ASP A 1 47 ? 13.079  -14.365 -2.882  1.00 37.46  ? 47   ASP A OD2 1 
ATOM   302  N N   . PRO A 1 48 ? 14.298  -12.141 0.634   1.00 25.02  ? 48   PRO A N   1 
ATOM   303  C CA  . PRO A 1 48 ? 15.499  -11.396 0.941   1.00 32.05  ? 48   PRO A CA  1 
ATOM   304  C C   . PRO A 1 48 ? 16.111  -10.748 -0.270  1.00 33.72  ? 48   PRO A C   1 
ATOM   305  O O   . PRO A 1 48 ? 16.861  -9.847  -0.152  1.00 35.30  ? 48   PRO A O   1 
ATOM   306  C CB  . PRO A 1 48 ? 16.391  -12.439 1.582   1.00 34.49  ? 48   PRO A CB  1 
ATOM   307  C CG  . PRO A 1 48 ? 15.508  -13.373 2.120   1.00 28.90  ? 48   PRO A CG  1 
ATOM   308  C CD  . PRO A 1 48 ? 14.390  -13.485 1.204   1.00 31.22  ? 48   PRO A CD  1 
ATOM   309  N N   . LEU A 1 49 ? 15.766  -11.209 -1.440  1.00 30.66  ? 49   LEU A N   1 
ATOM   310  C CA  . LEU A 1 49 ? 16.356  -10.733 -2.643  1.00 22.90  ? 49   LEU A CA  1 
ATOM   311  C C   . LEU A 1 49 ? 15.384  -9.841  -3.372  1.00 28.66  ? 49   LEU A C   1 
ATOM   312  O O   . LEU A 1 49 ? 15.530  -9.595  -4.544  1.00 32.01  ? 49   LEU A O   1 
ATOM   313  C CB  . LEU A 1 49 ? 16.738  -11.924 -3.498  1.00 32.54  ? 49   LEU A CB  1 
ATOM   314  C CG  . LEU A 1 49 ? 18.046  -12.644 -3.190  1.00 33.53  ? 49   LEU A CG  1 
ATOM   315  C CD1 . LEU A 1 49 ? 18.440  -12.749 -1.730  1.00 23.36  ? 49   LEU A CD1 1 
ATOM   316  C CD2 . LEU A 1 49 ? 18.199  -13.899 -3.962  1.00 32.28  ? 49   LEU A CD2 1 
ATOM   317  N N   . GLY A 1 50 ? 14.378  -9.368  -2.661  1.00 24.71  ? 50   GLY A N   1 
ATOM   318  C CA  . GLY A 1 50 ? 13.522  -8.349  -3.195  1.00 22.10  ? 50   GLY A CA  1 
ATOM   319  C C   . GLY A 1 50 ? 12.433  -8.850  -4.100  1.00 26.30  ? 50   GLY A C   1 
ATOM   320  O O   . GLY A 1 50 ? 11.748  -8.059  -4.681  1.00 31.40  ? 50   GLY A O   1 
ATOM   321  N N   . ARG A 1 51 ? 12.276  -10.165 -4.196  1.00 22.14  ? 51   ARG A N   1 
ATOM   322  C CA  . ARG A 1 51 ? 11.257  -10.768 -5.052  1.00 24.23  ? 51   ARG A CA  1 
ATOM   323  C C   . ARG A 1 51 ? 9.929   -10.995 -4.321  1.00 36.37  ? 51   ARG A C   1 
ATOM   324  O O   . ARG A 1 51 ? 9.899   -11.164 -3.099  1.00 27.08  ? 51   ARG A O   1 
ATOM   325  C CB  . ARG A 1 51 ? 11.751  -12.107 -5.595  1.00 38.03  ? 51   ARG A CB  1 
ATOM   326  C CG  . ARG A 1 51 ? 13.158  -12.083 -6.149  1.00 43.09  ? 51   ARG A CG  1 
ATOM   327  C CD  . ARG A 1 51 ? 13.540  -13.466 -6.623  1.00 52.21  ? 51   ARG A CD  1 
ATOM   328  N NE  . ARG A 1 51 ? 13.105  -14.488 -5.675  1.00 60.40  ? 51   ARG A NE  1 
ATOM   329  C CZ  . ARG A 1 51 ? 12.949  -15.771 -5.987  1.00 84.35  ? 51   ARG A CZ  1 
ATOM   330  N NH1 . ARG A 1 51 ? 13.196  -16.186 -7.219  1.00 92.27  ? 51   ARG A NH1 1 
ATOM   331  N NH2 . ARG A 1 51 ? 12.550  -16.644 -5.069  1.00 80.18  ? 51   ARG A NH2 1 
ATOM   332  N N   . ASP A 1 52 ? 8.837   -11.010 -5.086  1.00 44.92  ? 52   ASP A N   1 
ATOM   333  C CA  . ASP A 1 52 ? 7.507   -11.329 -4.563  1.00 52.56  ? 52   ASP A CA  1 
ATOM   334  C C   . ASP A 1 52 ? 7.545   -12.583 -3.700  1.00 35.63  ? 52   ASP A C   1 
ATOM   335  O O   . ASP A 1 52 ? 8.353   -13.486 -3.933  1.00 35.45  ? 52   ASP A O   1 
ATOM   336  C CB  . ASP A 1 52 ? 6.517   -11.553 -5.714  1.00 57.81  ? 52   ASP A CB  1 
ATOM   337  C CG  . ASP A 1 52 ? 6.485   -10.401 -6.694  1.00 58.06  ? 52   ASP A CG  1 
ATOM   338  O OD1 . ASP A 1 52 ? 6.867   -9.278  -6.306  1.00 57.91  ? 52   ASP A OD1 1 
ATOM   339  O OD2 . ASP A 1 52 ? 6.068   -10.619 -7.855  1.00 53.54  ? 52   ASP A OD2 1 
ATOM   340  N N   . SER A 1 53 ? 6.662   -12.645 -2.707  1.00 35.70  ? 53   SER A N   1 
ATOM   341  C CA  . SER A 1 53 ? 6.643   -13.779 -1.792  1.00 24.69  ? 53   SER A CA  1 
ATOM   342  C C   . SER A 1 53 ? 5.317   -13.904 -1.052  1.00 26.26  ? 53   SER A C   1 
ATOM   343  O O   . SER A 1 53 ? 4.691   -12.900 -0.716  1.00 28.87  ? 53   SER A O   1 
ATOM   344  C CB  . SER A 1 53 ? 7.781   -13.658 -0.779  1.00 27.11  ? 53   SER A CB  1 
ATOM   345  O OG  . SER A 1 53 ? 7.844   -14.804 0.050   1.00 24.44  ? 53   SER A OG  1 
ATOM   346  N N   . ASP A 1 54 ? 4.911   -15.148 -0.802  1.00 20.05  ? 54   ASP A N   1 
ATOM   347  C CA  . ASP A 1 54 ? 3.735   -15.467 -0.004  1.00 26.69  ? 54   ASP A CA  1 
ATOM   348  C C   . ASP A 1 54 ? 4.101   -15.577 1.467   1.00 22.61  ? 54   ASP A C   1 
ATOM   349  O O   . ASP A 1 54 ? 3.241   -15.837 2.307   1.00 20.03  ? 54   ASP A O   1 
ATOM   350  C CB  . ASP A 1 54 ? 3.126   -16.792 -0.463  1.00 27.83  ? 54   ASP A CB  1 
ATOM   351  C CG  . ASP A 1 54 ? 2.392   -16.671 -1.784  1.00 36.21  ? 54   ASP A CG  1 
ATOM   352  O OD1 . ASP A 1 54 ? 2.195   -15.530 -2.256  1.00 38.46  ? 54   ASP A OD1 1 
ATOM   353  O OD2 . ASP A 1 54 ? 2.005   -17.719 -2.346  1.00 52.05  ? 54   ASP A OD2 1 
ATOM   354  N N   . TRP A 1 55 ? 5.372   -15.440 1.769   1.00 13.90  ? 55   TRP A N   1 
ATOM   355  C CA  . TRP A 1 55 ? 5.845   -15.430 3.137   1.00 18.56  ? 55   TRP A CA  1 
ATOM   356  C C   . TRP A 1 55 ? 6.414   -14.076 3.550   1.00 21.95  ? 55   TRP A C   1 
ATOM   357  O O   . TRP A 1 55 ? 7.392   -13.613 2.977   1.00 14.63  ? 55   TRP A O   1 
ATOM   358  C CB  . TRP A 1 55 ? 6.870   -16.504 3.389   1.00 18.98  ? 55   TRP A CB  1 
ATOM   359  C CG  . TRP A 1 55 ? 6.373   -17.877 3.361   1.00 30.19  ? 55   TRP A CG  1 
ATOM   360  C CD1 . TRP A 1 55 ? 6.232   -18.623 2.284   1.00 23.19  ? 55   TRP A CD1 1 
ATOM   361  C CD2 . TRP A 1 55 ? 5.978   -18.694 4.472   1.00 19.26  ? 55   TRP A CD2 1 
ATOM   362  N NE1 . TRP A 1 55 ? 5.780   -19.842 2.602   1.00 29.36  ? 55   TRP A NE1 1 
ATOM   363  C CE2 . TRP A 1 55 ? 5.601   -19.918 3.953   1.00 34.78  ? 55   TRP A CE2 1 
ATOM   364  C CE3 . TRP A 1 55 ? 5.887   -18.501 5.842   1.00 19.74  ? 55   TRP A CE3 1 
ATOM   365  C CZ2 . TRP A 1 55 ? 5.164   -20.966 4.758   1.00 23.67  ? 55   TRP A CZ2 1 
ATOM   366  C CZ3 . TRP A 1 55 ? 5.443   -19.529 6.629   1.00 21.72  ? 55   TRP A CZ3 1 
ATOM   367  C CH2 . TRP A 1 55 ? 5.098   -20.743 6.087   1.00 27.80  ? 55   TRP A CH2 1 
ATOM   368  N N   . TRP A 1 56 ? 5.785   -13.481 4.562   1.00 15.25  ? 56   TRP A N   1 
ATOM   369  C CA  . TRP A 1 56 ? 6.159   -12.132 4.984   1.00 12.74  ? 56   TRP A CA  1 
ATOM   370  C C   . TRP A 1 56 ? 7.022   -12.084 6.249   1.00 21.07  ? 56   TRP A C   1 
ATOM   371  O O   . TRP A 1 56 ? 6.764   -12.788 7.224   1.00 20.48  ? 56   TRP A O   1 
ATOM   372  C CB  . TRP A 1 56 ? 4.913   -11.257 5.143   1.00 14.31  ? 56   TRP A CB  1 
ATOM   373  C CG  . TRP A 1 56 ? 4.255   -10.952 3.824   1.00 20.17  ? 56   TRP A CG  1 
ATOM   374  C CD1 . TRP A 1 56 ? 4.597   -11.458 2.607   1.00 21.60  ? 56   TRP A CD1 1 
ATOM   375  C CD2 . TRP A 1 56 ? 3.118   -10.100 3.604   1.00 20.06  ? 56   TRP A CD2 1 
ATOM   376  N NE1 . TRP A 1 56 ? 3.761   -10.963 1.638   1.00 25.06  ? 56   TRP A NE1 1 
ATOM   377  C CE2 . TRP A 1 56 ? 2.850   -10.135 2.216   1.00 17.83  ? 56   TRP A CE2 1 
ATOM   378  C CE3 . TRP A 1 56 ? 2.313   -9.320  4.431   1.00 23.88  ? 56   TRP A CE3 1 
ATOM   379  C CZ2 . TRP A 1 56 ? 1.803   -9.408  1.651   1.00 21.14  ? 56   TRP A CZ2 1 
ATOM   380  C CZ3 . TRP A 1 56 ? 1.274   -8.599  3.861   1.00 28.82  ? 56   TRP A CZ3 1 
ATOM   381  C CH2 . TRP A 1 56 ? 1.031   -8.650  2.484   1.00 25.48  ? 56   TRP A CH2 1 
ATOM   382  N N   . LYS A 1 57 ? 8.052   -11.247 6.230   1.00 16.12  ? 57   LYS A N   1 
ATOM   383  C CA  . LYS A 1 57 ? 8.893   -11.089 7.402   1.00 17.76  ? 57   LYS A CA  1 
ATOM   384  C C   . LYS A 1 57 ? 8.271   -10.107 8.380   1.00 14.28  ? 57   LYS A C   1 
ATOM   385  O O   . LYS A 1 57 ? 7.838   -9.019  7.992   1.00 15.23  ? 57   LYS A O   1 
ATOM   386  C CB  . LYS A 1 57 ? 10.305  -10.639 7.025   1.00 18.36  ? 57   LYS A CB  1 
ATOM   387  C CG  . LYS A 1 57 ? 11.250  -10.605 8.223   1.00 18.95  ? 57   LYS A CG  1 
ATOM   388  C CD  . LYS A 1 57 ? 12.698  -10.411 7.797   1.00 23.97  ? 57   LYS A CD  1 
ATOM   389  C CE  . LYS A 1 57 ? 12.971  -8.974  7.377   1.00 22.62  ? 57   LYS A CE  1 
ATOM   390  N NZ  . LYS A 1 57 ? 14.388  -8.809  6.935   1.00 25.18  ? 57   LYS A NZ  1 
ATOM   391  N N   . VAL A 1 58 ? 8.252   -10.495 9.651   1.00 12.12  ? 58   VAL A N   1 
ATOM   392  C CA  . VAL A 1 58 ? 7.589   -9.719  10.689  1.00 16.10  ? 58   VAL A CA  1 
ATOM   393  C C   . VAL A 1 58 ? 8.331   -9.838  12.011  1.00 19.90  ? 58   VAL A C   1 
ATOM   394  O O   . VAL A 1 58 ? 9.220   -10.677 12.162  1.00 17.95  ? 58   VAL A O   1 
ATOM   395  C CB  . VAL A 1 58 ? 6.146   -10.190 10.914  1.00 11.86  ? 58   VAL A CB  1 
ATOM   396  C CG1 . VAL A 1 58 ? 5.370   -10.194 9.595   1.00 18.07  ? 58   VAL A CG1 1 
ATOM   397  C CG2 . VAL A 1 58 ? 6.137   -11.581 11.547  1.00 12.72  ? 58   VAL A CG2 1 
ATOM   398  N N   . ARG A 1 59 ? 7.946   -8.989  12.953  1.00 17.12  ? 59   ARG A N   1 
ATOM   399  C CA  . ARG A 1 59 ? 8.455   -8.979  14.302  1.00 19.19  ? 59   ARG A CA  1 
ATOM   400  C C   . ARG A 1 59 ? 7.327   -9.197  15.314  1.00 18.14  ? 59   ARG A C   1 
ATOM   401  O O   . ARG A 1 59 ? 6.358   -8.526  15.259  1.00 17.54  ? 59   ARG A O   1 
ATOM   402  C CB  . ARG A 1 59 ? 9.213   -7.659  14.568  1.00 19.80  ? 59   ARG A CB  1 
ATOM   403  C CG  . ARG A 1 59 ? 9.812   -7.503  15.930  1.00 26.15  ? 59   ARG A CG  1 
ATOM   404  C CD  . ARG A 1 59 ? 10.668  -6.247  16.078  1.00 28.61  ? 59   ARG A CD  1 
ATOM   405  N NE  . ARG A 1 59 ? 11.275  -6.156  17.384  1.00 31.95  ? 59   ARG A NE  1 
ATOM   406  C CZ  . ARG A 1 59 ? 10.748  -5.580  18.451  1.00 34.10  ? 59   ARG A CZ  1 
ATOM   407  N NH1 . ARG A 1 59 ? 9.597   -4.966  18.394  1.00 33.53  ? 59   ARG A NH1 1 
ATOM   408  N NH2 . ARG A 1 59 ? 11.416  -5.575  19.574  1.00 38.55  ? 59   ARG A NH2 1 
ATOM   409  N N   . THR A 1 60 ? 7.486   -10.143 16.199  1.00 18.29  ? 60   THR A N   1 
ATOM   410  C CA  . THR A 1 60 ? 6.379   -10.592 17.011  1.00 18.18  ? 60   THR A CA  1 
ATOM   411  C C   . THR A 1 60 ? 6.161   -9.711  18.234  1.00 19.59  ? 60   THR A C   1 
ATOM   412  O O   . THR A 1 60 ? 6.845   -8.796  18.458  1.00 19.50  ? 60   THR A O   1 
ATOM   413  C CB  . THR A 1 60 ? 6.521   -12.036 17.514  1.00 15.49  ? 60   THR A CB  1 
ATOM   414  O OG1 . THR A 1 60 ? 7.616   -12.119 18.388  1.00 23.03  ? 60   THR A OG1 1 
ATOM   415  C CG2 . THR A 1 60 ? 6.699   -12.988 16.433  1.00 12.63  ? 60   THR A CG2 1 
ATOM   416  N N   . LYS A 1 61 ? 5.176   -10.056 19.017  1.00 20.15  ? 61   LYS A N   1 
ATOM   417  C CA  . LYS A 1 61 ? 4.978   -9.483  20.314  1.00 29.13  ? 61   LYS A CA  1 
ATOM   418  C C   . LYS A 1 61 ? 6.100   -9.659  21.335  1.00 32.34  ? 61   LYS A C   1 
ATOM   419  O O   . LYS A 1 61 ? 6.177   -8.918  22.246  1.00 33.50  ? 61   LYS A O   1 
ATOM   420  C CB  . LYS A 1 61 ? 3.635   -9.890  20.895  1.00 24.96  ? 61   LYS A CB  1 
ATOM   421  C CG  . LYS A 1 61 ? 3.570   -11.304 21.349  1.00 25.73  ? 61   LYS A CG  1 
ATOM   422  C CD  . LYS A 1 61 ? 2.215   -11.703 21.855  1.00 24.37  ? 61   LYS A CD  1 
ATOM   423  C CE  . LYS A 1 61 ? 2.291   -13.118 22.404  1.00 39.73  ? 61   LYS A CE  1 
ATOM   424  N NZ  . LYS A 1 61 ? 1.362   -14.140 21.910  1.00 29.35  ? 61   LYS A NZ  1 
ATOM   425  N N   . ASN A 1 62 ? 7.000   -10.605 21.197  1.00 28.51  ? 62   ASN A N   1 
ATOM   426  C CA  . ASN A 1 62 ? 8.202   -10.462 21.986  1.00 29.88  ? 62   ASN A CA  1 
ATOM   427  C C   . ASN A 1 62 ? 9.537   -10.301 21.305  1.00 28.71  ? 62   ASN A C   1 
ATOM   428  O O   . ASN A 1 62 ? 10.539  -10.772 21.792  1.00 34.60  ? 62   ASN A O   1 
ATOM   429  C CB  . ASN A 1 62 ? 8.236   -11.416 23.142  1.00 37.34  ? 62   ASN A CB  1 
ATOM   430  C CG  . ASN A 1 62 ? 7.479   -12.663 22.862  1.00 43.84  ? 62   ASN A CG  1 
ATOM   431  O OD1 . ASN A 1 62 ? 7.711   -13.306 21.864  1.00 51.62  ? 62   ASN A OD1 1 
ATOM   432  N ND2 . ASN A 1 62 ? 6.556   -12.997 23.719  1.00 30.54  ? 62   ASN A ND2 1 
ATOM   433  N N   . GLY A 1 63 ? 9.513   -9.697  20.141  1.00 23.51  ? 63   GLY A N   1 
ATOM   434  C CA  . GLY A 1 63 ? 10.698  -9.193  19.507  1.00 20.31  ? 63   GLY A CA  1 
ATOM   435  C C   . GLY A 1 63 ? 11.453  -10.180 18.679  1.00 21.90  ? 63   GLY A C   1 
ATOM   436  O O   . GLY A 1 63 ? 12.521  -9.878  18.257  1.00 29.01  ? 63   GLY A O   1 
ATOM   437  N N   . ASN A 1 64 ? 10.898  -11.362 18.454  1.00 17.26  ? 64   ASN A N   1 
ATOM   438  C CA  . ASN A 1 64 ? 11.390  -12.279 17.467  1.00 18.76  ? 64   ASN A CA  1 
ATOM   439  C C   . ASN A 1 64 ? 11.053  -11.818 16.048  1.00 17.40  ? 64   ASN A C   1 
ATOM   440  O O   . ASN A 1 64 ? 9.973   -11.407 15.792  1.00 18.52  ? 64   ASN A O   1 
ATOM   441  C CB  . ASN A 1 64 ? 10.810  -13.673 17.699  1.00 32.45  ? 64   ASN A CB  1 
ATOM   442  C CG  . ASN A 1 64 ? 11.276  -14.305 18.938  1.00 44.04  ? 64   ASN A CG  1 
ATOM   443  O OD1 . ASN A 1 64 ? 11.022  -15.447 19.154  1.00 50.02  ? 64   ASN A OD1 1 
ATOM   444  N ND2 . ASN A 1 64 ? 11.949  -13.581 19.760  1.00 40.14  ? 64   ASN A ND2 1 
ATOM   445  N N   . ILE A 1 65 ? 12.026  -11.941 15.161  1.00 17.81  ? 65   ILE A N   1 
ATOM   446  C CA  . ILE A 1 65 ? 11.894  -11.799 13.730  1.00 12.66  ? 65   ILE A CA  1 
ATOM   447  C C   . ILE A 1 65 ? 11.856  -13.112 12.936  1.00 19.10  ? 65   ILE A C   1 
ATOM   448  O O   . ILE A 1 65 ? 12.625  -14.000 13.192  1.00 19.55  ? 65   ILE A O   1 
ATOM   449  C CB  . ILE A 1 65 ? 12.921  -10.819 13.182  1.00 21.25  ? 65   ILE A CB  1 
ATOM   450  C CG1 . ILE A 1 65 ? 12.846  -9.543  13.980  1.00 22.49  ? 65   ILE A CG1 1 
ATOM   451  C CG2 . ILE A 1 65 ? 12.671  -10.442 11.747  1.00 24.22  ? 65   ILE A CG2 1 
ATOM   452  C CD1 . ILE A 1 65 ? 13.521  -8.488  13.391  1.00 29.99  ? 65   ILE A CD1 1 
ATOM   453  N N   . GLY A 1 66 ? 10.936  -13.200 11.992  1.00 14.15  ? 66   GLY A N   1 
ATOM   454  C CA  . GLY A 1 66 ? 10.778  -14.413 11.213  1.00 18.12  ? 66   GLY A CA  1 
ATOM   455  C C   . GLY A 1 66 ? 9.692   -14.274 10.171  1.00 13.30  ? 66   GLY A C   1 
ATOM   456  O O   . GLY A 1 66 ? 9.023   -13.244 10.108  1.00 16.69  ? 66   GLY A O   1 
ATOM   457  N N   . TYR A 1 67 ? 9.511   -15.315 9.363   1.00 11.87  ? 67   TYR A N   1 
ATOM   458  C CA  . TYR A 1 67 ? 8.521   -15.292 8.296   1.00 15.50  ? 67   TYR A CA  1 
ATOM   459  C C   . TYR A 1 67 ? 7.223   -15.971 8.702   1.00 22.37  ? 67   TYR A C   1 
ATOM   460  O O   . TYR A 1 67 ? 7.213   -16.927 9.485   1.00 18.39  ? 67   TYR A O   1 
ATOM   461  C CB  . TYR A 1 67 ? 9.073   -15.951 7.037   1.00 14.51  ? 67   TYR A CB  1 
ATOM   462  C CG  . TYR A 1 67 ? 10.182  -15.149 6.405   1.00 20.98  ? 67   TYR A CG  1 
ATOM   463  C CD1 . TYR A 1 67 ? 11.507  -15.349 6.775   1.00 20.61  ? 67   TYR A CD1 1 
ATOM   464  C CD2 . TYR A 1 67 ? 9.904   -14.178 5.449   1.00 15.16  ? 67   TYR A CD2 1 
ATOM   465  C CE1 . TYR A 1 67 ? 12.522  -14.607 6.211   1.00 26.25  ? 67   TYR A CE1 1 
ATOM   466  C CE2 . TYR A 1 67 ? 10.909  -13.438 4.876   1.00 15.63  ? 67   TYR A CE2 1 
ATOM   467  C CZ  . TYR A 1 67 ? 12.216  -13.651 5.261   1.00 27.61  ? 67   TYR A CZ  1 
ATOM   468  O OH  . TYR A 1 67 ? 13.232  -12.912 4.691   1.00 34.26  ? 67   TYR A OH  1 
ATOM   469  N N   . ILE A 1 68 ? 6.127   -15.460 8.158   1.00 17.36  ? 68   ILE A N   1 
ATOM   470  C CA  . ILE A 1 68 ? 4.810   -16.015 8.400   1.00 21.39  ? 68   ILE A CA  1 
ATOM   471  C C   . ILE A 1 68 ? 4.064   -16.043 7.069   1.00 19.67  ? 68   ILE A C   1 
ATOM   472  O O   . ILE A 1 68 ? 4.486   -15.375 6.115   1.00 16.77  ? 68   ILE A O   1 
ATOM   473  C CB  . ILE A 1 68 ? 4.057   -15.204 9.485   1.00 23.62  ? 68   ILE A CB  1 
ATOM   474  C CG1 . ILE A 1 68 ? 4.031   -13.710 9.140   1.00 23.77  ? 68   ILE A CG1 1 
ATOM   475  C CG2 . ILE A 1 68 ? 4.713   -15.413 10.859  1.00 18.68  ? 68   ILE A CG2 1 
ATOM   476  C CD1 . ILE A 1 68 ? 2.792   -13.284 8.337   1.00 11.55  ? 68   ILE A CD1 1 
ATOM   477  N N   . PRO A 1 69 ? 2.992   -16.857 6.980   1.00 21.55  ? 69   PRO A N   1 
ATOM   478  C CA  . PRO A 1 69 ? 2.183   -16.913 5.758   1.00 28.11  ? 69   PRO A CA  1 
ATOM   479  C C   . PRO A 1 69 ? 1.296   -15.670 5.641   1.00 18.28  ? 69   PRO A C   1 
ATOM   480  O O   . PRO A 1 69 ? 0.604   -15.314 6.593   1.00 13.86  ? 69   PRO A O   1 
ATOM   481  C CB  . PRO A 1 69 ? 1.316   -18.172 5.952   1.00 12.73  ? 69   PRO A CB  1 
ATOM   482  C CG  . PRO A 1 69 ? 1.853   -18.862 7.176   1.00 18.92  ? 69   PRO A CG  1 
ATOM   483  C CD  . PRO A 1 69 ? 2.507   -17.803 7.998   1.00 17.49  ? 69   PRO A CD  1 
ATOM   484  N N   . TYR A 1 70 ? 1.318   -15.034 4.476   1.00 18.96  ? 70   TYR A N   1 
ATOM   485  C CA  . TYR A 1 70 ? 0.587   -13.792 4.252   1.00 21.57  ? 70   TYR A CA  1 
ATOM   486  C C   . TYR A 1 70 ? -0.916  -13.963 4.468   1.00 20.22  ? 70   TYR A C   1 
ATOM   487  O O   . TYR A 1 70 ? -1.592  -13.025 4.886   1.00 22.61  ? 70   TYR A O   1 
ATOM   488  C CB  . TYR A 1 70 ? 0.859   -13.264 2.838   1.00 20.08  ? 70   TYR A CB  1 
ATOM   489  C CG  . TYR A 1 70 ? 0.063   -13.969 1.767   1.00 26.49  ? 70   TYR A CG  1 
ATOM   490  C CD1 . TYR A 1 70 ? -0.878  -13.285 1.016   1.00 31.73  ? 70   TYR A CD1 1 
ATOM   491  C CD2 . TYR A 1 70 ? 0.234   -15.326 1.525   1.00 38.77  ? 70   TYR A CD2 1 
ATOM   492  C CE1 . TYR A 1 70 ? -1.616  -13.925 0.044   1.00 37.36  ? 70   TYR A CE1 1 
ATOM   493  C CE2 . TYR A 1 70 ? -0.503  -15.976 0.553   1.00 34.74  ? 70   TYR A CE2 1 
ATOM   494  C CZ  . TYR A 1 70 ? -1.428  -15.269 -0.184  1.00 34.48  ? 70   TYR A CZ  1 
ATOM   495  O OH  . TYR A 1 70 ? -2.169  -15.910 -1.153  1.00 48.33  ? 70   TYR A OH  1 
ATOM   496  N N   . ASN A 1 71 ? -1.429  -15.162 4.192   1.00 24.92  ? 71   ASN A N   1 
ATOM   497  C CA  . ASN A 1 71 ? -2.869  -15.427 4.269   1.00 25.05  ? 71   ASN A CA  1 
ATOM   498  C C   . ASN A 1 71 ? -3.393  -15.828 5.654   1.00 20.70  ? 71   ASN A C   1 
ATOM   499  O O   . ASN A 1 71 ? -4.516  -16.311 5.777   1.00 24.42  ? 71   ASN A O   1 
ATOM   500  C CB  . ASN A 1 71 ? -3.302  -16.454 3.204   1.00 18.93  ? 71   ASN A CB  1 
ATOM   501  C CG  . ASN A 1 71 ? -2.626  -17.812 3.370   1.00 20.24  ? 71   ASN A CG  1 
ATOM   502  O OD1 . ASN A 1 71 ? -1.501  -17.910 3.856   1.00 30.58  ? 71   ASN A OD1 1 
ATOM   503  N ND2 . ASN A 1 71 ? -3.316  -18.869 2.950   1.00 29.96  ? 71   ASN A ND2 1 
ATOM   504  N N   . TYR A 1 72 ? -2.569  -15.696 6.669   1.00 16.32  ? 72   TYR A N   1 
ATOM   505  C CA  . TYR A 1 72 ? -2.953  -15.930 8.011   1.00 12.03  ? 72   TYR A CA  1 
ATOM   506  C C   . TYR A 1 72 ? -3.089  -14.602 8.785   1.00 18.08  ? 72   TYR A C   1 
ATOM   507  O O   . TYR A 1 72 ? -3.316  -14.610 9.929   1.00 16.12  ? 72   TYR A O   1 
ATOM   508  C CB  . TYR A 1 72 ? -1.957  -16.817 8.696   1.00 12.43  ? 72   TYR A CB  1 
ATOM   509  C CG  . TYR A 1 72 ? -2.092  -18.294 8.549   1.00 16.24  ? 72   TYR A CG  1 
ATOM   510  C CD1 . TYR A 1 72 ? -2.065  -18.901 7.332   1.00 12.78  ? 72   TYR A CD1 1 
ATOM   511  C CD2 . TYR A 1 72 ? -2.140  -19.085 9.634   1.00 21.61  ? 72   TYR A CD2 1 
ATOM   512  C CE1 . TYR A 1 72 ? -2.139  -20.236 7.230   1.00 22.41  ? 72   TYR A CE1 1 
ATOM   513  C CE2 . TYR A 1 72 ? -2.237  -20.411 9.543   1.00 19.93  ? 72   TYR A CE2 1 
ATOM   514  C CZ  . TYR A 1 72 ? -2.236  -20.992 8.342   1.00 26.08  ? 72   TYR A CZ  1 
ATOM   515  O OH  . TYR A 1 72 ? -2.310  -22.340 8.267   1.00 32.15  ? 72   TYR A OH  1 
ATOM   516  N N   . ILE A 1 73 ? -2.986  -13.473 8.121   1.00 13.69  ? 73   ILE A N   1 
ATOM   517  C CA  . ILE A 1 73 ? -3.000  -12.185 8.802   1.00 15.43  ? 73   ILE A CA  1 
ATOM   518  C C   . ILE A 1 73 ? -3.929  -11.173 8.160   1.00 20.01  ? 73   ILE A C   1 
ATOM   519  O O   . ILE A 1 73 ? -4.398  -11.339 7.033   1.00 17.75  ? 73   ILE A O   1 
ATOM   520  C CB  . ILE A 1 73 ? -1.585  -11.551 8.888   1.00 20.04  ? 73   ILE A CB  1 
ATOM   521  C CG1 . ILE A 1 73 ? -1.084  -11.144 7.499   1.00 23.81  ? 73   ILE A CG1 1 
ATOM   522  C CG2 . ILE A 1 73 ? -0.601  -12.493 9.574   1.00 12.62  ? 73   ILE A CG2 1 
ATOM   523  C CD1 . ILE A 1 73 ? 0.087   -10.185 7.536   1.00 18.03  ? 73   ILE A CD1 1 
ATOM   524  N N   . GLU A 1 74 ? -4.203  -10.116 8.904   1.00 17.27  ? 74   GLU A N   1 
ATOM   525  C CA  . GLU A 1 74 ? -4.909  -8.976  8.358   1.00 21.13  ? 74   GLU A CA  1 
ATOM   526  C C   . GLU A 1 74 ? -4.101  -7.762  8.756   1.00 13.75  ? 74   GLU A C   1 
ATOM   527  O O   . GLU A 1 74 ? -3.490  -7.745  9.820   1.00 19.11  ? 74   GLU A O   1 
ATOM   528  C CB  . GLU A 1 74 ? -6.335  -8.897  8.912   1.00 22.03  ? 74   GLU A CB  1 
ATOM   529  C CG  . GLU A 1 74 ? -6.414  -8.578  10.396  1.00 17.06  ? 74   GLU A CG  1 
ATOM   530  C CD  . GLU A 1 74 ? -7.843  -8.553  10.906  1.00 20.11  ? 74   GLU A CD  1 
ATOM   531  O OE1 . GLU A 1 74 ? -8.038  -8.668  12.134  1.00 15.07  ? 74   GLU A OE1 1 
ATOM   532  O OE2 . GLU A 1 74 ? -8.767  -8.422  10.076  1.00 16.36  ? 74   GLU A OE2 1 
ATOM   533  N N   . ILE A 1 75 ? -4.078  -6.752  7.899   1.00 21.41  ? 75   ILE A N   1 
ATOM   534  C CA  . ILE A 1 75 ? -3.285  -5.559  8.164   1.00 20.79  ? 75   ILE A CA  1 
ATOM   535  C C   . ILE A 1 75 ? -4.117  -4.441  8.785   1.00 19.86  ? 75   ILE A C   1 
ATOM   536  O O   . ILE A 1 75 ? -4.984  -3.875  8.125   1.00 24.05  ? 75   ILE A O   1 
ATOM   537  C CB  . ILE A 1 75 ? -2.632  -5.045  6.871   1.00 26.81  ? 75   ILE A CB  1 
ATOM   538  C CG1 . ILE A 1 75 ? -1.833  -6.167  6.202   1.00 23.40  ? 75   ILE A CG1 1 
ATOM   539  C CG2 . ILE A 1 75 ? -1.755  -3.825  7.157   1.00 25.23  ? 75   ILE A CG2 1 
ATOM   540  C CD1 . ILE A 1 75 ? -1.690  -6.010  4.701   1.00 23.54  ? 75   ILE A CD1 1 
ATOM   541  N N   . ILE A 1 76 ? -3.859  -4.129  10.052  1.00 17.83  ? 76   ILE A N   1 
ATOM   542  C CA  . ILE A 1 76 ? -4.490  -2.971  10.679  1.00 30.16  ? 76   ILE A CA  1 
ATOM   543  C C   . ILE A 1 76 ? -3.930  -1.657  10.149  1.00 35.37  ? 76   ILE A C   1 
ATOM   544  O O   . ILE A 1 76 ? -4.407  -0.581  10.530  1.00 49.10  ? 76   ILE A O   1 
ATOM   545  C CB  . ILE A 1 76 ? -4.367  -2.968  12.220  1.00 44.54  ? 76   ILE A CB  1 
ATOM   546  C CG1 . ILE A 1 76 ? -3.324  -3.978  12.694  1.00 45.09  ? 76   ILE A CG1 1 
ATOM   547  C CG2 . ILE A 1 76 ? -5.718  -3.250  12.865  1.00 53.46  ? 76   ILE A CG2 1 
ATOM   548  C CD1 . ILE A 1 76 ? -3.217  -4.069  14.210  1.00 29.03  ? 76   ILE A CD1 1 
ATOM   549  N N   . ASP B 1 10 ? -14.084 24.074  -7.270  1.00 30.78  ? 10   ASP B N   1 
ATOM   550  C CA  . ASP B 1 10 ? -13.368 25.329  -7.478  1.00 28.59  ? 10   ASP B CA  1 
ATOM   551  C C   . ASP B 1 10 ? -12.018 25.096  -8.154  1.00 22.48  ? 10   ASP B C   1 
ATOM   552  O O   . ASP B 1 10 ? -11.022 24.823  -7.484  1.00 25.87  ? 10   ASP B O   1 
ATOM   553  C CB  . ASP B 1 10 ? -13.170 26.062  -6.148  1.00 28.23  ? 10   ASP B CB  1 
ATOM   554  C CG  . ASP B 1 10 ? -12.599 27.466  -6.323  1.00 40.80  ? 10   ASP B CG  1 
ATOM   555  O OD1 . ASP B 1 10 ? -12.295 27.862  -7.473  1.00 27.12  ? 10   ASP B OD1 1 
ATOM   556  O OD2 . ASP B 1 10 ? -12.463 28.177  -5.304  1.00 36.14  ? 10   ASP B OD2 1 
ATOM   557  N N   . PRO B 1 11 ? -11.987 25.221  -9.490  1.00 24.71  ? 11   PRO B N   1 
ATOM   558  C CA  . PRO B 1 11 ? -10.782 25.052  -10.312 1.00 27.26  ? 11   PRO B CA  1 
ATOM   559  C C   . PRO B 1 11 ? -9.594  25.895  -9.846  1.00 25.42  ? 11   PRO B C   1 
ATOM   560  O O   . PRO B 1 11 ? -8.460  25.423  -9.903  1.00 20.83  ? 11   PRO B O   1 
ATOM   561  C CB  . PRO B 1 11 ? -11.236 25.513  -11.703 1.00 21.15  ? 11   PRO B CB  1 
ATOM   562  C CG  . PRO B 1 11 ? -12.706 25.296  -11.713 1.00 24.99  ? 11   PRO B CG  1 
ATOM   563  C CD  . PRO B 1 11 ? -13.171 25.553  -10.305 1.00 21.38  ? 11   PRO B CD  1 
ATOM   564  N N   . SER B 1 12 ? -9.843  27.118  -9.389  1.00 24.80  ? 12   SER B N   1 
ATOM   565  C CA  . SER B 1 12 ? -8.745  28.007  -9.014  1.00 29.72  ? 12   SER B CA  1 
ATOM   566  C C   . SER B 1 12 ? -8.018  27.576  -7.736  1.00 25.34  ? 12   SER B C   1 
ATOM   567  O O   . SER B 1 12 ? -6.966  28.120  -7.404  1.00 25.17  ? 12   SER B O   1 
ATOM   568  C CB  . SER B 1 12 ? -9.240  29.455  -8.884  1.00 34.80  ? 12   SER B CB  1 
ATOM   569  O OG  . SER B 1 12 ? -10.411 29.530  -8.088  1.00 35.64  ? 12   SER B OG  1 
ATOM   570  N N   . LYS B 1 13 ? -8.569  26.611  -7.028  1.00 26.84  ? 13   LYS B N   1 
ATOM   571  C CA  . LYS B 1 13 ? -7.919  26.044  -5.857  1.00 27.63  ? 13   LYS B CA  1 
ATOM   572  C C   . LYS B 1 13 ? -7.402  24.596  -6.025  1.00 29.20  ? 13   LYS B C   1 
ATOM   573  O O   . LYS B 1 13 ? -7.236  23.896  -5.047  1.00 33.62  ? 13   LYS B O   1 
ATOM   574  C CB  . LYS B 1 13 ? -8.838  26.118  -4.669  1.00 33.10  ? 13   LYS B CB  1 
ATOM   575  C CG  . LYS B 1 13 ? -8.688  27.391  -3.820  1.00 45.14  ? 13   LYS B CG  1 
ATOM   576  C CD  . LYS B 1 13 ? -9.013  27.182  -2.315  1.00 70.93  ? 13   LYS B CD  1 
ATOM   577  C CE  . LYS B 1 13 ? -7.764  27.128  -1.339  1.00 77.13  ? 13   LYS B CE  1 
ATOM   578  N NZ  . LYS B 1 13 ? -7.766  26.044  -0.303  1.00 40.15  ? 13   LYS B NZ  1 
ATOM   579  N N   . LEU B 1 14 ? -7.150  24.176  -7.263  1.00 31.30  ? 14   LEU B N   1 
ATOM   580  C CA  . LEU B 1 14 ? -6.690  22.826  -7.611  1.00 25.00  ? 14   LEU B CA  1 
ATOM   581  C C   . LEU B 1 14 ? -5.178  22.703  -7.462  1.00 22.98  ? 14   LEU B C   1 
ATOM   582  O O   . LEU B 1 14 ? -4.449  23.588  -7.841  1.00 32.77  ? 14   LEU B O   1 
ATOM   583  C CB  . LEU B 1 14 ? -7.078  22.511  -9.063  1.00 22.25  ? 14   LEU B CB  1 
ATOM   584  C CG  . LEU B 1 14 ? -8.518  22.182  -9.436  1.00 24.33  ? 14   LEU B CG  1 
ATOM   585  C CD1 . LEU B 1 14 ? -8.702  21.970  -10.886 1.00 26.98  ? 14   LEU B CD1 1 
ATOM   586  C CD2 . LEU B 1 14 ? -9.233  21.145  -8.599  1.00 26.04  ? 14   LEU B CD2 1 
ATOM   587  N N   . GLU B 1 15 ? -4.715  21.601  -6.898  1.00 25.76  ? 15   GLU B N   1 
ATOM   588  C CA  . GLU B 1 15 ? -3.327  21.188  -7.075  1.00 22.62  ? 15   GLU B CA  1 
ATOM   589  C C   . GLU B 1 15 ? -3.113  20.447  -8.385  1.00 22.98  ? 15   GLU B C   1 
ATOM   590  O O   . GLU B 1 15 ? -3.986  19.849  -8.856  1.00 21.58  ? 15   GLU B O   1 
ATOM   591  C CB  . GLU B 1 15 ? -2.839  20.347  -5.927  1.00 20.63  ? 15   GLU B CB  1 
ATOM   592  C CG  . GLU B 1 15 ? -2.367  21.080  -4.758  1.00 30.55  ? 15   GLU B CG  1 
ATOM   593  C CD  . GLU B 1 15 ? -1.907  20.213  -3.641  1.00 39.95  ? 15   GLU B CD  1 
ATOM   594  O OE1 . GLU B 1 15 ? -1.352  20.746  -2.698  1.00 54.48  ? 15   GLU B OE1 1 
ATOM   595  O OE2 . GLU B 1 15 ? -2.068  19.024  -3.670  1.00 39.58  ? 15   GLU B OE2 1 
ATOM   596  N N   . PHE B 1 16 ? -1.946  20.564  -8.969  1.00 22.50  ? 16   PHE B N   1 
ATOM   597  C CA  . PHE B 1 16 ? -1.590  19.861  -10.181 1.00 26.14  ? 16   PHE B CA  1 
ATOM   598  C C   . PHE B 1 16 ? -0.356  18.954  -10.014 1.00 32.16  ? 16   PHE B C   1 
ATOM   599  O O   . PHE B 1 16 ? 0.458   19.186  -9.144  1.00 27.20  ? 16   PHE B O   1 
ATOM   600  C CB  . PHE B 1 16 ? -1.402  20.793  -11.370 1.00 25.29  ? 16   PHE B CB  1 
ATOM   601  C CG  . PHE B 1 16 ? -2.561  21.662  -11.672 1.00 24.38  ? 16   PHE B CG  1 
ATOM   602  C CD1 . PHE B 1 16 ? -2.644  22.942  -11.139 1.00 23.35  ? 16   PHE B CD1 1 
ATOM   603  C CD2 . PHE B 1 16 ? -3.571  21.242  -12.477 1.00 20.88  ? 16   PHE B CD2 1 
ATOM   604  C CE1 . PHE B 1 16 ? -3.696  23.759  -11.413 1.00 21.02  ? 16   PHE B CE1 1 
ATOM   605  C CE2 . PHE B 1 16 ? -4.636  22.077  -12.729 1.00 24.80  ? 16   PHE B CE2 1 
ATOM   606  C CZ  . PHE B 1 16 ? -4.696  23.332  -12.190 1.00 20.29  ? 16   PHE B CZ  1 
ATOM   607  N N   . ALA B 1 17 ? -0.258  17.911  -10.829 1.00 21.88  ? 17   ALA B N   1 
ATOM   608  C CA  . ALA B 1 17 ? 0.859   16.979  -10.719 1.00 17.37  ? 17   ALA B CA  1 
ATOM   609  C C   . ALA B 1 17 ? 1.408   16.565  -12.083 1.00 17.71  ? 17   ALA B C   1 
ATOM   610  O O   . ALA B 1 17 ? 0.774   16.782  -13.116 1.00 17.51  ? 17   ALA B O   1 
ATOM   611  C CB  . ALA B 1 17 ? 0.439   15.749  -9.923  1.00 16.29  ? 17   ALA B CB  1 
ATOM   612  N N   . ARG B 1 18 ? 2.584   15.988  -12.096 1.00 21.68  ? 18   ARG B N   1 
ATOM   613  C CA  . ARG B 1 18 ? 3.166   15.418  -13.274 1.00 15.43  ? 18   ARG B CA  1 
ATOM   614  C C   . ARG B 1 18 ? 3.515   13.953  -13.060 1.00 15.13  ? 18   ARG B C   1 
ATOM   615  O O   . ARG B 1 18 ? 3.896   13.576  -12.004 1.00 16.66  ? 18   ARG B O   1 
ATOM   616  C CB  . ARG B 1 18 ? 4.362   16.250  -13.680 1.00 15.57  ? 18   ARG B CB  1 
ATOM   617  C CG  . ARG B 1 18 ? 5.129   15.757  -14.830 1.00 15.14  ? 18   ARG B CG  1 
ATOM   618  C CD  . ARG B 1 18 ? 6.019   16.812  -15.329 1.00 32.41  ? 18   ARG B CD  1 
ATOM   619  N NE  . ARG B 1 18 ? 7.149   16.995  -14.437 1.00 29.99  ? 18   ARG B NE  1 
ATOM   620  C CZ  . ARG B 1 18 ? 8.047   17.956  -14.524 1.00 26.88  ? 18   ARG B CZ  1 
ATOM   621  N NH1 . ARG B 1 18 ? 9.016   17.990  -13.655 1.00 26.97  ? 18   ARG B NH1 1 
ATOM   622  N NH2 . ARG B 1 18 ? 7.972   18.861  -15.471 1.00 29.67  ? 18   ARG B NH2 1 
ATOM   623  N N   . ALA B 1 19 ? 3.381   13.146  -14.090 1.00 19.14  ? 19   ALA B N   1 
ATOM   624  C CA  . ALA B 1 19 ? 3.647   11.711  -13.993 1.00 12.85  ? 19   ALA B CA  1 
ATOM   625  C C   . ALA B 1 19 ? 5.147   11.419  -14.030 1.00 20.82  ? 19   ALA B C   1 
ATOM   626  O O   . ALA B 1 19 ? 5.866   11.939  -14.883 1.00 17.00  ? 19   ALA B O   1 
ATOM   627  C CB  . ALA B 1 19 ? 2.930   10.953  -15.115 1.00 14.76  ? 19   ALA B CB  1 
ATOM   628  N N   . LEU B 1 20 ? 5.610   10.596  -13.094 1.00 22.31  ? 20   LEU B N   1 
ATOM   629  C CA  . LEU B 1 20 ? 7.003   10.160  -13.062 1.00 23.67  ? 20   LEU B CA  1 
ATOM   630  C C   . LEU B 1 20 ? 7.210   8.863   -13.857 1.00 27.36  ? 20   LEU B C   1 
ATOM   631  O O   . LEU B 1 20 ? 8.316   8.593   -14.326 1.00 23.21  ? 20   LEU B O   1 
ATOM   632  C CB  . LEU B 1 20 ? 7.472   9.947   -11.616 1.00 14.14  ? 20   LEU B CB  1 
ATOM   633  C CG  . LEU B 1 20 ? 7.286   11.102  -10.635 1.00 22.20  ? 20   LEU B CG  1 
ATOM   634  C CD1 . LEU B 1 20 ? 7.702   10.673  -9.233  1.00 23.73  ? 20   LEU B CD1 1 
ATOM   635  C CD2 . LEU B 1 20 ? 8.071   12.333  -11.083 1.00 21.05  ? 20   LEU B CD2 1 
ATOM   636  N N   . TYR B 1 21 ? 6.152   8.066   -13.998 1.00 18.26  ? 21   TYR B N   1 
ATOM   637  C CA  . TYR B 1 21 ? 6.236   6.781   -14.686 1.00 22.06  ? 21   TYR B CA  1 
ATOM   638  C C   . TYR B 1 21 ? 5.081   6.593   -15.659 1.00 21.04  ? 21   TYR B C   1 
ATOM   639  O O   . TYR B 1 21 ? 4.020   7.184   -15.491 1.00 17.78  ? 21   TYR B O   1 
ATOM   640  C CB  . TYR B 1 21 ? 6.171   5.621   -13.686 1.00 17.96  ? 21   TYR B CB  1 
ATOM   641  C CG  . TYR B 1 21 ? 7.094   5.707   -12.490 1.00 22.70  ? 21   TYR B CG  1 
ATOM   642  C CD1 . TYR B 1 21 ? 6.750   6.453   -11.377 1.00 24.31  ? 21   TYR B CD1 1 
ATOM   643  C CD2 . TYR B 1 21 ? 8.293   5.006   -12.463 1.00 30.96  ? 21   TYR B CD2 1 
ATOM   644  C CE1 . TYR B 1 21 ? 7.581   6.522   -10.278 1.00 30.15  ? 21   TYR B CE1 1 
ATOM   645  C CE2 . TYR B 1 21 ? 9.133   5.069   -11.368 1.00 22.31  ? 21   TYR B CE2 1 
ATOM   646  C CZ  . TYR B 1 21 ? 8.768   5.828   -10.278 1.00 41.71  ? 21   TYR B CZ  1 
ATOM   647  O OH  . TYR B 1 21 ? 9.593   5.897   -9.179  1.00 34.64  ? 21   TYR B OH  1 
ATOM   648  N N   . ASP B 1 22 ? 5.284   5.751   -16.668 1.00 17.58  ? 22   ASP B N   1 
ATOM   649  C CA  . ASP B 1 22 ? 4.162   5.221   -17.434 1.00 22.37  ? 22   ASP B CA  1 
ATOM   650  C C   . ASP B 1 22 ? 3.300   4.388   -16.499 1.00 19.69  ? 22   ASP B C   1 
ATOM   651  O O   . ASP B 1 22 ? 3.815   3.651   -15.654 1.00 25.35  ? 22   ASP B O   1 
ATOM   652  C CB  . ASP B 1 22 ? 4.637   4.333   -18.586 1.00 23.24  ? 22   ASP B CB  1 
ATOM   653  C CG  . ASP B 1 22 ? 5.404   5.103   -19.645 1.00 33.72  ? 22   ASP B CG  1 
ATOM   654  O OD1 . ASP B 1 22 ? 5.848   4.469   -20.625 1.00 42.40  ? 22   ASP B OD1 1 
ATOM   655  O OD2 . ASP B 1 22 ? 5.568   6.337   -19.500 1.00 28.73  ? 22   ASP B OD2 1 
ATOM   656  N N   . PHE B 1 23 ? 1.987   4.496   -16.661 1.00 21.32  ? 23   PHE B N   1 
ATOM   657  C CA  . PHE B 1 23 ? 1.044   3.745   -15.842 1.00 18.10  ? 23   PHE B CA  1 
ATOM   658  C C   . PHE B 1 23 ? -0.094  3.197   -16.697 1.00 25.59  ? 23   PHE B C   1 
ATOM   659  O O   . PHE B 1 23 ? -0.951  3.949   -17.186 1.00 13.23  ? 23   PHE B O   1 
ATOM   660  C CB  . PHE B 1 23 ? 0.489   4.610   -14.707 1.00 19.96  ? 23   PHE B CB  1 
ATOM   661  C CG  . PHE B 1 23 ? -0.541  3.912   -13.865 1.00 23.04  ? 23   PHE B CG  1 
ATOM   662  C CD1 . PHE B 1 23 ? -0.197  2.810   -13.099 1.00 17.06  ? 23   PHE B CD1 1 
ATOM   663  C CD2 . PHE B 1 23 ? -1.855  4.349   -13.852 1.00 13.69  ? 23   PHE B CD2 1 
ATOM   664  C CE1 . PHE B 1 23 ? -1.142  2.162   -12.326 1.00 25.66  ? 23   PHE B CE1 1 
ATOM   665  C CE2 . PHE B 1 23 ? -2.807  3.706   -13.084 1.00 24.31  ? 23   PHE B CE2 1 
ATOM   666  C CZ  . PHE B 1 23 ? -2.453  2.614   -12.319 1.00 18.12  ? 23   PHE B CZ  1 
ATOM   667  N N   . VAL B 1 24 ? -0.074  1.881   -16.891 1.00 12.49  ? 24   VAL B N   1 
ATOM   668  C CA  . VAL B 1 24 ? -1.158  1.189   -17.563 1.00 13.31  ? 24   VAL B CA  1 
ATOM   669  C C   . VAL B 1 24 ? -2.075  0.661   -16.465 1.00 22.98  ? 24   VAL B C   1 
ATOM   670  O O   . VAL B 1 24 ? -1.641  -0.108  -15.610 1.00 22.62  ? 24   VAL B O   1 
ATOM   671  C CB  . VAL B 1 24 ? -0.649  0.025   -18.427 1.00 20.35  ? 24   VAL B CB  1 
ATOM   672  C CG1 . VAL B 1 24 ? -1.710  -0.367  -19.446 1.00 22.76  ? 24   VAL B CG1 1 
ATOM   673  C CG2 . VAL B 1 24 ? 0.631   0.415   -19.140 1.00 24.49  ? 24   VAL B CG2 1 
ATOM   674  N N   . PRO B 1 25 ? -3.322  1.072   -16.510 1.00 15.03  ? 25   PRO B N   1 
ATOM   675  C CA  . PRO B 1 25 ? -4.285  0.723   -15.498 1.00 18.40  ? 25   PRO B CA  1 
ATOM   676  C C   . PRO B 1 25 ? -4.667  -0.786  -15.477 1.00 19.84  ? 25   PRO B C   1 
ATOM   677  O O   . PRO B 1 25 ? -5.094  -1.254  -16.473 1.00 20.49  ? 25   PRO B O   1 
ATOM   678  C CB  . PRO B 1 25 ? -5.463  1.603   -15.833 1.00 16.50  ? 25   PRO B CB  1 
ATOM   679  C CG  . PRO B 1 25 ? -5.071  2.422   -16.802 1.00 23.05  ? 25   PRO B CG  1 
ATOM   680  C CD  . PRO B 1 25 ? -3.906  1.966   -17.481 1.00 18.57  ? 25   PRO B CD  1 
ATOM   681  N N   . GLU B 1 26 ? -4.478  -1.491  -14.376 1.00 14.29  ? 26   GLU B N   1 
ATOM   682  C CA  . GLU B 1 26 ? -5.056  -2.823  -14.166 1.00 26.19  ? 26   GLU B CA  1 
ATOM   683  C C   . GLU B 1 26 ? -6.584  -2.927  -14.092 1.00 31.13  ? 26   GLU B C   1 
ATOM   684  O O   . GLU B 1 26 ? -7.140  -3.938  -14.425 1.00 24.02  ? 26   GLU B O   1 
ATOM   685  C CB  . GLU B 1 26 ? -4.351  -3.607  -13.059 1.00 24.78  ? 26   GLU B CB  1 
ATOM   686  C CG  . GLU B 1 26 ? -2.907  -3.847  -13.405 1.00 31.65  ? 26   GLU B CG  1 
ATOM   687  C CD  . GLU B 1 26 ? -2.031  -4.499  -12.355 1.00 37.75  ? 26   GLU B CD  1 
ATOM   688  O OE1 . GLU B 1 26 ? -2.280  -4.401  -11.182 1.00 34.10  ? 26   GLU B OE1 1 
ATOM   689  O OE2 . GLU B 1 26 ? -1.040  -5.105  -12.729 1.00 42.49  ? 26   GLU B OE2 1 
ATOM   690  N N   . ASN B 1 27 ? -7.222  -1.845  -13.674 1.00 22.86  ? 27   ASN B N   1 
ATOM   691  C CA  . ASN B 1 27 ? -8.650  -1.677  -13.722 1.00 24.69  ? 27   ASN B CA  1 
ATOM   692  C C   . ASN B 1 27 ? -9.002  -0.363  -14.379 1.00 22.22  ? 27   ASN B C   1 
ATOM   693  O O   . ASN B 1 27 ? -9.124  0.647   -13.706 1.00 24.47  ? 27   ASN B O   1 
ATOM   694  C CB  . ASN B 1 27 ? -9.267  -1.819  -12.324 1.00 17.16  ? 27   ASN B CB  1 
ATOM   695  C CG  . ASN B 1 27 ? -10.766 -1.633  -12.301 1.00 25.88  ? 27   ASN B CG  1 
ATOM   696  O OD1 . ASN B 1 27 ? -11.411 -1.489  -13.296 1.00 22.91  ? 27   ASN B OD1 1 
ATOM   697  N ND2 . ASN B 1 27 ? -11.301 -1.600  -11.134 1.00 21.95  ? 27   ASN B ND2 1 
ATOM   698  N N   . PRO B 1 28 ? -9.143  -0.407  -15.704 1.00 22.26  ? 28   PRO B N   1 
ATOM   699  C CA  . PRO B 1 28 ? -9.473  0.780   -16.501 1.00 23.55  ? 28   PRO B CA  1 
ATOM   700  C C   . PRO B 1 28 ? -10.882 1.324   -16.221 1.00 39.02  ? 28   PRO B C   1 
ATOM   701  O O   . PRO B 1 28 ? -11.225 2.404   -16.695 1.00 25.57  ? 28   PRO B O   1 
ATOM   702  C CB  . PRO B 1 28 ? -9.388  0.257   -17.942 1.00 24.32  ? 28   PRO B CB  1 
ATOM   703  C CG  . PRO B 1 28 ? -9.591  -1.235  -17.809 1.00 26.14  ? 28   PRO B CG  1 
ATOM   704  C CD  . PRO B 1 28 ? -8.838  -1.564  -16.566 1.00 24.19  ? 28   PRO B CD  1 
ATOM   705  N N   . GLU B 1 29 ? -11.711 0.530   -15.586 1.00 28.50  ? 29   GLU B N   1 
ATOM   706  C CA  . GLU B 1 29 ? -12.978 1.002   -15.091 1.00 32.20  ? 29   GLU B CA  1 
ATOM   707  C C   . GLU B 1 29 ? -12.891 2.141   -14.049 1.00 33.42  ? 29   GLU B C   1 
ATOM   708  O O   . GLU B 1 29 ? -13.662 3.040   -14.117 1.00 26.51  ? 29   GLU B O   1 
ATOM   709  C CB  . GLU B 1 29 ? -13.903 -0.146  -14.696 1.00 23.48  ? 29   GLU B CB  1 
ATOM   710  C CG  . GLU B 1 29 ? -14.819 -0.596  -15.864 1.00 52.39  ? 29   GLU B CG  1 
ATOM   711  C CD  . GLU B 1 29 ? -15.583 -1.890  -15.668 1.00 59.98  ? 29   GLU B CD  1 
ATOM   712  O OE1 . GLU B 1 29 ? -15.939 -2.497  -16.680 1.00 59.40  ? 29   GLU B OE1 1 
ATOM   713  O OE2 . GLU B 1 29 ? -15.863 -2.297  -14.537 1.00 60.18  ? 29   GLU B OE2 1 
ATOM   714  N N   . MET B 1 30 ? -11.959 2.021   -13.098 1.00 23.00  ? 30   MET B N   1 
ATOM   715  C CA  . MET B 1 30 ? -11.695 2.994   -12.041 1.00 20.42  ? 30   MET B CA  1 
ATOM   716  C C   . MET B 1 30 ? -10.416 3.849   -12.188 1.00 27.41  ? 30   MET B C   1 
ATOM   717  O O   . MET B 1 30 ? -10.268 4.847   -11.550 1.00 17.75  ? 30   MET B O   1 
ATOM   718  C CB  . MET B 1 30 ? -11.690 2.323   -10.664 1.00 23.12  ? 30   MET B CB  1 
ATOM   719  C CG  . MET B 1 30 ? -13.007 1.766   -10.175 1.00 29.63  ? 30   MET B CG  1 
ATOM   720  S SD  . MET B 1 30 ? -14.222 3.005   -9.838  1.00 39.96  ? 30   MET B SD  1 
ATOM   721  C CE  . MET B 1 30 ? -15.140 2.966   -11.288 1.00 42.81  ? 30   MET B CE  1 
ATOM   722  N N   . GLU B 1 31 ? -9.497  3.427   -13.014 1.00 18.14  ? 31   GLU B N   1 
ATOM   723  C CA  . GLU B 1 31 ? -8.188  4.071   -13.109 1.00 14.53  ? 31   GLU B CA  1 
ATOM   724  C C   . GLU B 1 31 ? -7.959  4.715   -14.466 1.00 18.35  ? 31   GLU B C   1 
ATOM   725  O O   . GLU B 1 31 ? -8.517  4.278   -15.474 1.00 25.18  ? 31   GLU B O   1 
ATOM   726  C CB  . GLU B 1 31 ? -7.074  3.056   -12.847 1.00 16.72  ? 31   GLU B CB  1 
ATOM   727  C CG  . GLU B 1 31 ? -7.023  2.534   -11.421 1.00 21.44  ? 31   GLU B CG  1 
ATOM   728  C CD  . GLU B 1 31 ? -6.537  1.094   -11.337 1.00 29.62  ? 31   GLU B CD  1 
ATOM   729  O OE1 . GLU B 1 31 ? -5.944  0.600   -12.323 1.00 19.01  ? 31   GLU B OE1 1 
ATOM   730  O OE2 . GLU B 1 31 ? -6.752  0.459   -10.282 1.00 26.55  ? 31   GLU B OE2 1 
ATOM   731  N N   . VAL B 1 32 ? -7.134  5.759   -14.484 1.00 24.14  ? 32   VAL B N   1 
ATOM   732  C CA  . VAL B 1 32 ? -6.722  6.378   -15.739 1.00 18.09  ? 32   VAL B CA  1 
ATOM   733  C C   . VAL B 1 32 ? -5.277  6.022   -16.050 1.00 16.61  ? 32   VAL B C   1 
ATOM   734  O O   . VAL B 1 32 ? -4.497  5.706   -15.150 1.00 20.51  ? 32   VAL B O   1 
ATOM   735  C CB  . VAL B 1 32 ? -6.921  7.921   -15.751 1.00 27.07  ? 32   VAL B CB  1 
ATOM   736  C CG1 . VAL B 1 32 ? -8.397  8.268   -15.840 1.00 28.12  ? 32   VAL B CG1 1 
ATOM   737  C CG2 . VAL B 1 32 ? -6.283  8.572   -14.536 1.00 17.73  ? 32   VAL B CG2 1 
ATOM   738  N N   . ALA B 1 33 ? -4.931  6.056   -17.330 1.00 13.54  ? 33   ALA B N   1 
ATOM   739  C CA  . ALA B 1 33 ? -3.590  5.707   -17.778 1.00 12.96  ? 33   ALA B CA  1 
ATOM   740  C C   . ALA B 1 33 ? -2.704  6.939   -17.831 1.00 25.43  ? 33   ALA B C   1 
ATOM   741  O O   . ALA B 1 33 ? -3.174  8.036   -18.146 1.00 18.54  ? 33   ALA B O   1 
ATOM   742  C CB  . ALA B 1 33 ? -3.656  5.055   -19.141 1.00 17.07  ? 33   ALA B CB  1 
ATOM   743  N N   . LEU B 1 34 ? -1.421  6.757   -17.526 1.00 16.55  ? 34   LEU B N   1 
ATOM   744  C CA  . LEU B 1 34 ? -0.466  7.852   -17.556 1.00 17.29  ? 34   LEU B CA  1 
ATOM   745  C C   . LEU B 1 34 ? 0.734   7.557   -18.461 1.00 22.13  ? 34   LEU B C   1 
ATOM   746  O O   . LEU B 1 34 ? 1.157   6.409   -18.600 1.00 20.24  ? 34   LEU B O   1 
ATOM   747  C CB  . LEU B 1 34 ? 0.039   8.140   -16.142 1.00 29.77  ? 34   LEU B CB  1 
ATOM   748  C CG  . LEU B 1 34 ? -0.952  8.630   -15.093 1.00 25.77  ? 34   LEU B CG  1 
ATOM   749  C CD1 . LEU B 1 34 ? -0.265  8.677   -13.735 1.00 26.72  ? 34   LEU B CD1 1 
ATOM   750  C CD2 . LEU B 1 34 ? -1.506  9.999   -15.470 1.00 17.89  ? 34   LEU B CD2 1 
ATOM   751  N N   . LYS B 1 35 ? 1.243   8.569   -19.122 1.00 16.57  ? 35   LYS B N   1 
ATOM   752  C CA  . LYS B 1 35 ? 2.550   8.528   -19.725 1.00 19.85  ? 35   LYS B CA  1 
ATOM   753  C C   . LYS B 1 35 ? 3.518   9.397   -18.969 1.00 26.78  ? 35   LYS B C   1 
ATOM   754  O O   . LYS B 1 35 ? 3.135   10.449  -18.564 1.00 16.81  ? 35   LYS B O   1 
ATOM   755  C CB  . LYS B 1 35 ? 2.473   9.018   -21.154 1.00 21.60  ? 35   LYS B CB  1 
ATOM   756  C CG  . LYS B 1 35 ? 3.782   8.940   -21.866 1.00 23.04  ? 35   LYS B CG  1 
ATOM   757  C CD  . LYS B 1 35 ? 3.707   9.366   -23.283 1.00 29.93  ? 35   LYS B CD  1 
ATOM   758  C CE  . LYS B 1 35 ? 5.052   9.210   -23.975 1.00 54.33  ? 35   LYS B CE  1 
ATOM   759  N NZ  . LYS B 1 35 ? 5.081   9.357   -25.453 1.00 47.31  ? 35   LYS B NZ  1 
ATOM   760  N N   . LYS B 1 36 ? 4.765   8.966   -18.799 1.00 20.25  ? 36   LYS B N   1 
ATOM   761  C CA  . LYS B 1 36 ? 5.746   9.781   -18.130 1.00 16.37  ? 36   LYS B CA  1 
ATOM   762  C C   . LYS B 1 36 ? 5.825   11.183  -18.691 1.00 19.88  ? 36   LYS B C   1 
ATOM   763  O O   . LYS B 1 36 ? 5.898   11.355  -19.866 1.00 22.89  ? 36   LYS B O   1 
ATOM   764  C CB  . LYS B 1 36 ? 7.110   9.133   -18.040 1.00 26.81  ? 36   LYS B CB  1 
ATOM   765  C CG  . LYS B 1 36 ? 8.097   9.894   -17.171 1.00 28.49  ? 36   LYS B CG  1 
ATOM   766  C CD  . LYS B 1 36 ? 9.521   9.409   -17.295 1.00 48.93  ? 36   LYS B CD  1 
ATOM   767  C CE  . LYS B 1 36 ? 10.490  10.363  -16.593 1.00 50.83  ? 36   LYS B CE  1 
ATOM   768  N NZ  . LYS B 1 36 ? 11.124  11.342  -17.437 1.00 46.04  ? 36   LYS B NZ  1 
ATOM   769  N N   . GLY B 1 37 ? 5.729   12.174  -17.833 1.00 14.37  ? 37   GLY B N   1 
ATOM   770  C CA  . GLY B 1 37 ? 5.722   13.552  -18.255 1.00 20.71  ? 37   GLY B CA  1 
ATOM   771  C C   . GLY B 1 37 ? 4.368   14.222  -18.327 1.00 26.51  ? 37   GLY B C   1 
ATOM   772  O O   . GLY B 1 37 ? 4.294   15.425  -18.341 1.00 20.36  ? 37   GLY B O   1 
ATOM   773  N N   . ASP B 1 38 ? 3.323   13.398  -18.310 1.00 17.90  ? 38   ASP B N   1 
ATOM   774  C CA  . ASP B 1 38 ? 1.933   13.842  -18.410 1.00 15.42  ? 38   ASP B CA  1 
ATOM   775  C C   . ASP B 1 38 ? 1.495   14.694  -17.221 1.00 16.67  ? 38   ASP B C   1 
ATOM   776  O O   . ASP B 1 38 ? 1.755   14.347  -16.060 1.00 14.62  ? 38   ASP B O   1 
ATOM   777  C CB  . ASP B 1 38 ? 0.988   12.642  -18.511 1.00 13.94  ? 38   ASP B CB  1 
ATOM   778  C CG  . ASP B 1 38 ? 0.841   12.122  -19.926 1.00 23.61  ? 38   ASP B CG  1 
ATOM   779  O OD1 . ASP B 1 38 ? 1.431   12.718  -20.854 1.00 15.42  ? 38   ASP B OD1 1 
ATOM   780  O OD2 . ASP B 1 38 ? 0.119   11.115  -20.106 1.00 26.59  ? 38   ASP B OD2 1 
ATOM   781  N N   . LEU B 1 39 ? 0.803   15.788  -17.516 1.00 13.99  ? 39   LEU B N   1 
ATOM   782  C CA  . LEU B 1 39 ? 0.310   16.680  -16.469 1.00 20.86  ? 39   LEU B CA  1 
ATOM   783  C C   . LEU B 1 39 ? -1.127  16.304  -16.131 1.00 20.98  ? 39   LEU B C   1 
ATOM   784  O O   . LEU B 1 39 ? -1.851  15.778  -16.976 1.00 19.60  ? 39   LEU B O   1 
ATOM   785  C CB  . LEU B 1 39 ? 0.382   18.144  -16.915 1.00 18.95  ? 39   LEU B CB  1 
ATOM   786  C CG  . LEU B 1 39 ? 1.722   18.715  -17.372 1.00 24.71  ? 39   LEU B CG  1 
ATOM   787  C CD1 . LEU B 1 39 ? 1.545   20.128  -17.912 1.00 26.91  ? 39   LEU B CD1 1 
ATOM   788  C CD2 . LEU B 1 39 ? 2.723   18.713  -16.232 1.00 33.45  ? 39   LEU B CD2 1 
ATOM   789  N N   . MET B 1 40 ? -1.543  16.574  -14.899 1.00 21.14  ? 40   MET B N   1 
ATOM   790  C CA  . MET B 1 40 ? -2.887  16.219  -14.454 1.00 15.30  ? 40   MET B CA  1 
ATOM   791  C C   . MET B 1 40 ? -3.304  17.109  -13.287 1.00 22.33  ? 40   MET B C   1 
ATOM   792  O O   . MET B 1 40 ? -2.452  17.678  -12.598 1.00 21.50  ? 40   MET B O   1 
ATOM   793  C CB  . MET B 1 40 ? -2.917  14.761  -13.997 1.00 12.41  ? 40   MET B CB  1 
ATOM   794  C CG  . MET B 1 40 ? -2.311  14.578  -12.619 1.00 14.74  ? 40   MET B CG  1 
ATOM   795  S SD  . MET B 1 40 ? -1.696  12.922  -12.296 1.00 18.52  ? 40   MET B SD  1 
ATOM   796  C CE  . MET B 1 40 ? -0.183  12.919  -13.266 1.00 16.62  ? 40   MET B CE  1 
ATOM   797  N N   . ALA B 1 41 ? -4.616  17.214  -13.072 1.00 13.59  ? 41   ALA B N   1 
ATOM   798  C CA  . ALA B 1 41 ? -5.183  17.922  -11.925 1.00 15.80  ? 41   ALA B CA  1 
ATOM   799  C C   . ALA B 1 41 ? -5.539  16.942  -10.817 1.00 14.67  ? 41   ALA B C   1 
ATOM   800  O O   . ALA B 1 41 ? -6.122  15.888  -11.079 1.00 14.03  ? 41   ALA B O   1 
ATOM   801  C CB  . ALA B 1 41 ? -6.429  18.695  -12.345 1.00 17.28  ? 41   ALA B CB  1 
ATOM   802  N N   . ILE B 1 42 ? -5.181  17.286  -9.583  1.00 15.19  ? 42   ILE B N   1 
ATOM   803  C CA  . ILE B 1 42 ? -5.559  16.486  -8.424  1.00 15.59  ? 42   ILE B CA  1 
ATOM   804  C C   . ILE B 1 42 ? -6.950  16.882  -7.938  1.00 16.01  ? 42   ILE B C   1 
ATOM   805  O O   . ILE B 1 42 ? -7.185  18.034  -7.560  1.00 18.59  ? 42   ILE B O   1 
ATOM   806  C CB  . ILE B 1 42 ? -4.538  16.613  -7.269  1.00 21.97  ? 42   ILE B CB  1 
ATOM   807  C CG1 . ILE B 1 42 ? -3.169  16.091  -7.704  1.00 22.53  ? 42   ILE B CG1 1 
ATOM   808  C CG2 . ILE B 1 42 ? -5.001  15.839  -6.048  1.00 23.20  ? 42   ILE B CG2 1 
ATOM   809  C CD1 . ILE B 1 42 ? -2.132  16.100  -6.601  1.00 24.83  ? 42   ILE B CD1 1 
ATOM   810  N N   . LEU B 1 43 ? -7.852  15.931  -7.958  1.00 15.99  ? 43   LEU B N   1 
ATOM   811  C CA  . LEU B 1 43 ? -9.215  16.153  -7.561  1.00 16.23  ? 43   LEU B CA  1 
ATOM   812  C C   . LEU B 1 43 ? -9.461  15.781  -6.131  1.00 20.03  ? 43   LEU B C   1 
ATOM   813  O O   . LEU B 1 43 ? -10.250 16.369  -5.490  1.00 20.59  ? 43   LEU B O   1 
ATOM   814  C CB  . LEU B 1 43 ? -10.188 15.421  -8.451  1.00 16.87  ? 43   LEU B CB  1 
ATOM   815  C CG  . LEU B 1 43 ? -10.777 16.050  -9.687  1.00 24.99  ? 43   LEU B CG  1 
ATOM   816  C CD1 . LEU B 1 43 ? -9.780  16.882  -10.337 1.00 24.70  ? 43   LEU B CD1 1 
ATOM   817  C CD2 . LEU B 1 43 ? -11.362 15.020  -10.584 1.00 17.62  ? 43   LEU B CD2 1 
ATOM   818  N N   . SER B 1 44 ? -8.780  14.775  -5.648  1.00 20.18  ? 44   SER B N   1 
ATOM   819  C CA  . SER B 1 44 ? -8.866  14.361  -4.253  1.00 19.60  ? 44   SER B CA  1 
ATOM   820  C C   . SER B 1 44 ? -7.711  13.438  -3.886  1.00 19.66  ? 44   SER B C   1 
ATOM   821  O O   . SER B 1 44 ? -7.232  12.673  -4.719  1.00 24.81  ? 44   SER B O   1 
ATOM   822  C CB  . SER B 1 44 ? -10.202 13.670  -3.974  1.00 21.42  ? 44   SER B CB  1 
ATOM   823  O OG  . SER B 1 44 ? -10.287 13.261  -2.618  1.00 18.85  ? 44   SER B OG  1 
ATOM   824  N N   . LYS B 1 45 ? -7.275  13.513  -2.649  1.00 19.90  ? 45   LYS B N   1 
ATOM   825  C CA  . LYS B 1 45 ? -6.254  12.660  -2.067  1.00 26.10  ? 45   LYS B CA  1 
ATOM   826  C C   . LYS B 1 45 ? -6.838  11.596  -1.168  1.00 28.30  ? 45   LYS B C   1 
ATOM   827  O O   . LYS B 1 45 ? -6.149  10.780  -0.649  1.00 29.27  ? 45   LYS B O   1 
ATOM   828  C CB  . LYS B 1 45 ? -5.225  13.478  -1.310  1.00 22.47  ? 45   LYS B CB  1 
ATOM   829  C CG  . LYS B 1 45 ? -4.525  14.458  -2.164  1.00 25.92  ? 45   LYS B CG  1 
ATOM   830  C CD  . LYS B 1 45 ? -3.380  15.100  -1.464  1.00 27.69  ? 45   LYS B CD  1 
ATOM   831  C CE  . LYS B 1 45 ? -2.737  16.106  -2.314  1.00 33.38  ? 45   LYS B CE  1 
ATOM   832  N NZ  . LYS B 1 45 ? -2.258  17.239  -1.534  1.00 39.66  ? 45   LYS B NZ  1 
ATOM   833  N N   . LYS B 1 46 ? -8.137  11.628  -1.022  1.00 23.90  ? 46   LYS B N   1 
ATOM   834  C CA  . LYS B 1 46 ? -8.889  10.663  -0.249  1.00 27.29  ? 46   LYS B CA  1 
ATOM   835  C C   . LYS B 1 46 ? -9.740  9.669   -1.113  1.00 27.88  ? 46   LYS B C   1 
ATOM   836  O O   . LYS B 1 46 ? -9.988  9.899   -2.253  1.00 17.36  ? 46   LYS B O   1 
ATOM   837  C CB  . LYS B 1 46 ? -9.765  11.391  0.781   1.00 33.31  ? 46   LYS B CB  1 
ATOM   838  C CG  . LYS B 1 46 ? -8.997  12.263  1.820   1.00 31.33  ? 46   LYS B CG  1 
ATOM   839  C CD  . LYS B 1 46 ? -7.661  11.649  2.256   1.00 44.39  ? 46   LYS B CD  1 
ATOM   840  C CE  . LYS B 1 46 ? -6.944  12.444  3.376   1.00 51.04  ? 46   LYS B CE  1 
ATOM   841  N NZ  . LYS B 1 46 ? -6.082  11.640  4.243   1.00 42.14  ? 46   LYS B NZ  1 
ATOM   842  N N   . ASP B 1 47 ? -10.161 8.563   -0.522  1.00 25.13  ? 47   ASP B N   1 
ATOM   843  C CA  . ASP B 1 47 ? -11.216 7.772   -1.102  1.00 32.32  ? 47   ASP B CA  1 
ATOM   844  C C   . ASP B 1 47 ? -12.570 8.441   -1.089  1.00 18.90  ? 47   ASP B C   1 
ATOM   845  O O   . ASP B 1 47 ? -12.696 9.528   -0.657  1.00 19.60  ? 47   ASP B O   1 
ATOM   846  C CB  . ASP B 1 47 ? -11.259 6.341   -0.574  1.00 30.10  ? 47   ASP B CB  1 
ATOM   847  C CG  . ASP B 1 47 ? -11.719 6.250   0.838   1.00 31.42  ? 47   ASP B CG  1 
ATOM   848  O OD1 . ASP B 1 47 ? -12.173 7.218   1.387   1.00 35.37  ? 47   ASP B OD1 1 
ATOM   849  O OD2 . ASP B 1 47 ? -11.575 5.219   1.429   1.00 33.77  ? 47   ASP B OD2 1 
ATOM   850  N N   . PRO B 1 48 ? -13.555 7.750   -1.622  1.00 26.91  ? 48   PRO B N   1 
ATOM   851  C CA  . PRO B 1 48 ? -14.891 8.293   -1.796  1.00 35.05  ? 48   PRO B CA  1 
ATOM   852  C C   . PRO B 1 48 ? -15.573 8.650   -0.481  1.00 27.47  ? 48   PRO B C   1 
ATOM   853  O O   . PRO B 1 48 ? -16.371 9.499   -0.426  1.00 33.50  ? 48   PRO B O   1 
ATOM   854  C CB  . PRO B 1 48 ? -15.590 7.162   -2.521  1.00 32.96  ? 48   PRO B CB  1 
ATOM   855  C CG  . PRO B 1 48 ? -14.548 6.642   -3.323  1.00 19.65  ? 48   PRO B CG  1 
ATOM   856  C CD  . PRO B 1 48 ? -13.388 6.580   -2.477  1.00 21.05  ? 48   PRO B CD  1 
ATOM   857  N N   . LEU B 1 49 ? -15.175 8.037   0.586   1.00 24.85  ? 49   LEU B N   1 
ATOM   858  C CA  . LEU B 1 49 ? -15.873 8.197   1.791   1.00 30.78  ? 49   LEU B CA  1 
ATOM   859  C C   . LEU B 1 49 ? -14.924 8.926   2.707   1.00 37.71  ? 49   LEU B C   1 
ATOM   860  O O   . LEU B 1 49 ? -15.065 8.903   3.901   1.00 35.42  ? 49   LEU B O   1 
ATOM   861  C CB  . LEU B 1 49 ? -16.278 6.840   2.324   1.00 26.94  ? 49   LEU B CB  1 
ATOM   862  C CG  . LEU B 1 49 ? -17.085 5.888   1.444   1.00 26.51  ? 49   LEU B CG  1 
ATOM   863  C CD1 . LEU B 1 49 ? -17.576 4.775   2.224   1.00 41.95  ? 49   LEU B CD1 1 
ATOM   864  C CD2 . LEU B 1 49 ? -18.107 6.399   0.549   1.00 23.57  ? 49   LEU B CD2 1 
ATOM   865  N N   . GLY B 1 50 ? -13.975 9.628   2.114   1.00 29.20  ? 50   GLY B N   1 
ATOM   866  C CA  . GLY B 1 50 ? -13.194 10.595  2.836   1.00 24.07  ? 50   GLY B CA  1 
ATOM   867  C C   . GLY B 1 50 ? -12.034 10.037  3.615   1.00 33.12  ? 50   GLY B C   1 
ATOM   868  O O   . GLY B 1 50 ? -11.426 10.707  4.408   1.00 28.91  ? 50   GLY B O   1 
ATOM   869  N N   . ARG B 1 51 ? -11.742 8.787   3.353   1.00 28.65  ? 51   ARG B N   1 
ATOM   870  C CA  . ARG B 1 51 ? -10.716 8.047   4.029   1.00 25.95  ? 51   ARG B CA  1 
ATOM   871  C C   . ARG B 1 51 ? -9.350  8.226   3.388   1.00 37.35  ? 51   ARG B C   1 
ATOM   872  O O   . ARG B 1 51 ? -9.236  8.409   2.209   1.00 29.99  ? 51   ARG B O   1 
ATOM   873  C CB  . ARG B 1 51 ? -11.138 6.571   4.074   1.00 34.39  ? 51   ARG B CB  1 
ATOM   874  C CG  . ARG B 1 51 ? -12.260 6.283   5.107   1.00 44.85  ? 51   ARG B CG  1 
ATOM   875  C CD  . ARG B 1 51 ? -13.362 5.343   4.652   1.00 39.35  ? 51   ARG B CD  1 
ATOM   876  N NE  . ARG B 1 51 ? -12.762 4.112   4.204   1.00 62.68  ? 51   ARG B NE  1 
ATOM   877  C CZ  . ARG B 1 51 ? -13.372 2.959   4.013   1.00 65.98  ? 51   ARG B CZ  1 
ATOM   878  N NH1 . ARG B 1 51 ? -14.653 2.809   4.198   1.00 46.81  ? 51   ARG B NH1 1 
ATOM   879  N NH2 . ARG B 1 51 ? -12.644 1.944   3.635   1.00 77.80  ? 51   ARG B NH2 1 
ATOM   880  N N   . ASP B 1 52 ? -8.320  8.160   4.214   1.00 43.27  ? 52   ASP B N   1 
ATOM   881  C CA  . ASP B 1 52 ? -6.925  8.046   3.790   1.00 43.54  ? 52   ASP B CA  1 
ATOM   882  C C   . ASP B 1 52 ? -6.747  7.024   2.675   1.00 36.59  ? 52   ASP B C   1 
ATOM   883  O O   . ASP B 1 52 ? -7.268  5.938   2.778   1.00 48.37  ? 52   ASP B O   1 
ATOM   884  C CB  . ASP B 1 52 ? -6.058  7.579   4.978   1.00 56.85  ? 52   ASP B CB  1 
ATOM   885  C CG  . ASP B 1 52 ? -5.851  8.644   6.033   1.00 62.49  ? 52   ASP B CG  1 
ATOM   886  O OD1 . ASP B 1 52 ? -6.578  9.623   6.024   1.00 68.98  ? 52   ASP B OD1 1 
ATOM   887  O OD2 . ASP B 1 52 ? -4.967  8.501   6.885   1.00 60.25  ? 52   ASP B OD2 1 
ATOM   888  N N   . SER B 1 53 ? -5.990  7.352   1.629   1.00 39.91  ? 53   SER B N   1 
ATOM   889  C CA  . SER B 1 53 ? -5.836  6.477   0.469   1.00 30.07  ? 53   SER B CA  1 
ATOM   890  C C   . SER B 1 53 ? -4.506  6.677   -0.241  1.00 31.45  ? 53   SER B C   1 
ATOM   891  O O   . SER B 1 53 ? -3.972  7.792   -0.275  1.00 30.35  ? 53   SER B O   1 
ATOM   892  C CB  . SER B 1 53 ? -6.969  6.717   -0.526  1.00 27.96  ? 53   SER B CB  1 
ATOM   893  O OG  . SER B 1 53 ? -6.800  5.906   -1.672  1.00 30.13  ? 53   SER B OG  1 
ATOM   894  N N   . ASP B 1 54 ? -3.983  5.593   -0.811  1.00 24.49  ? 54   ASP B N   1 
ATOM   895  C CA  . ASP B 1 54 ? -2.765  5.639   -1.619  1.00 30.53  ? 54   ASP B CA  1 
ATOM   896  C C   . ASP B 1 54 ? -3.095  5.835   -3.095  1.00 24.36  ? 54   ASP B C   1 
ATOM   897  O O   . ASP B 1 54 ? -2.198  5.985   -3.928  1.00 24.50  ? 54   ASP B O   1 
ATOM   898  C CB  . ASP B 1 54 ? -1.949  4.356   -1.438  1.00 30.93  ? 54   ASP B CB  1 
ATOM   899  C CG  . ASP B 1 54 ? -1.295  4.265   -0.067  1.00 46.18  ? 54   ASP B CG  1 
ATOM   900  O OD1 . ASP B 1 54 ? -1.021  5.325   0.542   1.00 36.08  ? 54   ASP B OD1 1 
ATOM   901  O OD2 . ASP B 1 54 ? -1.050  3.125   0.394   1.00 54.37  ? 54   ASP B OD2 1 
ATOM   902  N N   . TRP B 1 55 ? -4.386  5.808   -3.413  1.00 18.72  ? 55   TRP B N   1 
ATOM   903  C CA  . TRP B 1 55 ? -4.862  6.130   -4.754  1.00 18.84  ? 55   TRP B CA  1 
ATOM   904  C C   . TRP B 1 55 ? -5.579  7.479   -4.741  1.00 23.73  ? 55   TRP B C   1 
ATOM   905  O O   . TRP B 1 55 ? -6.636  7.628   -4.119  1.00 20.90  ? 55   TRP B O   1 
ATOM   906  C CB  . TRP B 1 55 ? -5.825  5.064   -5.254  1.00 21.75  ? 55   TRP B CB  1 
ATOM   907  C CG  . TRP B 1 55 ? -5.220  3.714   -5.461  1.00 27.84  ? 55   TRP B CG  1 
ATOM   908  C CD1 . TRP B 1 55 ? -4.983  2.771   -4.509  1.00 26.59  ? 55   TRP B CD1 1 
ATOM   909  C CD2 . TRP B 1 55 ? -4.807  3.140   -6.708  1.00 21.46  ? 55   TRP B CD2 1 
ATOM   910  N NE1 . TRP B 1 55 ? -4.436  1.645   -5.083  1.00 37.99  ? 55   TRP B NE1 1 
ATOM   911  C CE2 . TRP B 1 55 ? -4.318  1.850   -6.432  1.00 41.65  ? 55   TRP B CE2 1 
ATOM   912  C CE3 . TRP B 1 55 ? -4.792  3.600   -8.027  1.00 21.66  ? 55   TRP B CE3 1 
ATOM   913  C CZ2 . TRP B 1 55 ? -3.820  1.011   -7.434  1.00 29.95  ? 55   TRP B CZ2 1 
ATOM   914  C CZ3 . TRP B 1 55 ? -4.304  2.766   -9.018  1.00 25.36  ? 55   TRP B CZ3 1 
ATOM   915  C CH2 . TRP B 1 55 ? -3.825  1.486   -8.717  1.00 24.48  ? 55   TRP B CH2 1 
ATOM   916  N N   . TRP B 1 56 ? -5.006  8.459   -5.425  1.00 18.21  ? 56   TRP B N   1 
ATOM   917  C CA  . TRP B 1 56 ? -5.627  9.771   -5.522  1.00 20.48  ? 56   TRP B CA  1 
ATOM   918  C C   . TRP B 1 56 ? -6.458  9.869   -6.794  1.00 19.46  ? 56   TRP B C   1 
ATOM   919  O O   . TRP B 1 56 ? -6.179  9.193   -7.781  1.00 20.62  ? 56   TRP B O   1 
ATOM   920  C CB  . TRP B 1 56 ? -4.571  10.879  -5.486  1.00 17.71  ? 56   TRP B CB  1 
ATOM   921  C CG  . TRP B 1 56 ? -3.760  10.902  -4.213  1.00 24.87  ? 56   TRP B CG  1 
ATOM   922  C CD1 . TRP B 1 56 ? -3.980  10.161  -3.090  1.00 30.94  ? 56   TRP B CD1 1 
ATOM   923  C CD2 . TRP B 1 56 ? -2.632  11.740  -3.926  1.00 21.62  ? 56   TRP B CD2 1 
ATOM   924  N NE1 . TRP B 1 56 ? -3.046  10.473  -2.128  1.00 24.23  ? 56   TRP B NE1 1 
ATOM   925  C CE2 . TRP B 1 56 ? -2.214  11.443  -2.615  1.00 24.18  ? 56   TRP B CE2 1 
ATOM   926  C CE3 . TRP B 1 56 ? -1.929  12.704  -4.656  1.00 32.97  ? 56   TRP B CE3 1 
ATOM   927  C CZ2 . TRP B 1 56 ? -1.118  12.069  -2.020  1.00 24.15  ? 56   TRP B CZ2 1 
ATOM   928  C CZ3 . TRP B 1 56 ? -0.843  13.330  -4.059  1.00 27.19  ? 56   TRP B CZ3 1 
ATOM   929  C CH2 . TRP B 1 56 ? -0.453  13.010  -2.754  1.00 19.81  ? 56   TRP B CH2 1 
ATOM   930  N N   . LYS B 1 57 ? -7.488  10.707  -6.767  1.00 27.27  ? 57   LYS B N   1 
ATOM   931  C CA  . LYS B 1 57 ? -8.332  10.900  -7.937  1.00 21.85  ? 57   LYS B CA  1 
ATOM   932  C C   . LYS B 1 57 ? -7.866  12.116  -8.735  1.00 18.78  ? 57   LYS B C   1 
ATOM   933  O O   . LYS B 1 57 ? -7.649  13.195  -8.170  1.00 21.29  ? 57   LYS B O   1 
ATOM   934  C CB  . LYS B 1 57 ? -9.800  11.054  -7.518  1.00 20.12  ? 57   LYS B CB  1 
ATOM   935  C CG  . LYS B 1 57 ? -10.741 11.302  -8.686  1.00 26.37  ? 57   LYS B CG  1 
ATOM   936  C CD  . LYS B 1 57 ? -12.204 11.190  -8.279  1.00 29.66  ? 57   LYS B CD  1 
ATOM   937  C CE  . LYS B 1 57 ? -12.600 12.282  -7.301  1.00 19.92  ? 57   LYS B CE  1 
ATOM   938  N NZ  . LYS B 1 57 ? -14.070 12.246  -7.001  1.00 19.43  ? 57   LYS B NZ  1 
ATOM   939  N N   . VAL B 1 58 ? -7.722  11.946  -10.046 1.00 14.40  ? 58   VAL B N   1 
ATOM   940  C CA  . VAL B 1 58 ? -7.201  13.015  -10.895 1.00 14.76  ? 58   VAL B CA  1 
ATOM   941  C C   . VAL B 1 58 ? -7.988  13.170  -12.189 1.00 24.02  ? 58   VAL B C   1 
ATOM   942  O O   . VAL B 1 58 ? -8.833  12.343  -12.525 1.00 19.14  ? 58   VAL B O   1 
ATOM   943  C CB  . VAL B 1 58 ? -5.704  12.800  -11.250 1.00 15.00  ? 58   VAL B CB  1 
ATOM   944  C CG1 . VAL B 1 58 ? -4.879  12.465  -9.993  1.00 14.62  ? 58   VAL B CG1 1 
ATOM   945  C CG2 . VAL B 1 58 ? -5.547  11.701  -12.304 1.00 20.73  ? 58   VAL B CG2 1 
ATOM   946  N N   . ARG B 1 59 ? -7.695  14.243  -12.913 1.00 14.56  ? 59   ARG B N   1 
ATOM   947  C CA  . ARG B 1 59 ? -8.279  14.485  -14.217 1.00 21.52  ? 59   ARG B CA  1 
ATOM   948  C C   . ARG B 1 59 ? -7.109  14.617  -15.183 1.00 15.94  ? 59   ARG B C   1 
ATOM   949  O O   . ARG B 1 59 ? -6.174  15.362  -14.922 1.00 16.72  ? 59   ARG B O   1 
ATOM   950  C CB  . ARG B 1 59 ? -9.111  15.772  -14.181 1.00 25.44  ? 59   ARG B CB  1 
ATOM   951  C CG  . ARG B 1 59 ? -9.991  16.026  -15.400 1.00 22.02  ? 59   ARG B CG  1 
ATOM   952  C CD  . ARG B 1 59 ? -10.606 17.427  -15.313 1.00 21.90  ? 59   ARG B CD  1 
ATOM   953  N NE  . ARG B 1 59 ? -11.363 17.785  -16.507 1.00 17.82  ? 59   ARG B NE  1 
ATOM   954  C CZ  . ARG B 1 59 ? -10.889 18.530  -17.499 1.00 29.98  ? 59   ARG B CZ  1 
ATOM   955  N NH1 . ARG B 1 59 ? -9.653  19.013  -17.451 1.00 26.15  ? 59   ARG B NH1 1 
ATOM   956  N NH2 . ARG B 1 59 ? -11.657 18.803  -18.543 1.00 30.53  ? 59   ARG B NH2 1 
ATOM   957  N N   . THR B 1 60 ? -7.147  13.885  -16.287 1.00 13.96  ? 60   THR B N   1 
ATOM   958  C CA  . THR B 1 60 ? -6.003  13.830  -17.194 1.00 24.48  ? 60   THR B CA  1 
ATOM   959  C C   . THR B 1 60 ? -6.033  14.921  -18.249 1.00 16.24  ? 60   THR B C   1 
ATOM   960  O O   . THR B 1 60 ? -6.999  15.666  -18.362 1.00 18.40  ? 60   THR B O   1 
ATOM   961  C CB  . THR B 1 60 ? -5.920  12.466  -17.931 1.00 25.85  ? 60   THR B CB  1 
ATOM   962  O OG1 . THR B 1 60 ? -6.976  12.380  -18.897 1.00 23.31  ? 60   THR B OG1 1 
ATOM   963  C CG2 . THR B 1 60 ? -6.027  11.309  -16.948 1.00 19.92  ? 60   THR B CG2 1 
ATOM   964  N N   . LYS B 1 61 ? -4.971  14.965  -19.046 1.00 25.05  ? 61   LYS B N   1 
ATOM   965  C CA  . LYS B 1 61 ? -4.812  15.918  -20.139 1.00 23.89  ? 61   LYS B CA  1 
ATOM   966  C C   . LYS B 1 61 ? -5.922  15.840  -21.186 1.00 23.18  ? 61   LYS B C   1 
ATOM   967  O O   . LYS B 1 61 ? -6.112  16.777  -21.956 1.00 31.39  ? 61   LYS B O   1 
ATOM   968  C CB  . LYS B 1 61 ? -3.468  15.685  -20.829 1.00 25.24  ? 61   LYS B CB  1 
ATOM   969  C CG  . LYS B 1 61 ? -3.366  14.311  -21.487 1.00 27.74  ? 61   LYS B CG  1 
ATOM   970  C CD  . LYS B 1 61 ? -1.980  14.061  -22.073 1.00 33.61  ? 61   LYS B CD  1 
ATOM   971  C CE  . LYS B 1 61 ? -1.914  12.685  -22.725 1.00 33.46  ? 61   LYS B CE  1 
ATOM   972  N NZ  . LYS B 1 61 ? -0.526  12.343  -23.150 1.00 45.10  ? 61   LYS B NZ  1 
ATOM   973  N N   . ASN B 1 62 ? -6.639  14.724  -21.248 1.00 31.42  ? 62   ASN B N   1 
ATOM   974  C CA  . ASN B 1 62 ? -7.767  14.653  -22.175 1.00 30.91  ? 62   ASN B CA  1 
ATOM   975  C C   . ASN B 1 62 ? -9.120  14.607  -21.467 1.00 25.18  ? 62   ASN B C   1 
ATOM   976  O O   . ASN B 1 62 ? -10.140 14.261  -22.069 1.00 27.10  ? 62   ASN B O   1 
ATOM   977  C CB  . ASN B 1 62 ? -7.602  13.508  -23.182 1.00 34.64  ? 62   ASN B CB  1 
ATOM   978  C CG  . ASN B 1 62 ? -7.281  12.192  -22.516 1.00 51.13  ? 62   ASN B CG  1 
ATOM   979  O OD1 . ASN B 1 62 ? -7.985  11.754  -21.605 1.00 60.97  ? 62   ASN B OD1 1 
ATOM   980  N ND2 . ASN B 1 62 ? -6.210  11.546  -22.968 1.00 62.77  ? 62   ASN B ND2 1 
ATOM   981  N N   . GLY B 1 63 ? -9.121  14.961  -20.184 1.00 21.36  ? 63   GLY B N   1 
ATOM   982  C CA  . GLY B 1 63 ? -10.360 15.173  -19.453 1.00 22.85  ? 63   GLY B CA  1 
ATOM   983  C C   . GLY B 1 63 ? -10.977 13.958  -18.790 1.00 23.74  ? 63   GLY B C   1 
ATOM   984  O O   . GLY B 1 63 ? -12.110 14.017  -18.327 1.00 26.74  ? 63   GLY B O   1 
ATOM   985  N N   . ASN B 1 64 ? -10.247 12.855  -18.736 1.00 22.29  ? 64   ASN B N   1 
ATOM   986  C CA  . ASN B 1 64 ? -10.729 11.672  -18.029 1.00 28.19  ? 64   ASN B CA  1 
ATOM   987  C C   . ASN B 1 64 ? -10.514 11.743  -16.516 1.00 25.06  ? 64   ASN B C   1 
ATOM   988  O O   . ASN B 1 64 ? -9.511  12.280  -16.040 1.00 21.98  ? 64   ASN B O   1 
ATOM   989  C CB  . ASN B 1 64 ? -10.076 10.410  -18.588 1.00 25.88  ? 64   ASN B CB  1 
ATOM   990  C CG  . ASN B 1 64 ? -10.720 9.946   -19.876 1.00 42.13  ? 64   ASN B CG  1 
ATOM   991  O OD1 . ASN B 1 64 ? -10.597 8.785   -20.272 1.00 39.50  ? 64   ASN B OD1 1 
ATOM   992  N ND2 . ASN B 1 64 ? -11.429 10.854  -20.532 1.00 37.22  ? 64   ASN B ND2 1 
ATOM   993  N N   . ILE B 1 65 ? -11.456 11.177  -15.767 1.00 26.05  ? 65   ILE B N   1 
ATOM   994  C CA  . ILE B 1 65 ? -11.395 11.175  -14.309 1.00 16.03  ? 65   ILE B CA  1 
ATOM   995  C C   . ILE B 1 65 ? -11.201 9.751   -13.782 1.00 22.55  ? 65   ILE B C   1 
ATOM   996  O O   . ILE B 1 65 ? -11.939 8.832   -14.153 1.00 19.80  ? 65   ILE B O   1 
ATOM   997  C CB  . ILE B 1 65 ? -12.671 11.831  -13.701 1.00 21.43  ? 65   ILE B CB  1 
ATOM   998  C CG1 . ILE B 1 65 ? -12.702 13.324  -14.030 1.00 25.07  ? 65   ILE B CG1 1 
ATOM   999  C CG2 . ILE B 1 65 ? -12.734 11.632  -12.191 1.00 22.08  ? 65   ILE B CG2 1 
ATOM   1000 C CD1 . ILE B 1 65 ? -14.015 13.994  -13.706 1.00 34.30  ? 65   ILE B CD1 1 
ATOM   1001 N N   . GLY B 1 66 ? -10.200 9.568   -12.925 1.00 18.25  ? 66   GLY B N   1 
ATOM   1002 C CA  . GLY B 1 66 ? -9.922  8.258   -12.369 1.00 21.29  ? 66   GLY B CA  1 
ATOM   1003 C C   . GLY B 1 66 ? -8.799  8.278   -11.355 1.00 27.18  ? 66   GLY B C   1 
ATOM   1004 O O   . GLY B 1 66 ? -8.169  9.312   -11.125 1.00 21.55  ? 66   GLY B O   1 
ATOM   1005 N N   . TYR B 1 67 ? -8.539  7.141   -10.782 1.00 17.69  ? 67   TYR B N   1 
ATOM   1006 C CA  . TYR B 1 67 ? -7.532  6.979   -9.781  1.00 17.25  ? 67   TYR B CA  1 
ATOM   1007 C C   . TYR B 1 67 ? -6.140  6.578   -10.381 1.00 22.11  ? 67   TYR B C   1 
ATOM   1008 O O   . TYR B 1 67 ? -6.067  5.896   -11.383 1.00 21.29  ? 67   TYR B O   1 
ATOM   1009 C CB  . TYR B 1 67 ? -8.027  6.040   -8.731  1.00 20.96  ? 67   TYR B CB  1 
ATOM   1010 C CG  . TYR B 1 67 ? -9.201  6.531   -7.933  1.00 30.35  ? 67   TYR B CG  1 
ATOM   1011 C CD1 . TYR B 1 67 ? -10.486 6.298   -8.337  1.00 26.49  ? 67   TYR B CD1 1 
ATOM   1012 C CD2 . TYR B 1 67 ? -9.022  7.223   -6.756  1.00 23.16  ? 67   TYR B CD2 1 
ATOM   1013 C CE1 . TYR B 1 67 ? -11.533 6.739   -7.631  1.00 24.40  ? 67   TYR B CE1 1 
ATOM   1014 C CE2 . TYR B 1 67 ? -10.075 7.653   -6.035  1.00 23.76  ? 67   TYR B CE2 1 
ATOM   1015 C CZ  . TYR B 1 67 ? -11.345 7.408   -6.461  1.00 27.52  ? 67   TYR B CZ  1 
ATOM   1016 O OH  . TYR B 1 67 ? -12.429 7.830   -5.747  1.00 32.22  ? 67   TYR B OH  1 
ATOM   1017 N N   . ILE B 1 68 ? -5.086  7.073   -9.767  1.00 18.90  ? 68   ILE B N   1 
ATOM   1018 C CA  . ILE B 1 68 ? -3.710  6.758   -10.005 1.00 15.96  ? 68   ILE B CA  1 
ATOM   1019 C C   . ILE B 1 68 ? -2.998  6.497   -8.650  1.00 23.82  ? 68   ILE B C   1 
ATOM   1020 O O   . ILE B 1 68 ? -3.487  6.902   -7.632  1.00 20.23  ? 68   ILE B O   1 
ATOM   1021 C CB  . ILE B 1 68 ? -3.056  7.870   -10.804 1.00 25.84  ? 68   ILE B CB  1 
ATOM   1022 C CG1 . ILE B 1 68 ? -3.221  9.253   -10.144 1.00 18.15  ? 68   ILE B CG1 1 
ATOM   1023 C CG2 . ILE B 1 68 ? -3.568  7.905   -12.223 1.00 27.83  ? 68   ILE B CG2 1 
ATOM   1024 C CD1 . ILE B 1 68 ? -2.224  9.486   -9.070  1.00 13.23  ? 68   ILE B CD1 1 
ATOM   1025 N N   . PRO B 1 69 ? -1.870  5.795   -8.635  1.00 20.29  ? 69   PRO B N   1 
ATOM   1026 C CA  . PRO B 1 69 ? -1.097  5.647   -7.403  1.00 18.26  ? 69   PRO B CA  1 
ATOM   1027 C C   . PRO B 1 69 ? -0.383  6.952   -7.036  1.00 16.49  ? 69   PRO B C   1 
ATOM   1028 O O   . PRO B 1 69 ? 0.139   7.562   -7.912  1.00 19.55  ? 69   PRO B O   1 
ATOM   1029 C CB  . PRO B 1 69 ? -0.076  4.556   -7.750  1.00 28.26  ? 69   PRO B CB  1 
ATOM   1030 C CG  . PRO B 1 69 ? -0.381  4.092   -8.998  1.00 27.59  ? 69   PRO B CG  1 
ATOM   1031 C CD  . PRO B 1 69 ? -1.264  5.015   -9.710  1.00 21.43  ? 69   PRO B CD  1 
ATOM   1032 N N   . TYR B 1 70 ? -0.367  7.325   -5.773  1.00 17.93  ? 70   TYR B N   1 
ATOM   1033 C CA  . TYR B 1 70 ? 0.181   8.591   -5.321  1.00 25.83  ? 70   TYR B CA  1 
ATOM   1034 C C   . TYR B 1 70 ? 1.704   8.660   -5.431  1.00 32.68  ? 70   TYR B C   1 
ATOM   1035 O O   . TYR B 1 70 ? 2.286   9.716   -5.362  1.00 24.55  ? 70   TYR B O   1 
ATOM   1036 C CB  . TYR B 1 70 ? -0.250  8.893   -3.894  1.00 22.20  ? 70   TYR B CB  1 
ATOM   1037 C CG  . TYR B 1 70 ? 0.625   8.232   -2.886  1.00 23.24  ? 70   TYR B CG  1 
ATOM   1038 C CD1 . TYR B 1 70 ? 1.631   8.892   -2.281  1.00 26.18  ? 70   TYR B CD1 1 
ATOM   1039 C CD2 . TYR B 1 70 ? 0.480   6.920   -2.619  1.00 35.86  ? 70   TYR B CD2 1 
ATOM   1040 C CE1 . TYR B 1 70 ? 2.412   8.295   -1.394  1.00 32.37  ? 70   TYR B CE1 1 
ATOM   1041 C CE2 . TYR B 1 70 ? 1.268   6.304   -1.739  1.00 38.98  ? 70   TYR B CE2 1 
ATOM   1042 C CZ  . TYR B 1 70 ? 2.236   6.985   -1.128  1.00 38.28  ? 70   TYR B CZ  1 
ATOM   1043 O OH  . TYR B 1 70 ? 3.002   6.298   -0.257  1.00 47.32  ? 70   TYR B OH  1 
ATOM   1044 N N   . ASN B 1 71 ? 2.306   7.506   -5.611  1.00 24.27  ? 71   ASN B N   1 
ATOM   1045 C CA  . ASN B 1 71 ? 3.711   7.400   -5.594  1.00 22.98  ? 71   ASN B CA  1 
ATOM   1046 C C   . ASN B 1 71 ? 4.263   7.415   -7.015  1.00 23.54  ? 71   ASN B C   1 
ATOM   1047 O O   . ASN B 1 71 ? 5.430   7.360   -7.245  1.00 21.12  ? 71   ASN B O   1 
ATOM   1048 C CB  . ASN B 1 71 ? 4.150   6.190   -4.752  1.00 26.83  ? 71   ASN B CB  1 
ATOM   1049 C CG  . ASN B 1 71 ? 3.714   4.865   -5.338  1.00 37.00  ? 71   ASN B CG  1 
ATOM   1050 O OD1 . ASN B 1 71 ? 2.654   4.716   -5.859  1.00 36.24  ? 71   ASN B OD1 1 
ATOM   1051 N ND2 . ASN B 1 71 ? 4.547   3.913   -5.224  1.00 42.73  ? 71   ASN B ND2 1 
ATOM   1052 N N   . TYR B 1 72 ? 3.367   7.537   -7.951  1.00 10.87  ? 72   TYR B N   1 
ATOM   1053 C CA  . TYR B 1 72 ? 3.703   7.637   -9.360  1.00 11.52  ? 72   TYR B CA  1 
ATOM   1054 C C   . TYR B 1 72 ? 3.765   9.079   -9.849  1.00 19.39  ? 72   TYR B C   1 
ATOM   1055 O O   . TYR B 1 72 ? 4.013   9.312   -11.027 1.00 21.09  ? 72   TYR B O   1 
ATOM   1056 C CB  . TYR B 1 72 ? 2.687   6.888   -10.210 1.00 15.41  ? 72   TYR B CB  1 
ATOM   1057 C CG  . TYR B 1 72 ? 2.983   5.420   -10.423 1.00 20.67  ? 72   TYR B CG  1 
ATOM   1058 C CD1 . TYR B 1 72 ? 3.169   4.564   -9.353  1.00 17.01  ? 72   TYR B CD1 1 
ATOM   1059 C CD2 . TYR B 1 72 ? 3.046   4.887   -11.703 1.00 21.47  ? 72   TYR B CD2 1 
ATOM   1060 C CE1 . TYR B 1 72 ? 3.416   3.218   -9.555  1.00 30.27  ? 72   TYR B CE1 1 
ATOM   1061 C CE2 . TYR B 1 72 ? 3.296   3.544   -11.912 1.00 22.21  ? 72   TYR B CE2 1 
ATOM   1062 C CZ  . TYR B 1 72 ? 3.475   2.716   -10.838 1.00 24.85  ? 72   TYR B CZ  1 
ATOM   1063 O OH  . TYR B 1 72 ? 3.725   1.379   -11.042 1.00 36.60  ? 72   TYR B OH  1 
ATOM   1064 N N   . ILE B 1 73 ? 3.575   10.054  -8.971  1.00 18.31  ? 73   ILE B N   1 
ATOM   1065 C CA  . ILE B 1 73 ? 3.408   11.453  -9.377  1.00 22.83  ? 73   ILE B CA  1 
ATOM   1066 C C   . ILE B 1 73 ? 4.217   12.492  -8.606  1.00 20.08  ? 73   ILE B C   1 
ATOM   1067 O O   . ILE B 1 73 ? 4.779   12.206  -7.610  1.00 23.97  ? 73   ILE B O   1 
ATOM   1068 C CB  . ILE B 1 73 ? 1.959   11.881  -9.475  1.00 20.94  ? 73   ILE B CB  1 
ATOM   1069 C CG1 . ILE B 1 73 ? 1.316   11.982  -8.099  1.00 27.87  ? 73   ILE B CG1 1 
ATOM   1070 C CG2 . ILE B 1 73 ? 1.211   11.007  -10.397 1.00 19.41  ? 73   ILE B CG2 1 
ATOM   1071 C CD1 . ILE B 1 73 ? 0.197   12.774  -8.064  1.00 22.88  ? 73   ILE B CD1 1 
ATOM   1072 N N   . GLU B 1 74 ? 4.262   13.698  -9.105  1.00 16.88  ? 74   GLU B N   1 
ATOM   1073 C CA  . GLU B 1 74 ? 5.064   14.758  -8.545  1.00 20.18  ? 74   GLU B CA  1 
ATOM   1074 C C   . GLU B 1 74 ? 4.156   15.966  -8.473  1.00 16.10  ? 74   GLU B C   1 
ATOM   1075 O O   . GLU B 1 74 ? 3.674   16.392  -9.448  1.00 17.02  ? 74   GLU B O   1 
ATOM   1076 C CB  . GLU B 1 74 ? 6.283   14.985  -9.467  1.00 29.74  ? 74   GLU B CB  1 
ATOM   1077 C CG  . GLU B 1 74 ? 7.217   16.015  -9.036  1.00 27.67  ? 74   GLU B CG  1 
ATOM   1078 C CD  . GLU B 1 74 ? 8.152   16.536  -10.095 1.00 25.81  ? 74   GLU B CD  1 
ATOM   1079 O OE1 . GLU B 1 74 ? 8.220   16.098  -11.224 1.00 20.02  ? 74   GLU B OE1 1 
ATOM   1080 O OE2 . GLU B 1 74 ? 8.827   17.467  -9.759  1.00 31.04  ? 74   GLU B OE2 1 
ATOM   1081 N N   . ILE B 1 75 ? 3.898   16.465  -7.291  1.00 21.33  ? 75   ILE B N   1 
ATOM   1082 C CA  . ILE B 1 75 ? 3.011   17.600  -7.153  1.00 34.31  ? 75   ILE B CA  1 
ATOM   1083 C C   . ILE B 1 75 ? 3.709   18.848  -7.654  1.00 26.15  ? 75   ILE B C   1 
ATOM   1084 O O   . ILE B 1 75 ? 4.652   19.211  -7.100  1.00 34.79  ? 75   ILE B O   1 
ATOM   1085 C CB  . ILE B 1 75 ? 2.520   17.800  -5.711  1.00 29.58  ? 75   ILE B CB  1 
ATOM   1086 C CG1 . ILE B 1 75 ? 1.627   16.671  -5.332  1.00 27.38  ? 75   ILE B CG1 1 
ATOM   1087 C CG2 . ILE B 1 75 ? 1.761   19.087  -5.592  1.00 25.07  ? 75   ILE B CG2 1 
ATOM   1088 C CD1 . ILE B 1 75 ? 1.810   16.169  -4.000  1.00 43.03  ? 75   ILE B CD1 1 
ATOM   1089 N N   . ILE B 1 76 ? 3.250   19.460  -8.712  1.00 18.55  ? 76   ILE B N   1 
ATOM   1090 C CA  . ILE B 1 76 ? 3.878   20.648  -9.282  1.00 26.88  ? 76   ILE B CA  1 
ATOM   1091 C C   . ILE B 1 76 ? 3.228   21.963  -8.856  1.00 26.78  ? 76   ILE B C   1 
ATOM   1092 O O   . ILE B 1 76 ? 3.706   23.037  -9.214  1.00 32.76  ? 76   ILE B O   1 
ATOM   1093 C CB  . ILE B 1 76 ? 3.905   20.595  -10.829 1.00 29.75  ? 76   ILE B CB  1 
ATOM   1094 C CG1 . ILE B 1 76 ? 2.490   20.672  -11.402 1.00 37.63  ? 76   ILE B CG1 1 
ATOM   1095 C CG2 . ILE B 1 76 ? 4.617   19.348  -11.314 1.00 31.43  ? 76   ILE B CG2 1 
ATOM   1096 C CD1 . ILE B 1 76 ? 2.445   20.577  -12.911 1.00 28.35  ? 76   ILE B CD1 1 
ATOM   1097 N N   . LYS B 1 77 ? 2.140   21.875  -8.097  1.00 34.52  ? 77   LYS B N   1 
ATOM   1098 C CA  . LYS B 1 77 ? 1.355   23.048  -7.716  1.00 40.91  ? 77   LYS B CA  1 
ATOM   1099 C C   . LYS B 1 77 ? 0.621   22.817  -6.398  1.00 34.24  ? 77   LYS B C   1 
ATOM   1100 O O   . LYS B 1 77 ? 1.093   23.217  -5.335  1.00 39.25  ? 77   LYS B O   1 
ATOM   1101 C CB  . LYS B 1 77 ? 0.343   23.382  -8.814  1.00 42.15  ? 77   LYS B CB  1 
ATOM   1102 C CG  . LYS B 1 77 ? -0.911  24.102  -8.326  1.00 43.97  ? 77   LYS B CG  1 
ATOM   1103 C CD  . LYS B 1 77 ? -0.876  25.602  -8.591  1.00 43.02  ? 77   LYS B CD  1 
ATOM   1104 C CE  . LYS B 1 77 ? -0.046  26.356  -7.561  1.00 68.84  ? 77   LYS B CE  1 
ATOM   1105 N NZ  . LYS B 1 77 ? -0.345  27.820  -7.619  1.00 55.66  ? 77   LYS B NZ  1 
HETATM 1106 C C   . ACE C 2 1  ? 0.043   28.993  -14.761 1.00 20.00  ? 2    ACE P C   1 
HETATM 1107 O O   . ACE C 2 1  ? 0.180   29.239  -15.964 1.00 22.34  ? 2    ACE P O   1 
HETATM 1108 C CH3 . ACE C 2 1  ? 0.796   29.754  -13.713 1.00 17.13  ? 2    ACE P CH3 1 
ATOM   1109 N N   . GLU C 2 2  ? -0.755  28.023  -14.309 1.00 24.27  ? 3    GLU P N   1 
ATOM   1110 C CA  . GLU C 2 2  ? -0.930  27.673  -12.892 1.00 29.49  ? 3    GLU P CA  1 
ATOM   1111 C C   . GLU C 2 2  ? 0.347   27.157  -12.222 1.00 40.91  ? 3    GLU P C   1 
ATOM   1112 O O   . GLU C 2 2  ? 0.575   27.389  -11.030 1.00 32.25  ? 3    GLU P O   1 
ATOM   1113 C CB  . GLU C 2 2  ? -2.016  26.607  -12.731 1.00 22.40  ? 3    GLU P CB  1 
ATOM   1114 C CG  . GLU C 2 2  ? -3.421  27.095  -12.953 1.00 24.08  ? 3    GLU P CG  1 
ATOM   1115 C CD  . GLU C 2 2  ? -3.850  28.119  -11.931 1.00 19.91  ? 3    GLU P CD  1 
ATOM   1116 O OE1 . GLU C 2 2  ? -4.525  29.091  -12.321 1.00 29.10  ? 3    GLU P OE1 1 
ATOM   1117 O OE2 . GLU C 2 2  ? -3.515  27.961  -10.739 1.00 33.32  ? 3    GLU P OE2 1 
ATOM   1118 N N   . ALA C 2 3  ? 1.229   26.535  -12.999 1.00 31.32  ? 4    ALA P N   1 
ATOM   1119 C CA  . ALA C 2 3  ? 2.313   25.730  -12.456 1.00 32.63  ? 4    ALA P CA  1 
ATOM   1120 C C   . ALA C 2 3  ? 3.562   25.871  -13.290 1.00 40.21  ? 4    ALA P C   1 
ATOM   1121 O O   . ALA C 2 3  ? 3.515   25.864  -14.485 1.00 45.16  ? 4    ALA P O   1 
ATOM   1122 C CB  . ALA C 2 3  ? 1.892   24.295  -12.351 1.00 31.89  ? 4    ALA P CB  1 
ATOM   1123 N N   . MET C 2 4  ? 4.697   26.017  -12.652 1.00 41.10  ? 5    MET P N   1 
ATOM   1124 C CA  . MET C 2 4  ? 5.928   26.136  -13.389 1.00 48.14  ? 5    MET P CA  1 
ATOM   1125 C C   . MET C 2 4  ? 7.069   25.220  -12.884 1.00 46.23  ? 5    MET P C   1 
ATOM   1126 O O   . MET C 2 4  ? 8.027   25.685  -12.293 1.00 38.16  ? 5    MET P O   1 
ATOM   1127 C CB  . MET C 2 4  ? 6.356   27.589  -13.592 1.00 39.39  ? 5    MET P CB  1 
ATOM   1128 C CG  . MET C 2 4  ? 6.512   28.454  -12.361 1.00 56.74  ? 5    MET P CG  1 
ATOM   1129 S SD  . MET C 2 4  ? 6.827   30.202  -12.740 1.00 76.66  ? 5    MET P SD  1 
ATOM   1130 C CE  . MET C 2 4  ? 8.583   30.138  -12.988 1.00 50.47  ? 5    MET P CE  1 
ATOM   1131 N N   . PRO C 2 5  ? 6.927   23.927  -13.156 1.00 42.46  ? 6    PRO P N   1 
ATOM   1132 C CA  . PRO C 2 5  ? 7.720   22.890  -12.511 1.00 48.71  ? 6    PRO P CA  1 
ATOM   1133 C C   . PRO C 2 5  ? 9.148   22.858  -12.999 1.00 42.82  ? 6    PRO P C   1 
ATOM   1134 O O   . PRO C 2 5  ? 9.485   23.453  -13.990 1.00 40.37  ? 6    PRO P O   1 
ATOM   1135 C CB  . PRO C 2 5  ? 7.028   21.610  -12.958 1.00 30.22  ? 6    PRO P CB  1 
ATOM   1136 C CG  . PRO C 2 5  ? 6.443   21.929  -14.189 1.00 39.00  ? 6    PRO P CG  1 
ATOM   1137 C CD  . PRO C 2 5  ? 6.031   23.339  -14.163 1.00 42.73  ? 6    PRO P CD  1 
ATOM   1138 N N   . PRO C 2 6  ? 9.996   22.117  -12.314 1.00 41.08  ? 7    PRO P N   1 
ATOM   1139 C CA  . PRO C 2 6  ? 11.290  21.816  -12.873 1.00 24.52  ? 7    PRO P CA  1 
ATOM   1140 C C   . PRO C 2 6  ? 11.214  21.160  -14.230 1.00 26.57  ? 7    PRO P C   1 
ATOM   1141 O O   . PRO C 2 6  ? 10.379  20.343  -14.497 1.00 30.60  ? 7    PRO P O   1 
ATOM   1142 C CB  . PRO C 2 6  ? 11.897  20.923  -11.834 1.00 30.80  ? 7    PRO P CB  1 
ATOM   1143 C CG  . PRO C 2 6  ? 11.238  21.221  -10.661 1.00 20.65  ? 7    PRO P CG  1 
ATOM   1144 C CD  . PRO C 2 6  ? 9.902   21.594  -10.962 1.00 24.21  ? 7    PRO P CD  1 
ATOM   1145 N N   . THR C 2 7  ? 12.126  21.577  -15.072 1.00 22.80  ? 8    THR P N   1 
ATOM   1146 C CA  . THR C 2 7  ? 12.413  20.945  -16.348 1.00 26.91  ? 8    THR P CA  1 
ATOM   1147 C C   . THR C 2 7  ? 12.942  19.500  -16.273 1.00 30.98  ? 8    THR P C   1 
ATOM   1148 O O   . THR C 2 7  ? 13.846  19.220  -15.558 1.00 22.45  ? 8    THR P O   1 
ATOM   1149 C CB  . THR C 2 7  ? 13.373  21.820  -17.132 1.00 32.07  ? 8    THR P CB  1 
ATOM   1150 O OG1 . THR C 2 7  ? 12.775  23.088  -17.350 1.00 37.39  ? 8    THR P OG1 1 
ATOM   1151 C CG2 . THR C 2 7  ? 13.759  21.218  -18.394 1.00 26.75  ? 8    THR P CG2 1 
ATOM   1152 N N   . LEU C 2 8  ? 12.316  18.625  -17.031 1.00 29.59  ? 9    LEU P N   1 
ATOM   1153 C CA  . LEU C 2 8  ? 12.850  17.338  -17.421 1.00 32.96  ? 9    LEU P CA  1 
ATOM   1154 C C   . LEU C 2 8  ? 13.767  17.403  -18.639 1.00 43.13  ? 9    LEU P C   1 
ATOM   1155 O O   . LEU C 2 8  ? 13.368  17.726  -19.721 1.00 37.17  ? 9    LEU P O   1 
ATOM   1156 C CB  . LEU C 2 8  ? 11.730  16.308  -17.603 1.00 26.63  ? 9    LEU P CB  1 
ATOM   1157 C CG  . LEU C 2 8  ? 10.659  16.220  -16.527 1.00 25.65  ? 9    LEU P CG  1 
ATOM   1158 C CD1 . LEU C 2 8  ? 9.482   15.433  -16.881 1.00 22.81  ? 9    LEU P CD1 1 
ATOM   1159 C CD2 . LEU C 2 8  ? 11.195  15.772  -15.273 1.00 24.79  ? 9    LEU P CD2 1 
ATOM   1160 N N   . PRO C 2 9  ? 15.018  17.056  -18.433 1.00 42.51  ? 10   PRO P N   1 
ATOM   1161 C CA  . PRO C 2 9  ? 15.937  16.875  -19.543 1.00 35.58  ? 10   PRO P CA  1 
ATOM   1162 C C   . PRO C 2 9  ? 15.531  15.749  -20.482 1.00 38.85  ? 10   PRO P C   1 
ATOM   1163 O O   . PRO C 2 9  ? 14.891  14.831  -20.064 1.00 31.89  ? 10   PRO P O   1 
ATOM   1164 C CB  . PRO C 2 9  ? 17.255  16.566  -18.844 1.00 28.53  ? 10   PRO P CB  1 
ATOM   1165 C CG  . PRO C 2 9  ? 16.934  16.282  -17.445 1.00 31.67  ? 10   PRO P CG  1 
ATOM   1166 C CD  . PRO C 2 9  ? 15.498  16.389  -17.218 1.00 27.09  ? 10   PRO P CD  1 
HETATM 1167 C C   . ACE D 2 1  ? -1.834  3.871   18.291  1.00 37.32  ? 2    ACE Q C   1 
HETATM 1168 O O   . ACE D 2 1  ? -1.364  3.808   19.431  1.00 27.85  ? 2    ACE Q O   1 
HETATM 1169 C CH3 . ACE D 2 1  ? -1.871  5.170   17.541  1.00 41.46  ? 2    ACE Q CH3 1 
ATOM   1170 N N   . GLU D 2 2  ? -1.919  3.152   17.295  1.00 59.94  ? 3    GLU Q N   1 
ATOM   1171 C CA  . GLU D 2 2  ? -1.897  3.146   15.837  1.00 74.66  ? 3    GLU Q CA  1 
ATOM   1172 C C   . GLU D 2 2  ? -2.970  2.220   15.274  1.00 64.26  ? 3    GLU Q C   1 
ATOM   1173 O O   . GLU D 2 2  ? -3.290  2.274   14.086  1.00 65.45  ? 3    GLU Q O   1 
ATOM   1174 C CB  . GLU D 2 2  ? -0.518  2.728   15.323  1.00 58.12  ? 3    GLU Q CB  1 
ATOM   1175 C CG  . GLU D 2 2  ? 0.641   3.388   16.051  1.00 58.39  ? 3    GLU Q CG  1 
ATOM   1176 C CD  . GLU D 2 2  ? 1.871   3.534   15.176  1.00 53.94  ? 3    GLU Q CD  1 
ATOM   1177 O OE1 . GLU D 2 2  ? 2.782   4.302   15.551  1.00 39.80  ? 3    GLU Q OE1 1 
ATOM   1178 O OE2 . GLU D 2 2  ? 1.926   2.881   14.112  1.00 62.36  ? 3    GLU Q OE2 1 
ATOM   1179 N N   . ALA D 2 3  ? -3.522  1.369   16.133  1.00 63.32  ? 4    ALA Q N   1 
ATOM   1180 C CA  . ALA D 2 3  ? -4.306  0.225   15.683  1.00 74.47  ? 4    ALA Q CA  1 
ATOM   1181 C C   . ALA D 2 3  ? -5.571  0.060   16.518  1.00 81.29  ? 4    ALA Q C   1 
ATOM   1182 O O   . ALA D 2 3  ? -5.612  0.453   17.684  1.00 85.60  ? 4    ALA Q O   1 
ATOM   1183 C CB  . ALA D 2 3  ? -3.468  -1.043  15.729  1.00 64.46  ? 4    ALA Q CB  1 
ATOM   1184 N N   . MET D 2 4  ? -6.601  -0.523  15.914  1.00 72.85  ? 5    MET Q N   1 
ATOM   1185 C CA  . MET D 2 4  ? -7.938  -0.508  16.494  1.00 66.47  ? 5    MET Q CA  1 
ATOM   1186 C C   . MET D 2 4  ? -8.860  -1.490  15.780  1.00 74.99  ? 5    MET Q C   1 
ATOM   1187 O O   . MET D 2 4  ? -9.418  -1.180  14.727  1.00 79.15  ? 5    MET Q O   1 
ATOM   1188 C CB  . MET D 2 4  ? -8.530  0.902   16.441  1.00 80.96  ? 5    MET Q CB  1 
ATOM   1189 C CG  . MET D 2 4  ? -9.935  1.007   17.009  1.00 81.11  ? 5    MET Q CG  1 
ATOM   1190 S SD  . MET D 2 4  ? -10.894 2.334   16.254  1.00 100.72 ? 5    MET Q SD  1 
ATOM   1191 C CE  . MET D 2 4  ? -10.038 3.774   16.887  1.00 62.59  ? 5    MET Q CE  1 
ATOM   1192 N N   . PRO D 2 5  ? -9.016  -2.676  16.360  1.00 64.92  ? 6    PRO Q N   1 
ATOM   1193 C CA  . PRO D 2 5  ? -10.206 -3.495  16.126  1.00 67.74  ? 6    PRO Q CA  1 
ATOM   1194 C C   . PRO D 2 5  ? -10.603 -4.298  17.344  1.00 65.73  ? 6    PRO Q C   1 
ATOM   1195 O O   . PRO D 2 5  ? -9.947  -4.228  18.355  1.00 61.16  ? 6    PRO Q O   1 
ATOM   1196 C CB  . PRO D 2 5  ? -9.734  -4.449  15.046  1.00 54.72  ? 6    PRO Q CB  1 
ATOM   1197 C CG  . PRO D 2 5  ? -8.196  -4.410  15.120  1.00 40.39  ? 6    PRO Q CG  1 
ATOM   1198 C CD  . PRO D 2 5  ? -7.793  -3.450  16.118  1.00 56.28  ? 6    PRO Q CD  1 
ATOM   1199 N N   . PRO D 2 6  ? -11.657 -5.081  17.223  1.00 60.75  ? 7    PRO Q N   1 
ATOM   1200 C CA  . PRO D 2 6  ? -11.770 -6.322  17.952  1.00 53.73  ? 7    PRO Q CA  1 
ATOM   1201 C C   . PRO D 2 6  ? -11.958 -7.449  17.001  1.00 54.31  ? 7    PRO Q C   1 
ATOM   1202 O O   . PRO D 2 6  ? -11.199 -7.834  16.164  1.00 54.13  ? 7    PRO Q O   1 
ATOM   1203 C CB  . PRO D 2 6  ? -13.093 -6.141  18.641  1.00 60.99  ? 7    PRO Q CB  1 
ATOM   1204 C CG  . PRO D 2 6  ? -13.932 -5.448  17.594  1.00 55.16  ? 7    PRO Q CG  1 
ATOM   1205 C CD  . PRO D 2 6  ? -12.966 -4.673  16.709  1.00 48.50  ? 7    PRO Q CD  1 
ATOM   1206 N N   . THR D 2 7  ? -13.117 -7.992  17.189  1.00 60.50  ? 8    THR Q N   1 
ATOM   1207 C CA  . THR D 2 7  ? -13.315 -8.832  18.304  1.00 62.99  ? 8    THR Q CA  1 
ATOM   1208 C C   . THR D 2 7  ? -13.160 -10.051 17.462  1.00 66.62  ? 8    THR Q C   1 
ATOM   1209 O O   . THR D 2 7  ? -13.762 -10.150 16.413  1.00 68.62  ? 8    THR Q O   1 
ATOM   1210 C CB  . THR D 2 7  ? -14.693 -8.605  18.823  1.00 71.36  ? 8    THR Q CB  1 
ATOM   1211 O OG1 . THR D 2 7  ? -14.681 -7.453  19.654  1.00 89.22  ? 8    THR Q OG1 1 
ATOM   1212 C CG2 . THR D 2 7  ? -15.242 -9.776  19.570  1.00 62.11  ? 8    THR Q CG2 1 
ATOM   1213 N N   . LEU D 2 8  ? -12.220 -10.886 17.806  1.00 54.86  ? 9    LEU Q N   1 
ATOM   1214 C CA  . LEU D 2 8  ? -12.283 -12.203 17.303  1.00 66.46  ? 9    LEU Q CA  1 
ATOM   1215 C C   . LEU D 2 8  ? -13.231 -12.901 18.254  1.00 78.27  ? 9    LEU Q C   1 
ATOM   1216 O O   . LEU D 2 8  ? -12.780 -13.478 19.229  1.00 81.66  ? 9    LEU Q O   1 
ATOM   1217 C CB  . LEU D 2 8  ? -10.907 -12.802 17.310  1.00 54.06  ? 9    LEU Q CB  1 
ATOM   1218 C CG  . LEU D 2 8  ? -10.058 -12.035 16.323  1.00 48.73  ? 9    LEU Q CG  1 
ATOM   1219 C CD1 . LEU D 2 8  ? -8.802  -12.733 15.834  1.00 29.16  ? 9    LEU Q CD1 1 
ATOM   1220 C CD2 . LEU D 2 8  ? -10.944 -11.564 15.248  1.00 42.77  ? 9    LEU Q CD2 1 
ATOM   1221 N N   . PRO D 2 9  ? -14.541 -12.790 18.017  1.00 71.22  ? 10   PRO Q N   1 
ATOM   1222 C CA  . PRO D 2 9  ? -15.510 -13.298 18.967  1.00 64.30  ? 10   PRO Q CA  1 
ATOM   1223 C C   . PRO D 2 9  ? -14.928 -14.354 19.874  1.00 68.10  ? 10   PRO Q C   1 
ATOM   1224 O O   . PRO D 2 9  ? -15.139 -14.238 21.072  1.00 74.56  ? 10   PRO Q O   1 
ATOM   1225 C CB  . PRO D 2 9  ? -16.577 -13.915 18.053  1.00 51.15  ? 10   PRO Q CB  1 
ATOM   1226 C CG  . PRO D 2 9  ? -16.572 -13.127 16.843  1.00 43.68  ? 10   PRO Q CG  1 
ATOM   1227 C CD  . PRO D 2 9  ? -15.222 -12.408 16.771  1.00 60.58  ? 10   PRO Q CD  1 
ATOM   1228 N N   . MET E 2 4  ? -9.311  -24.478 7.632   1.00 55.69  ? 3    MET R N   1 
ATOM   1229 C CA  . MET E 2 4  ? -9.160  -24.502 9.085   1.00 67.30  ? 3    MET R CA  1 
ATOM   1230 C C   . MET E 2 4  ? -7.787  -24.999 9.531   1.00 65.13  ? 3    MET R C   1 
ATOM   1231 O O   . MET E 2 4  ? -7.661  -26.140 9.983   1.00 74.37  ? 3    MET R O   1 
ATOM   1232 C CB  . MET E 2 4  ? -10.233 -25.389 9.728   1.00 55.44  ? 3    MET R CB  1 
ATOM   1233 C CG  . MET E 2 4  ? -11.563 -24.713 9.981   1.00 49.90  ? 3    MET R CG  1 
ATOM   1234 S SD  . MET E 2 4  ? -12.192 -25.182 11.603  1.00 67.63  ? 3    MET R SD  1 
ATOM   1235 C CE  . MET E 2 4  ? -11.857 -26.943 11.602  1.00 69.90  ? 3    MET R CE  1 
ATOM   1236 N N   . PRO E 2 5  ? -6.750  -24.150 9.416   1.00 66.40  ? 4    PRO R N   1 
ATOM   1237 C CA  . PRO E 2 5  ? -6.745  -22.805 8.833   1.00 54.23  ? 4    PRO R CA  1 
ATOM   1238 C C   . PRO E 2 5  ? -6.496  -22.894 7.328   1.00 60.54  ? 4    PRO R C   1 
ATOM   1239 O O   . PRO E 2 5  ? -6.605  -23.987 6.769   1.00 63.53  ? 4    PRO R O   1 
ATOM   1240 C CB  . PRO E 2 5  ? -5.548  -22.127 9.528   1.00 43.90  ? 4    PRO R CB  1 
ATOM   1241 C CG  . PRO E 2 5  ? -5.000  -23.128 10.516  1.00 51.34  ? 4    PRO R CG  1 
ATOM   1242 C CD  . PRO E 2 5  ? -5.450  -24.466 10.025  1.00 55.20  ? 4    PRO R CD  1 
ATOM   1243 N N   . PRO E 2 6  ? -6.172  -21.763 6.678   1.00 48.92  ? 5    PRO R N   1 
ATOM   1244 C CA  . PRO E 2 6  ? -5.885  -21.777 5.237   1.00 52.68  ? 5    PRO R CA  1 
ATOM   1245 C C   . PRO E 2 6  ? -4.689  -22.654 4.857   1.00 58.07  ? 5    PRO R C   1 
ATOM   1246 O O   . PRO E 2 6  ? -3.951  -23.119 5.730   1.00 51.36  ? 5    PRO R O   1 
ATOM   1247 C CB  . PRO E 2 6  ? -5.565  -20.309 4.930   1.00 55.54  ? 5    PRO R CB  1 
ATOM   1248 C CG  . PRO E 2 6  ? -6.277  -19.535 5.975   1.00 46.13  ? 5    PRO R CG  1 
ATOM   1249 C CD  . PRO E 2 6  ? -6.239  -20.390 7.212   1.00 43.47  ? 5    PRO R CD  1 
ATOM   1250 N N   . THR E 2 7  ? -4.506  -22.867 3.557   1.00 69.24  ? 6    THR R N   1 
ATOM   1251 C CA  . THR E 2 7  ? -3.360  -23.608 3.043   1.00 55.31  ? 6    THR R CA  1 
ATOM   1252 C C   . THR E 2 7  ? -2.114  -22.737 3.106   1.00 56.48  ? 6    THR R C   1 
ATOM   1253 O O   . THR E 2 7  ? -2.180  -21.530 2.863   1.00 41.48  ? 6    THR R O   1 
ATOM   1254 C CB  . THR E 2 7  ? -3.587  -24.069 1.586   1.00 60.29  ? 6    THR R CB  1 
ATOM   1255 O OG1 . THR E 2 7  ? -4.748  -24.908 1.521   1.00 91.48  ? 6    THR R OG1 1 
ATOM   1256 C CG2 . THR E 2 7  ? -2.386  -24.846 1.070   1.00 62.01  ? 6    THR R CG2 1 
ATOM   1257 N N   . LEU E 2 8  ? -0.982  -23.353 3.437   1.00 43.78  ? 7    LEU R N   1 
ATOM   1258 C CA  . LEU E 2 8  ? 0.275   -22.627 3.557   1.00 53.52  ? 7    LEU R CA  1 
ATOM   1259 C C   . LEU E 2 8  ? 0.830   -22.239 2.188   1.00 46.73  ? 7    LEU R C   1 
ATOM   1260 O O   . LEU E 2 8  ? 0.420   -22.789 1.164   1.00 57.50  ? 7    LEU R O   1 
ATOM   1261 C CB  . LEU E 2 8  ? 1.298   -23.458 4.336   1.00 41.32  ? 7    LEU R CB  1 
ATOM   1262 C CG  . LEU E 2 8  ? 0.914   -23.763 5.787   1.00 48.65  ? 7    LEU R CG  1 
ATOM   1263 C CD1 . LEU E 2 8  ? 1.892   -24.740 6.428   1.00 40.28  ? 7    LEU R CD1 1 
ATOM   1264 C CD2 . LEU E 2 8  ? 0.822   -22.481 6.605   1.00 37.72  ? 7    LEU R CD2 1 
HETATM 1265 O O   . HOH F 3 .  ? 11.929  2.723   6.429   1.00 44.98  ? 2001 HOH A O   1 
HETATM 1266 O O   . HOH F 3 .  ? 12.815  -0.133  8.787   1.00 45.49  ? 2002 HOH A O   1 
HETATM 1267 O O   . HOH F 3 .  ? 11.938  -0.342  11.656  1.00 34.01  ? 2003 HOH A O   1 
HETATM 1268 O O   . HOH F 3 .  ? 2.814   4.889   9.326   1.00 46.24  ? 2004 HOH A O   1 
HETATM 1269 O O   . HOH F 3 .  ? 4.302   7.399   7.815   1.00 45.23  ? 2005 HOH A O   1 
HETATM 1270 O O   . HOH F 3 .  ? 4.591   -2.719  4.671   1.00 41.21  ? 2006 HOH A O   1 
HETATM 1271 O O   . HOH F 3 .  ? -2.126  0.061   6.912   1.00 39.12  ? 2007 HOH A O   1 
HETATM 1272 O O   . HOH F 3 .  ? -0.991  -0.622  9.701   1.00 39.05  ? 2008 HOH A O   1 
HETATM 1273 O O   . HOH F 3 .  ? 14.628  -2.425  4.205   1.00 44.03  ? 2009 HOH A O   1 
HETATM 1274 O O   . HOH F 3 .  ? -6.824  -20.868 14.798  1.00 39.09  ? 2010 HOH A O   1 
HETATM 1275 O O   . HOH F 3 .  ? -4.412  -22.613 13.389  1.00 43.64  ? 2011 HOH A O   1 
HETATM 1276 O O   . HOH F 3 .  ? -2.299  -24.513 13.815  1.00 45.52  ? 2012 HOH A O   1 
HETATM 1277 O O   . HOH F 3 .  ? -4.816  -26.427 19.416  1.00 33.86  ? 2013 HOH A O   1 
HETATM 1278 O O   . HOH F 3 .  ? -0.202  -24.167 12.036  1.00 24.74  ? 2014 HOH A O   1 
HETATM 1279 O O   . HOH F 3 .  ? 2.297   -24.839 9.954   1.00 23.69  ? 2015 HOH A O   1 
HETATM 1280 O O   . HOH F 3 .  ? 7.609   -27.197 14.458  1.00 28.68  ? 2016 HOH A O   1 
HETATM 1281 O O   . HOH F 3 .  ? 1.620   -28.505 6.285   1.00 48.76  ? 2017 HOH A O   1 
HETATM 1282 O O   . HOH F 3 .  ? 4.955   -24.001 8.432   1.00 25.08  ? 2018 HOH A O   1 
HETATM 1283 O O   . HOH F 3 .  ? 11.320  -27.907 8.837   1.00 23.49  ? 2019 HOH A O   1 
HETATM 1284 O O   . HOH F 3 .  ? 5.491   -17.407 -5.096  1.00 53.86  ? 2020 HOH A O   1 
HETATM 1285 O O   . HOH F 3 .  ? 13.655  -4.949  3.638   1.00 30.93  ? 2021 HOH A O   1 
HETATM 1286 O O   . HOH F 3 .  ? 16.910  -6.670  12.250  1.00 32.77  ? 2022 HOH A O   1 
HETATM 1287 O O   . HOH F 3 .  ? 6.246   -27.508 2.237   1.00 42.81  ? 2023 HOH A O   1 
HETATM 1288 O O   . HOH F 3 .  ? 9.646   -21.993 3.307   1.00 46.81  ? 2024 HOH A O   1 
HETATM 1289 O O   . HOH F 3 .  ? 10.284  -19.359 4.327   1.00 35.11  ? 2025 HOH A O   1 
HETATM 1290 O O   . HOH F 3 .  ? 3.375   -14.207 18.043  1.00 13.17  ? 2026 HOH A O   1 
HETATM 1291 O O   . HOH F 3 .  ? -3.669  -13.657 21.100  1.00 27.71  ? 2027 HOH A O   1 
HETATM 1292 O O   . HOH F 3 .  ? -13.238 -15.881 15.338  1.00 41.16  ? 2028 HOH A O   1 
HETATM 1293 O O   . HOH F 3 .  ? -11.702 -17.665 18.226  1.00 36.35  ? 2029 HOH A O   1 
HETATM 1294 O O   . HOH F 3 .  ? 3.364   -7.205  18.157  1.00 22.58  ? 2030 HOH A O   1 
HETATM 1295 O O   . HOH F 3 .  ? -0.265  -9.287  20.572  1.00 21.16  ? 2031 HOH A O   1 
HETATM 1296 O O   . HOH F 3 .  ? 3.166   -11.410 17.968  1.00 20.54  ? 2032 HOH A O   1 
HETATM 1297 O O   . HOH F 3 .  ? 5.788   -2.141  7.145   1.00 26.85  ? 2033 HOH A O   1 
HETATM 1298 O O   . HOH F 3 .  ? 5.056   -10.166 -1.874  1.00 39.52  ? 2034 HOH A O   1 
HETATM 1299 O O   . HOH F 3 .  ? 8.103   -4.999  1.234   1.00 37.44  ? 2035 HOH A O   1 
HETATM 1300 O O   . HOH F 3 .  ? 16.290  -10.217 -7.390  1.00 40.02  ? 2036 HOH A O   1 
HETATM 1301 O O   . HOH F 3 .  ? 8.394   -16.285 -4.860  1.00 44.71  ? 2037 HOH A O   1 
HETATM 1302 O O   . HOH F 3 .  ? 8.447   -17.492 -0.544  1.00 53.55  ? 2038 HOH A O   1 
HETATM 1303 O O   . HOH F 3 .  ? 6.198   -17.096 -2.269  1.00 35.79  ? 2039 HOH A O   1 
HETATM 1304 O O   . HOH F 3 .  ? 6.036   -20.945 -0.713  1.00 40.81  ? 2040 HOH A O   1 
HETATM 1305 O O   . HOH F 3 .  ? 5.816   -24.533 3.432   1.00 37.13  ? 2041 HOH A O   1 
HETATM 1306 O O   . HOH F 3 .  ? 14.365  -8.568  3.929   1.00 22.82  ? 2042 HOH A O   1 
HETATM 1307 O O   . HOH F 3 .  ? 15.766  -7.549  9.822   1.00 37.83  ? 2043 HOH A O   1 
HETATM 1308 O O   . HOH F 3 .  ? 13.685  -5.774  6.996   1.00 29.16  ? 2044 HOH A O   1 
HETATM 1309 O O   . HOH F 3 .  ? 7.139   -6.294  17.238  1.00 25.01  ? 2045 HOH A O   1 
HETATM 1310 O O   . HOH F 3 .  ? 5.198   -8.058  25.281  1.00 47.50  ? 2046 HOH A O   1 
HETATM 1311 O O   . HOH F 3 .  ? -0.295  -11.851 24.344  1.00 35.05  ? 2047 HOH A O   1 
HETATM 1312 O O   . HOH F 3 .  ? 13.144  -10.076 23.435  1.00 47.41  ? 2048 HOH A O   1 
HETATM 1313 O O   . HOH F 3 .  ? 9.499   -15.649 24.143  1.00 35.84  ? 2049 HOH A O   1 
HETATM 1314 O O   . HOH F 3 .  ? 15.842  -9.177  16.917  1.00 53.53  ? 2050 HOH A O   1 
HETATM 1315 O O   . HOH F 3 .  ? 13.446  -7.457  18.142  1.00 47.19  ? 2051 HOH A O   1 
HETATM 1316 O O   . HOH F 3 .  ? 14.395  -14.260 15.398  1.00 26.46  ? 2052 HOH A O   1 
HETATM 1317 O O   . HOH F 3 .  ? 12.270  -10.641 3.664   1.00 33.17  ? 2053 HOH A O   1 
HETATM 1318 O O   . HOH F 3 .  ? -5.994  -13.215 5.348   1.00 25.08  ? 2054 HOH A O   1 
HETATM 1319 O O   . HOH F 3 .  ? -5.212  1.858   11.692  1.00 40.20  ? 2055 HOH A O   1 
HETATM 1320 O O   . HOH G 3 .  ? -12.939 20.950  -7.627  1.00 49.39  ? 2001 HOH B O   1 
HETATM 1321 O O   . HOH G 3 .  ? -13.314 23.853  -3.777  1.00 46.87  ? 2002 HOH B O   1 
HETATM 1322 O O   . HOH G 3 .  ? -8.513  21.253  -4.368  1.00 37.67  ? 2003 HOH B O   1 
HETATM 1323 O O   . HOH G 3 .  ? -5.312  18.484  -3.277  1.00 32.25  ? 2004 HOH B O   1 
HETATM 1324 O O   . HOH G 3 .  ? 7.002   19.101  -18.001 1.00 33.52  ? 2005 HOH B O   1 
HETATM 1325 O O   . HOH G 3 .  ? 10.178  8.165   -8.149  1.00 28.74  ? 2006 HOH B O   1 
HETATM 1326 O O   . HOH G 3 .  ? 11.349  3.815   -9.041  1.00 35.41  ? 2007 HOH B O   1 
HETATM 1327 O O   . HOH G 3 .  ? 7.825   4.462   -17.281 1.00 29.46  ? 2008 HOH B O   1 
HETATM 1328 O O   . HOH G 3 .  ? -0.201  -1.100  -13.571 1.00 23.59  ? 2009 HOH B O   1 
HETATM 1329 O O   . HOH G 3 .  ? -5.321  -3.215  -18.055 1.00 26.26  ? 2010 HOH B O   1 
HETATM 1330 O O   . HOH G 3 .  ? -3.140  -2.104  -9.156  1.00 36.88  ? 2011 HOH B O   1 
HETATM 1331 O O   . HOH G 3 .  ? -9.000  -5.488  -12.930 1.00 27.55  ? 2012 HOH B O   1 
HETATM 1332 O O   . HOH G 3 .  ? -3.038  -1.016  -11.790 1.00 34.42  ? 2013 HOH B O   1 
HETATM 1333 O O   . HOH G 3 .  ? -6.372  16.097  1.402   1.00 42.36  ? 2014 HOH B O   1 
HETATM 1334 O O   . HOH G 3 .  ? -14.285 -1.375  -10.790 1.00 50.89  ? 2015 HOH B O   1 
HETATM 1335 O O   . HOH G 3 .  ? -5.810  -2.527  -9.990  1.00 41.96  ? 2016 HOH B O   1 
HETATM 1336 O O   . HOH G 3 .  ? -9.120  1.412   -6.159  1.00 47.49  ? 2017 HOH B O   1 
HETATM 1337 O O   . HOH G 3 .  ? -2.605  10.791  -19.006 1.00 21.81  ? 2018 HOH B O   1 
HETATM 1338 O O   . HOH G 3 .  ? 10.349  12.125  -20.154 1.00 41.55  ? 2019 HOH B O   1 
HETATM 1339 O O   . HOH G 3 .  ? 4.050   12.772  -21.756 1.00 29.39  ? 2020 HOH B O   1 
HETATM 1340 O O   . HOH G 3 .  ? -2.658  13.492  -18.189 1.00 17.51  ? 2021 HOH B O   1 
HETATM 1341 O O   . HOH G 3 .  ? 0.566   16.573  -20.293 1.00 23.56  ? 2022 HOH B O   1 
HETATM 1342 O O   . HOH G 3 .  ? -3.855  17.742  -17.495 1.00 27.49  ? 2023 HOH B O   1 
HETATM 1343 O O   . HOH G 3 .  ? -6.374  19.779  -5.598  1.00 23.98  ? 2024 HOH B O   1 
HETATM 1344 O O   . HOH G 3 .  ? -12.598 18.161  -6.829  1.00 34.46  ? 2025 HOH B O   1 
HETATM 1345 O O   . HOH G 3 .  ? -10.495 19.324  -4.898  1.00 37.50  ? 2026 HOH B O   1 
HETATM 1346 O O   . HOH G 3 .  ? -4.404  10.222  1.352   1.00 40.66  ? 2027 HOH B O   1 
HETATM 1347 O O   . HOH G 3 .  ? -8.139  15.436  -0.716  1.00 36.83  ? 2028 HOH B O   1 
HETATM 1348 O O   . HOH G 3 .  ? -11.913 9.884   -4.063  1.00 23.38  ? 2029 HOH B O   1 
HETATM 1349 O O   . HOH G 3 .  ? -12.943 12.513  -1.033  1.00 37.71  ? 2030 HOH B O   1 
HETATM 1350 O O   . HOH G 3 .  ? -12.254 -1.009  3.827   1.00 39.46  ? 2031 HOH B O   1 
HETATM 1351 O O   . HOH G 3 .  ? -3.793  4.700   3.784   1.00 36.22  ? 2032 HOH B O   1 
HETATM 1352 O O   . HOH G 3 .  ? -1.431  8.843   1.135   1.00 36.31  ? 2033 HOH B O   1 
HETATM 1353 O O   . HOH G 3 .  ? -9.311  6.175   -3.040  1.00 38.37  ? 2034 HOH B O   1 
HETATM 1354 O O   . HOH G 3 .  ? -14.736 12.353  -3.505  1.00 30.68  ? 2035 HOH B O   1 
HETATM 1355 O O   . HOH G 3 .  ? -13.798 15.425  -6.753  1.00 35.66  ? 2036 HOH B O   1 
HETATM 1356 O O   . HOH G 3 .  ? -7.318  18.161  -16.620 1.00 19.05  ? 2037 HOH B O   1 
HETATM 1357 O O   . HOH G 3 .  ? -13.376 18.170  -12.433 1.00 38.31  ? 2038 HOH B O   1 
HETATM 1358 O O   . HOH G 3 .  ? -7.729  8.793   -22.890 1.00 40.88  ? 2039 HOH B O   1 
HETATM 1359 O O   . HOH G 3 .  ? -6.430  9.694   -20.129 1.00 38.85  ? 2040 HOH B O   1 
HETATM 1360 O O   . HOH G 3 .  ? 0.345   0.285   -9.411  1.00 38.66  ? 2041 HOH B O   1 
HETATM 1361 O O   . HOH G 3 .  ? 7.609   19.719  -8.220  1.00 38.69  ? 2042 HOH B O   1 
HETATM 1362 O O   . HOH G 3 .  ? 7.128   22.602  -9.256  1.00 34.90  ? 2043 HOH B O   1 
HETATM 1363 O O   . HOH G 3 .  ? 3.471   26.175  -8.918  1.00 41.96  ? 2044 HOH B O   1 
HETATM 1364 O O   . HOH G 3 .  ? -1.327  24.481  -3.390  1.00 44.60  ? 2045 HOH B O   1 
HETATM 1365 O O   . HOH H 3 .  ? -4.778  31.572  -10.979 1.00 30.71  ? 2001 HOH P O   1 
HETATM 1366 O O   . HOH H 3 .  ? 9.887   19.460  -18.753 1.00 24.48  ? 2002 HOH P O   1 
HETATM 1367 O O   . HOH I 3 .  ? -18.192 -7.525  20.043  1.00 45.55  ? 2001 HOH Q O   1 
HETATM 1368 O O   . HOH I 3 .  ? -18.700 -10.404 20.887  1.00 53.52  ? 2002 HOH Q O   1 
HETATM 1369 O O   . HOH I 3 .  ? -17.536 -4.770  19.364  1.00 54.48  ? 2003 HOH Q O   1 
# 
